data_7W2P
# 
_entry.id   7W2P 
# 
_audit_conform.dict_name       mmcif_pdbx.dic 
_audit_conform.dict_version    5.397 
_audit_conform.dict_location   http://mmcif.pdb.org/dictionaries/ascii/mmcif_pdbx.dic 
# 
loop_
_database_2.database_id 
_database_2.database_code 
_database_2.pdbx_database_accession 
_database_2.pdbx_DOI 
PDB   7W2P         pdb_00007w2p 10.2210/pdb7w2p/pdb 
WWPDB D_1300025752 ?            ?                   
# 
loop_
_pdbx_audit_revision_history.ordinal 
_pdbx_audit_revision_history.data_content_type 
_pdbx_audit_revision_history.major_revision 
_pdbx_audit_revision_history.minor_revision 
_pdbx_audit_revision_history.revision_date 
1 'Structure model' 1 0 2022-10-05 
2 'Structure model' 1 1 2023-11-29 
3 'Structure model' 1 2 2024-10-16 
# 
_pdbx_audit_revision_details.ordinal             1 
_pdbx_audit_revision_details.revision_ordinal    1 
_pdbx_audit_revision_details.data_content_type   'Structure model' 
_pdbx_audit_revision_details.provider            repository 
_pdbx_audit_revision_details.type                'Initial release' 
_pdbx_audit_revision_details.description         ? 
_pdbx_audit_revision_details.details             ? 
# 
loop_
_pdbx_audit_revision_group.ordinal 
_pdbx_audit_revision_group.revision_ordinal 
_pdbx_audit_revision_group.data_content_type 
_pdbx_audit_revision_group.group 
1 2 'Structure model' 'Data collection'        
2 2 'Structure model' 'Refinement description' 
3 3 'Structure model' 'Structure summary'      
# 
loop_
_pdbx_audit_revision_category.ordinal 
_pdbx_audit_revision_category.revision_ordinal 
_pdbx_audit_revision_category.data_content_type 
_pdbx_audit_revision_category.category 
1 2 'Structure model' chem_comp_atom                
2 2 'Structure model' chem_comp_bond                
3 2 'Structure model' pdbx_initial_refinement_model 
4 3 'Structure model' pdbx_entry_details            
5 3 'Structure model' pdbx_modification_feature     
# 
_pdbx_audit_revision_item.ordinal             1 
_pdbx_audit_revision_item.revision_ordinal    3 
_pdbx_audit_revision_item.data_content_type   'Structure model' 
_pdbx_audit_revision_item.item                '_pdbx_entry_details.has_protein_modification' 
# 
_pdbx_database_status.status_code                     REL 
_pdbx_database_status.status_code_sf                  REL 
_pdbx_database_status.status_code_mr                  ? 
_pdbx_database_status.entry_id                        7W2P 
_pdbx_database_status.recvd_initial_deposition_date   2021-11-24 
_pdbx_database_status.SG_entry                        N 
_pdbx_database_status.deposit_site                    PDBJ 
_pdbx_database_status.process_site                    PDBJ 
_pdbx_database_status.status_code_cs                  ? 
_pdbx_database_status.status_code_nmr_data            ? 
_pdbx_database_status.methods_development_category    ? 
_pdbx_database_status.pdb_format_compatible           Y 
# 
_pdbx_contact_author.id                 2 
_pdbx_contact_author.email              jr.min@utoronto.ca 
_pdbx_contact_author.name_first         Jinrong 
_pdbx_contact_author.name_last          Min 
_pdbx_contact_author.name_mi            ? 
_pdbx_contact_author.role               'principal investigator/group leader' 
_pdbx_contact_author.identifier_ORCID   0000-0001-5210-3130 
# 
loop_
_audit_author.name 
_audit_author.pdbx_ordinal 
_audit_author.identifier_ORCID 
'Li, W.'           1 ? 
'Arrowsmith, C.H.' 2 ? 
'Edwards, A.M.'    3 ? 
'Liu, Y.'          4 ? 
'Min, J.'          5 ? 
# 
_citation.abstract                  ? 
_citation.abstract_id_CAS           ? 
_citation.book_id_ISBN              ? 
_citation.book_publisher            ? 
_citation.book_publisher_city       ? 
_citation.book_title                ? 
_citation.coordinate_linkage        ? 
_citation.country                   UK 
_citation.database_id_Medline       ? 
_citation.details                   ? 
_citation.id                        primary 
_citation.journal_abbrev            'Nat Commun' 
_citation.journal_id_ASTM           ? 
_citation.journal_id_CSD            ? 
_citation.journal_id_ISSN           2041-1723 
_citation.journal_full              ? 
_citation.journal_issue             ? 
_citation.journal_volume            13 
_citation.language                  ? 
_citation.page_first                5453 
_citation.page_last                 5453 
_citation.title                     'A small molecule antagonist of SMN disrupts the interaction between SMN and RNAP II.' 
_citation.year                      2022 
_citation.database_id_CSD           ? 
_citation.pdbx_database_id_DOI      10.1038/s41467-022-33229-5 
_citation.pdbx_database_id_PubMed   36114190 
_citation.pdbx_database_id_patent   ? 
_citation.unpublished_flag          ? 
# 
loop_
_citation_author.citation_id 
_citation_author.name 
_citation_author.ordinal 
_citation_author.identifier_ORCID 
primary 'Liu, Y.'          1  0000-0003-0197-7617 
primary 'Iqbal, A.'        2  ?                   
primary 'Li, W.'           3  ?                   
primary 'Ni, Z.'           4  ?                   
primary 'Wang, Y.'         5  ?                   
primary 'Ramprasad, J.'    6  ?                   
primary 'Abraham, K.J.'    7  0000-0002-6221-4915 
primary 'Zhang, M.'        8  ?                   
primary 'Zhao, D.Y.'       9  ?                   
primary 'Qin, S.'          10 ?                   
primary 'Loppnau, P.'      11 ?                   
primary 'Jiang, H.'        12 ?                   
primary 'Guo, X.'          13 ?                   
primary 'Brown, P.J.'      14 0000-0002-8454-0367 
primary 'Zhen, X.'         15 ?                   
primary 'Xu, G.'           16 0000-0002-4753-4769 
primary 'Mekhail, K.'      17 0000-0002-6084-020X 
primary 'Ji, X.'           18 ?                   
primary 'Bedford, M.T.'    19 0000-0002-8899-1050 
primary 'Greenblatt, J.F.' 20 ?                   
primary 'Min, J.'          21 0000-0001-5210-3130 
# 
loop_
_entity.id 
_entity.type 
_entity.src_method 
_entity.pdbx_description 
_entity.formula_weight 
_entity.pdbx_number_of_molecules 
_entity.pdbx_ec 
_entity.pdbx_mutation 
_entity.pdbx_fragment 
_entity.details 
1 polymer     man 'Survival motor neuron protein'                                                        7352.253 1  ? ? ? ? 
2 non-polymer syn '2-[(4-fluorophenyl)methyl]-2-azatricyclo[7.3.0.0^{3,7}]dodeca-1(9),3(7)-dien-8-imine' 282.355  1  ? ? ? ? 
3 non-polymer nat 'MAGNESIUM ION'                                                                        24.305   2  ? ? ? ? 
4 non-polymer syn 'UNKNOWN ATOM OR ION'                                                                  ?        13 ? ? ? ? 
5 water       nat water                                                                                  18.015   38 ? ? ? ? 
# 
_entity_name_com.entity_id   1 
_entity_name_com.name        'Component of gems 1,Gemin-1' 
# 
_entity_poly.entity_id                      1 
_entity_poly.type                           'polypeptide(L)' 
_entity_poly.nstd_linkage                   no 
_entity_poly.nstd_monomer                   no 
_entity_poly.pdbx_seq_one_letter_code       KKNTAASLQQWKVGDKCSAIWSEDGCIYPATIASIDFKRETCVVVYTGYGNREEQNLSDLLSPICE 
_entity_poly.pdbx_seq_one_letter_code_can   KKNTAASLQQWKVGDKCSAIWSEDGCIYPATIASIDFKRETCVVVYTGYGNREEQNLSDLLSPICE 
_entity_poly.pdbx_strand_id                 A 
_entity_poly.pdbx_target_identifier         ? 
# 
loop_
_pdbx_entity_nonpoly.entity_id 
_pdbx_entity_nonpoly.name 
_pdbx_entity_nonpoly.comp_id 
2 '2-[(4-fluorophenyl)methyl]-2-azatricyclo[7.3.0.0^{3,7}]dodeca-1(9),3(7)-dien-8-imine' 8AI 
3 'MAGNESIUM ION'                                                                        MG  
4 'UNKNOWN ATOM OR ION'                                                                  UNX 
5 water                                                                                  HOH 
# 
loop_
_entity_poly_seq.entity_id 
_entity_poly_seq.num 
_entity_poly_seq.mon_id 
_entity_poly_seq.hetero 
1 1  LYS n 
1 2  LYS n 
1 3  ASN n 
1 4  THR n 
1 5  ALA n 
1 6  ALA n 
1 7  SER n 
1 8  LEU n 
1 9  GLN n 
1 10 GLN n 
1 11 TRP n 
1 12 LYS n 
1 13 VAL n 
1 14 GLY n 
1 15 ASP n 
1 16 LYS n 
1 17 CYS n 
1 18 SER n 
1 19 ALA n 
1 20 ILE n 
1 21 TRP n 
1 22 SER n 
1 23 GLU n 
1 24 ASP n 
1 25 GLY n 
1 26 CYS n 
1 27 ILE n 
1 28 TYR n 
1 29 PRO n 
1 30 ALA n 
1 31 THR n 
1 32 ILE n 
1 33 ALA n 
1 34 SER n 
1 35 ILE n 
1 36 ASP n 
1 37 PHE n 
1 38 LYS n 
1 39 ARG n 
1 40 GLU n 
1 41 THR n 
1 42 CYS n 
1 43 VAL n 
1 44 VAL n 
1 45 VAL n 
1 46 TYR n 
1 47 THR n 
1 48 GLY n 
1 49 TYR n 
1 50 GLY n 
1 51 ASN n 
1 52 ARG n 
1 53 GLU n 
1 54 GLU n 
1 55 GLN n 
1 56 ASN n 
1 57 LEU n 
1 58 SER n 
1 59 ASP n 
1 60 LEU n 
1 61 LEU n 
1 62 SER n 
1 63 PRO n 
1 64 ILE n 
1 65 CYS n 
1 66 GLU n 
# 
_entity_src_gen.entity_id                          1 
_entity_src_gen.pdbx_src_id                        1 
_entity_src_gen.pdbx_alt_source_flag               sample 
_entity_src_gen.pdbx_seq_type                      'Biological sequence' 
_entity_src_gen.pdbx_beg_seq_num                   1 
_entity_src_gen.pdbx_end_seq_num                   66 
_entity_src_gen.gene_src_common_name               Human 
_entity_src_gen.gene_src_genus                     ? 
_entity_src_gen.pdbx_gene_src_gene                 'SMN1, SMN, SMNT, SMN2, SMNC' 
_entity_src_gen.gene_src_species                   ? 
_entity_src_gen.gene_src_strain                    ? 
_entity_src_gen.gene_src_tissue                    ? 
_entity_src_gen.gene_src_tissue_fraction           ? 
_entity_src_gen.gene_src_details                   ? 
_entity_src_gen.pdbx_gene_src_fragment             ? 
_entity_src_gen.pdbx_gene_src_scientific_name      'Homo sapiens' 
_entity_src_gen.pdbx_gene_src_ncbi_taxonomy_id     9606 
_entity_src_gen.pdbx_gene_src_variant              ? 
_entity_src_gen.pdbx_gene_src_cell_line            ? 
_entity_src_gen.pdbx_gene_src_atcc                 ? 
_entity_src_gen.pdbx_gene_src_organ                ? 
_entity_src_gen.pdbx_gene_src_organelle            ? 
_entity_src_gen.pdbx_gene_src_cell                 ? 
_entity_src_gen.pdbx_gene_src_cellular_location    ? 
_entity_src_gen.host_org_common_name               ? 
_entity_src_gen.pdbx_host_org_scientific_name      'Escherichia coli' 
_entity_src_gen.pdbx_host_org_ncbi_taxonomy_id     562 
_entity_src_gen.host_org_genus                     ? 
_entity_src_gen.pdbx_host_org_gene                 ? 
_entity_src_gen.pdbx_host_org_organ                ? 
_entity_src_gen.host_org_species                   ? 
_entity_src_gen.pdbx_host_org_tissue               ? 
_entity_src_gen.pdbx_host_org_tissue_fraction      ? 
_entity_src_gen.pdbx_host_org_strain               ? 
_entity_src_gen.pdbx_host_org_variant              ? 
_entity_src_gen.pdbx_host_org_cell_line            ? 
_entity_src_gen.pdbx_host_org_atcc                 ? 
_entity_src_gen.pdbx_host_org_culture_collection   ? 
_entity_src_gen.pdbx_host_org_cell                 ? 
_entity_src_gen.pdbx_host_org_organelle            ? 
_entity_src_gen.pdbx_host_org_cellular_location    ? 
_entity_src_gen.pdbx_host_org_vector_type          ? 
_entity_src_gen.pdbx_host_org_vector               ? 
_entity_src_gen.host_org_details                   ? 
_entity_src_gen.expression_system_id               ? 
_entity_src_gen.plasmid_name                       ? 
_entity_src_gen.plasmid_details                    ? 
_entity_src_gen.pdbx_description                   ? 
# 
loop_
_chem_comp.id 
_chem_comp.type 
_chem_comp.mon_nstd_flag 
_chem_comp.name 
_chem_comp.pdbx_synonyms 
_chem_comp.formula 
_chem_comp.formula_weight 
8AI non-polymer         . '2-[(4-fluorophenyl)methyl]-2-azatricyclo[7.3.0.0^{3,7}]dodeca-1(9),3(7)-dien-8-imine' ? 'C18 H19 F N2' 
282.355 
ALA 'L-peptide linking' y ALANINE                                                                                ? 'C3 H7 N O2' 
89.093  
ARG 'L-peptide linking' y ARGININE                                                                               ? 
'C6 H15 N4 O2 1' 175.209 
ASN 'L-peptide linking' y ASPARAGINE                                                                             ? 'C4 H8 N2 O3' 
132.118 
ASP 'L-peptide linking' y 'ASPARTIC ACID'                                                                        ? 'C4 H7 N O4' 
133.103 
CYS 'L-peptide linking' y CYSTEINE                                                                               ? 'C3 H7 N O2 S' 
121.158 
GLN 'L-peptide linking' y GLUTAMINE                                                                              ? 'C5 H10 N2 O3' 
146.144 
GLU 'L-peptide linking' y 'GLUTAMIC ACID'                                                                        ? 'C5 H9 N O4' 
147.129 
GLY 'peptide linking'   y GLYCINE                                                                                ? 'C2 H5 N O2' 
75.067  
HOH non-polymer         . WATER                                                                                  ? 'H2 O' 18.015  
ILE 'L-peptide linking' y ISOLEUCINE                                                                             ? 'C6 H13 N O2' 
131.173 
LEU 'L-peptide linking' y LEUCINE                                                                                ? 'C6 H13 N O2' 
131.173 
LYS 'L-peptide linking' y LYSINE                                                                                 ? 
'C6 H15 N2 O2 1' 147.195 
MG  non-polymer         . 'MAGNESIUM ION'                                                                        ? 'Mg 2' 24.305  
PHE 'L-peptide linking' y PHENYLALANINE                                                                          ? 'C9 H11 N O2' 
165.189 
PRO 'L-peptide linking' y PROLINE                                                                                ? 'C5 H9 N O2' 
115.130 
SER 'L-peptide linking' y SERINE                                                                                 ? 'C3 H7 N O3' 
105.093 
THR 'L-peptide linking' y THREONINE                                                                              ? 'C4 H9 N O3' 
119.119 
TRP 'L-peptide linking' y TRYPTOPHAN                                                                             ? 'C11 H12 N2 O2' 
204.225 
TYR 'L-peptide linking' y TYROSINE                                                                               ? 'C9 H11 N O3' 
181.189 
UNX non-polymer         . 'UNKNOWN ATOM OR ION'                                                                  ? ? ?       
VAL 'L-peptide linking' y VALINE                                                                                 ? 'C5 H11 N O2' 
117.146 
# 
loop_
_pdbx_poly_seq_scheme.asym_id 
_pdbx_poly_seq_scheme.entity_id 
_pdbx_poly_seq_scheme.seq_id 
_pdbx_poly_seq_scheme.mon_id 
_pdbx_poly_seq_scheme.ndb_seq_num 
_pdbx_poly_seq_scheme.pdb_seq_num 
_pdbx_poly_seq_scheme.auth_seq_num 
_pdbx_poly_seq_scheme.pdb_mon_id 
_pdbx_poly_seq_scheme.auth_mon_id 
_pdbx_poly_seq_scheme.pdb_strand_id 
_pdbx_poly_seq_scheme.pdb_ins_code 
_pdbx_poly_seq_scheme.hetero 
A 1 1  LYS 1  82  ?   ?   ?   A . n 
A 1 2  LYS 2  83  ?   ?   ?   A . n 
A 1 3  ASN 3  84  84  ASN ASN A . n 
A 1 4  THR 4  85  85  THR THR A . n 
A 1 5  ALA 5  86  86  ALA ALA A . n 
A 1 6  ALA 6  87  87  ALA ALA A . n 
A 1 7  SER 7  88  88  SER SER A . n 
A 1 8  LEU 8  89  89  LEU LEU A . n 
A 1 9  GLN 9  90  90  GLN GLN A . n 
A 1 10 GLN 10 91  91  GLN GLN A . n 
A 1 11 TRP 11 92  92  TRP TRP A . n 
A 1 12 LYS 12 93  93  LYS LYS A . n 
A 1 13 VAL 13 94  94  VAL VAL A . n 
A 1 14 GLY 14 95  95  GLY GLY A . n 
A 1 15 ASP 15 96  96  ASP ASP A . n 
A 1 16 LYS 16 97  97  LYS LYS A . n 
A 1 17 CYS 17 98  98  CYS CYS A . n 
A 1 18 SER 18 99  99  SER SER A . n 
A 1 19 ALA 19 100 100 ALA ALA A . n 
A 1 20 ILE 20 101 101 ILE ILE A . n 
A 1 21 TRP 21 102 102 TRP TRP A . n 
A 1 22 SER 22 103 103 SER SER A . n 
A 1 23 GLU 23 104 104 GLU GLU A . n 
A 1 24 ASP 24 105 105 ASP ASP A . n 
A 1 25 GLY 25 106 106 GLY GLY A . n 
A 1 26 CYS 26 107 107 CYS CYS A . n 
A 1 27 ILE 27 108 108 ILE ILE A . n 
A 1 28 TYR 28 109 109 TYR TYR A . n 
A 1 29 PRO 29 110 110 PRO PRO A . n 
A 1 30 ALA 30 111 111 ALA ALA A . n 
A 1 31 THR 31 112 112 THR THR A . n 
A 1 32 ILE 32 113 113 ILE ILE A . n 
A 1 33 ALA 33 114 114 ALA ALA A . n 
A 1 34 SER 34 115 115 SER SER A . n 
A 1 35 ILE 35 116 116 ILE ILE A . n 
A 1 36 ASP 36 117 117 ASP ASP A . n 
A 1 37 PHE 37 118 118 PHE PHE A . n 
A 1 38 LYS 38 119 119 LYS LYS A . n 
A 1 39 ARG 39 120 120 ARG ARG A . n 
A 1 40 GLU 40 121 121 GLU GLU A . n 
A 1 41 THR 41 122 122 THR THR A . n 
A 1 42 CYS 42 123 123 CYS CYS A . n 
A 1 43 VAL 43 124 124 VAL VAL A . n 
A 1 44 VAL 44 125 125 VAL VAL A . n 
A 1 45 VAL 45 126 126 VAL VAL A . n 
A 1 46 TYR 46 127 127 TYR TYR A . n 
A 1 47 THR 47 128 128 THR THR A . n 
A 1 48 GLY 48 129 129 GLY GLY A . n 
A 1 49 TYR 49 130 130 TYR TYR A . n 
A 1 50 GLY 50 131 131 GLY GLY A . n 
A 1 51 ASN 51 132 132 ASN ASN A . n 
A 1 52 ARG 52 133 133 ARG ARG A . n 
A 1 53 GLU 53 134 134 GLU GLU A . n 
A 1 54 GLU 54 135 135 GLU GLU A . n 
A 1 55 GLN 55 136 136 GLN GLN A . n 
A 1 56 ASN 56 137 137 ASN ASN A . n 
A 1 57 LEU 57 138 138 LEU LEU A . n 
A 1 58 SER 58 139 139 SER SER A . n 
A 1 59 ASP 59 140 140 ASP ASP A . n 
A 1 60 LEU 60 141 141 LEU LEU A . n 
A 1 61 LEU 61 142 142 LEU LEU A . n 
A 1 62 SER 62 143 143 SER SER A . n 
A 1 63 PRO 63 144 144 PRO PRO A . n 
A 1 64 ILE 64 145 145 ILE ILE A . n 
A 1 65 CYS 65 146 146 CYS CYS A . n 
A 1 66 GLU 66 147 147 GLU GLU A . n 
# 
_pdbx_entity_instance_feature.ordinal        1 
_pdbx_entity_instance_feature.comp_id        8AI 
_pdbx_entity_instance_feature.asym_id        ? 
_pdbx_entity_instance_feature.seq_num        ? 
_pdbx_entity_instance_feature.auth_comp_id   8AI 
_pdbx_entity_instance_feature.auth_asym_id   ? 
_pdbx_entity_instance_feature.auth_seq_num   ? 
_pdbx_entity_instance_feature.feature_type   'SUBJECT OF INVESTIGATION' 
_pdbx_entity_instance_feature.details        ? 
# 
loop_
_pdbx_nonpoly_scheme.asym_id 
_pdbx_nonpoly_scheme.entity_id 
_pdbx_nonpoly_scheme.mon_id 
_pdbx_nonpoly_scheme.ndb_seq_num 
_pdbx_nonpoly_scheme.pdb_seq_num 
_pdbx_nonpoly_scheme.auth_seq_num 
_pdbx_nonpoly_scheme.pdb_mon_id 
_pdbx_nonpoly_scheme.auth_mon_id 
_pdbx_nonpoly_scheme.pdb_strand_id 
_pdbx_nonpoly_scheme.pdb_ins_code 
B 2 8AI 1  201 1  8AI DRG A . 
C 3 MG  1  202 1  MG  MG  A . 
D 3 MG  1  203 2  MG  MG  A . 
E 4 UNX 1  204 19 UNX UNX A . 
F 4 UNX 1  205 20 UNX UNX A . 
G 4 UNX 1  206 22 UNX UNX A . 
H 4 UNX 1  207 37 UNX UNX A . 
I 4 UNX 1  208 38 UNX UNX A . 
J 4 UNX 1  209 39 UNX UNX A . 
K 4 UNX 1  210 46 UNX UNX A . 
L 4 UNX 1  211 47 UNX UNX A . 
M 4 UNX 1  212 51 UNX UNX A . 
N 4 UNX 1  213 52 UNX UNX A . 
O 4 UNX 1  214 53 UNX UNX A . 
P 4 UNX 1  215 54 UNX UNX A . 
Q 4 UNX 1  216 55 UNX UNX A . 
R 5 HOH 1  301 52 HOH HOH A . 
R 5 HOH 2  302 44 HOH HOH A . 
R 5 HOH 3  303 1  HOH HOH A . 
R 5 HOH 4  304 36 HOH HOH A . 
R 5 HOH 5  305 33 HOH HOH A . 
R 5 HOH 6  306 29 HOH HOH A . 
R 5 HOH 7  307 11 HOH HOH A . 
R 5 HOH 8  308 6  HOH HOH A . 
R 5 HOH 9  309 12 HOH HOH A . 
R 5 HOH 10 310 18 HOH HOH A . 
R 5 HOH 11 311 2  HOH HOH A . 
R 5 HOH 12 312 9  HOH HOH A . 
R 5 HOH 13 313 32 HOH HOH A . 
R 5 HOH 14 314 25 HOH HOH A . 
R 5 HOH 15 315 7  HOH HOH A . 
R 5 HOH 16 316 14 HOH HOH A . 
R 5 HOH 17 317 16 HOH HOH A . 
R 5 HOH 18 318 10 HOH HOH A . 
R 5 HOH 19 319 57 HOH HOH A . 
R 5 HOH 20 320 43 HOH HOH A . 
R 5 HOH 21 321 21 HOH HOH A . 
R 5 HOH 22 322 45 HOH HOH A . 
R 5 HOH 23 323 34 HOH HOH A . 
R 5 HOH 24 324 58 HOH HOH A . 
R 5 HOH 25 325 30 HOH HOH A . 
R 5 HOH 26 326 23 HOH HOH A . 
R 5 HOH 27 327 8  HOH HOH A . 
R 5 HOH 28 328 56 HOH HOH A . 
R 5 HOH 29 329 26 HOH HOH A . 
R 5 HOH 30 330 5  HOH HOH A . 
R 5 HOH 31 331 4  HOH HOH A . 
R 5 HOH 32 332 13 HOH HOH A . 
R 5 HOH 33 333 41 HOH HOH A . 
R 5 HOH 34 334 54 HOH HOH A . 
R 5 HOH 35 335 35 HOH HOH A . 
R 5 HOH 36 336 42 HOH HOH A . 
R 5 HOH 37 337 3  HOH HOH A . 
R 5 HOH 38 338 53 HOH HOH A . 
# 
loop_
_pdbx_unobs_or_zero_occ_atoms.id 
_pdbx_unobs_or_zero_occ_atoms.PDB_model_num 
_pdbx_unobs_or_zero_occ_atoms.polymer_flag 
_pdbx_unobs_or_zero_occ_atoms.occupancy_flag 
_pdbx_unobs_or_zero_occ_atoms.auth_asym_id 
_pdbx_unobs_or_zero_occ_atoms.auth_comp_id 
_pdbx_unobs_or_zero_occ_atoms.auth_seq_id 
_pdbx_unobs_or_zero_occ_atoms.PDB_ins_code 
_pdbx_unobs_or_zero_occ_atoms.auth_atom_id 
_pdbx_unobs_or_zero_occ_atoms.label_alt_id 
_pdbx_unobs_or_zero_occ_atoms.label_asym_id 
_pdbx_unobs_or_zero_occ_atoms.label_comp_id 
_pdbx_unobs_or_zero_occ_atoms.label_seq_id 
_pdbx_unobs_or_zero_occ_atoms.label_atom_id 
1  1 Y 1 A ASN 84  ? N   ? A ASN 3  N   
2  1 Y 1 A ASN 84  ? CB  ? A ASN 3  CB  
3  1 Y 1 A ASN 84  ? CG  ? A ASN 3  CG  
4  1 Y 1 A ASN 84  ? OD1 ? A ASN 3  OD1 
5  1 Y 1 A ASN 84  ? ND2 ? A ASN 3  ND2 
6  1 Y 1 A LYS 119 ? CD  ? A LYS 38 CD  
7  1 Y 1 A LYS 119 ? CE  ? A LYS 38 CE  
8  1 Y 1 A LYS 119 ? NZ  ? A LYS 38 NZ  
9  1 Y 1 A ARG 133 ? NE  ? A ARG 52 NE  
10 1 Y 1 A ARG 133 ? CZ  ? A ARG 52 CZ  
11 1 Y 1 A ARG 133 ? NH1 ? A ARG 52 NH1 
12 1 Y 1 A ARG 133 ? NH2 ? A ARG 52 NH2 
# 
loop_
_software.citation_id 
_software.classification 
_software.compiler_name 
_software.compiler_version 
_software.contact_author 
_software.contact_author_email 
_software.date 
_software.description 
_software.dependencies 
_software.hardware 
_software.language 
_software.location 
_software.mods 
_software.name 
_software.os 
_software.os_version 
_software.type 
_software.version 
_software.pdbx_ordinal 
? refinement        ? ? ? ? ? ? ? ? ? ? ? REFMAC      ? ? ? 5.8.0257 1 
? 'data extraction' ? ? ? ? ? ? ? ? ? ? ? PDB_EXTRACT ? ? ? 3.27     2 
? 'data reduction'  ? ? ? ? ? ? ? ? ? ? ? XDS         ? ? ? .        3 
? 'data scaling'    ? ? ? ? ? ? ? ? ? ? ? Aimless     ? ? ? .        4 
? phasing           ? ? ? ? ? ? ? ? ? ? ? MOLREP      ? ? ? .        5 
# 
_cell.angle_alpha                  90.000 
_cell.angle_alpha_esd              ? 
_cell.angle_beta                   90.000 
_cell.angle_beta_esd               ? 
_cell.angle_gamma                  90.000 
_cell.angle_gamma_esd              ? 
_cell.entry_id                     7W2P 
_cell.details                      ? 
_cell.formula_units_Z              ? 
_cell.length_a                     35.893 
_cell.length_a_esd                 ? 
_cell.length_b                     35.893 
_cell.length_b_esd                 ? 
_cell.length_c                     92.000 
_cell.length_c_esd                 ? 
_cell.volume                       ? 
_cell.volume_esd                   ? 
_cell.Z_PDB                        8 
_cell.reciprocal_angle_alpha       ? 
_cell.reciprocal_angle_beta        ? 
_cell.reciprocal_angle_gamma       ? 
_cell.reciprocal_angle_alpha_esd   ? 
_cell.reciprocal_angle_beta_esd    ? 
_cell.reciprocal_angle_gamma_esd   ? 
_cell.reciprocal_length_a          ? 
_cell.reciprocal_length_b          ? 
_cell.reciprocal_length_c          ? 
_cell.reciprocal_length_a_esd      ? 
_cell.reciprocal_length_b_esd      ? 
_cell.reciprocal_length_c_esd      ? 
_cell.pdbx_unique_axis             ? 
# 
_symmetry.entry_id                         7W2P 
_symmetry.cell_setting                     ? 
_symmetry.Int_Tables_number                92 
_symmetry.space_group_name_Hall            ? 
_symmetry.space_group_name_H-M             'P 41 21 2' 
_symmetry.pdbx_full_space_group_name_H-M   ? 
# 
_exptl.absorpt_coefficient_mu     ? 
_exptl.absorpt_correction_T_max   ? 
_exptl.absorpt_correction_T_min   ? 
_exptl.absorpt_correction_type    ? 
_exptl.absorpt_process_details    ? 
_exptl.entry_id                   7W2P 
_exptl.crystals_number            1 
_exptl.details                    ? 
_exptl.method                     'X-RAY DIFFRACTION' 
_exptl.method_details             ? 
# 
_exptl_crystal.colour                      ? 
_exptl_crystal.density_diffrn              ? 
_exptl_crystal.density_Matthews            2.02 
_exptl_crystal.density_method              ? 
_exptl_crystal.density_percent_sol         38.96 
_exptl_crystal.description                 ? 
_exptl_crystal.F_000                       ? 
_exptl_crystal.id                          1 
_exptl_crystal.preparation                 ? 
_exptl_crystal.size_max                    ? 
_exptl_crystal.size_mid                    ? 
_exptl_crystal.size_min                    ? 
_exptl_crystal.size_rad                    ? 
_exptl_crystal.colour_lustre               ? 
_exptl_crystal.colour_modifier             ? 
_exptl_crystal.colour_primary              ? 
_exptl_crystal.density_meas                ? 
_exptl_crystal.density_meas_esd            ? 
_exptl_crystal.density_meas_gt             ? 
_exptl_crystal.density_meas_lt             ? 
_exptl_crystal.density_meas_temp           ? 
_exptl_crystal.density_meas_temp_esd       ? 
_exptl_crystal.density_meas_temp_gt        ? 
_exptl_crystal.density_meas_temp_lt        ? 
_exptl_crystal.pdbx_crystal_image_url      ? 
_exptl_crystal.pdbx_crystal_image_format   ? 
_exptl_crystal.pdbx_mosaicity              ? 
_exptl_crystal.pdbx_mosaicity_esd          ? 
# 
_exptl_crystal_grow.apparatus       ? 
_exptl_crystal_grow.atmosphere      ? 
_exptl_crystal_grow.crystal_id      1 
_exptl_crystal_grow.details         ? 
_exptl_crystal_grow.method          'VAPOR DIFFUSION, SITTING DROP' 
_exptl_crystal_grow.method_ref      ? 
_exptl_crystal_grow.pH              7.0 
_exptl_crystal_grow.pressure        ? 
_exptl_crystal_grow.pressure_esd    ? 
_exptl_crystal_grow.seeding         ? 
_exptl_crystal_grow.seeding_ref     ? 
_exptl_crystal_grow.temp            291 
_exptl_crystal_grow.temp_details    ? 
_exptl_crystal_grow.temp_esd        ? 
_exptl_crystal_grow.time            ? 
_exptl_crystal_grow.pdbx_details    '1.8 M sodium acetate, pH 7.0, 0.1 M Bis-Tris propane' 
_exptl_crystal_grow.pdbx_pH_range   ? 
# 
_diffrn.ambient_environment              ? 
_diffrn.ambient_temp                     100 
_diffrn.ambient_temp_details             ? 
_diffrn.ambient_temp_esd                 ? 
_diffrn.crystal_id                       1 
_diffrn.crystal_support                  ? 
_diffrn.crystal_treatment                ? 
_diffrn.details                          ? 
_diffrn.id                               1 
_diffrn.ambient_pressure                 ? 
_diffrn.ambient_pressure_esd             ? 
_diffrn.ambient_pressure_gt              ? 
_diffrn.ambient_pressure_lt              ? 
_diffrn.ambient_temp_gt                  ? 
_diffrn.ambient_temp_lt                  ? 
_diffrn.pdbx_serial_crystal_experiment   N 
# 
_diffrn_detector.details                      ? 
_diffrn_detector.detector                     PIXEL 
_diffrn_detector.diffrn_id                    1 
_diffrn_detector.type                         'DECTRIS EIGER X 16M' 
_diffrn_detector.area_resol_mean              ? 
_diffrn_detector.dtime                        ? 
_diffrn_detector.pdbx_frames_total            ? 
_diffrn_detector.pdbx_collection_time_total   ? 
_diffrn_detector.pdbx_collection_date         2015-07-11 
_diffrn_detector.pdbx_frequency               ? 
# 
_diffrn_radiation.collimation                      ? 
_diffrn_radiation.diffrn_id                        1 
_diffrn_radiation.filter_edge                      ? 
_diffrn_radiation.inhomogeneity                    ? 
_diffrn_radiation.monochromator                    ? 
_diffrn_radiation.polarisn_norm                    ? 
_diffrn_radiation.polarisn_ratio                   ? 
_diffrn_radiation.probe                            ? 
_diffrn_radiation.type                             ? 
_diffrn_radiation.xray_symbol                      ? 
_diffrn_radiation.wavelength_id                    1 
_diffrn_radiation.pdbx_monochromatic_or_laue_m_l   M 
_diffrn_radiation.pdbx_wavelength_list             ? 
_diffrn_radiation.pdbx_wavelength                  ? 
_diffrn_radiation.pdbx_diffrn_protocol             'SINGLE WAVELENGTH' 
_diffrn_radiation.pdbx_analyzer                    ? 
_diffrn_radiation.pdbx_scattering_type             x-ray 
# 
_diffrn_radiation_wavelength.id           1 
_diffrn_radiation_wavelength.wavelength   0.979 
_diffrn_radiation_wavelength.wt           1.0 
# 
_diffrn_source.current                     ? 
_diffrn_source.details                     ? 
_diffrn_source.diffrn_id                   1 
_diffrn_source.power                       ? 
_diffrn_source.size                        ? 
_diffrn_source.source                      SYNCHROTRON 
_diffrn_source.target                      ? 
_diffrn_source.type                        'APS BEAMLINE 24-ID-E' 
_diffrn_source.voltage                     ? 
_diffrn_source.take-off_angle              ? 
_diffrn_source.pdbx_wavelength_list        0.979 
_diffrn_source.pdbx_wavelength             ? 
_diffrn_source.pdbx_synchrotron_beamline   24-ID-E 
_diffrn_source.pdbx_synchrotron_site       APS 
# 
_reflns.B_iso_Wilson_estimate                          ? 
_reflns.entry_id                                       7W2P 
_reflns.data_reduction_details                         ? 
_reflns.data_reduction_method                          ? 
_reflns.d_resolution_high                              1.15 
_reflns.d_resolution_low                               46.00 
_reflns.details                                        ? 
_reflns.limit_h_max                                    ? 
_reflns.limit_h_min                                    ? 
_reflns.limit_k_max                                    ? 
_reflns.limit_k_min                                    ? 
_reflns.limit_l_max                                    ? 
_reflns.limit_l_min                                    ? 
_reflns.number_all                                     ? 
_reflns.number_obs                                     22319 
_reflns.observed_criterion                             ? 
_reflns.observed_criterion_F_max                       ? 
_reflns.observed_criterion_F_min                       ? 
_reflns.observed_criterion_I_max                       ? 
_reflns.observed_criterion_I_min                       ? 
_reflns.observed_criterion_sigma_F                     ? 
_reflns.observed_criterion_sigma_I                     ? 
_reflns.percent_possible_obs                           100.0 
_reflns.R_free_details                                 ? 
_reflns.Rmerge_F_all                                   ? 
_reflns.Rmerge_F_obs                                   ? 
_reflns.Friedel_coverage                               ? 
_reflns.number_gt                                      ? 
_reflns.threshold_expression                           ? 
_reflns.pdbx_redundancy                                13.4 
_reflns.pdbx_Rmerge_I_obs                              ? 
_reflns.pdbx_Rmerge_I_all                              ? 
_reflns.pdbx_Rsym_value                                ? 
_reflns.pdbx_netI_over_av_sigmaI                       ? 
_reflns.pdbx_netI_over_sigmaI                          21.5 
_reflns.pdbx_res_netI_over_av_sigmaI_2                 ? 
_reflns.pdbx_res_netI_over_sigmaI_2                    ? 
_reflns.pdbx_chi_squared                               ? 
_reflns.pdbx_scaling_rejects                           ? 
_reflns.pdbx_d_res_high_opt                            ? 
_reflns.pdbx_d_res_low_opt                             ? 
_reflns.pdbx_d_res_opt_method                          ? 
_reflns.phase_calculation_details                      ? 
_reflns.pdbx_Rrim_I_all                                ? 
_reflns.pdbx_Rpim_I_all                                ? 
_reflns.pdbx_d_opt                                     ? 
_reflns.pdbx_number_measured_all                       ? 
_reflns.pdbx_diffrn_id                                 1 
_reflns.pdbx_ordinal                                   1 
_reflns.pdbx_CC_half                                   0.999 
_reflns.pdbx_CC_star                                   ? 
_reflns.pdbx_R_split                                   ? 
_reflns.pdbx_aniso_diffraction_limit_axis_1_ortho[1]   ? 
_reflns.pdbx_aniso_diffraction_limit_axis_1_ortho[2]   ? 
_reflns.pdbx_aniso_diffraction_limit_axis_1_ortho[3]   ? 
_reflns.pdbx_aniso_diffraction_limit_axis_2_ortho[1]   ? 
_reflns.pdbx_aniso_diffraction_limit_axis_2_ortho[2]   ? 
_reflns.pdbx_aniso_diffraction_limit_axis_2_ortho[3]   ? 
_reflns.pdbx_aniso_diffraction_limit_axis_3_ortho[1]   ? 
_reflns.pdbx_aniso_diffraction_limit_axis_3_ortho[2]   ? 
_reflns.pdbx_aniso_diffraction_limit_axis_3_ortho[3]   ? 
_reflns.pdbx_aniso_diffraction_limit_1                 ? 
_reflns.pdbx_aniso_diffraction_limit_2                 ? 
_reflns.pdbx_aniso_diffraction_limit_3                 ? 
_reflns.pdbx_aniso_B_tensor_eigenvector_1_ortho[1]     ? 
_reflns.pdbx_aniso_B_tensor_eigenvector_1_ortho[2]     ? 
_reflns.pdbx_aniso_B_tensor_eigenvector_1_ortho[3]     ? 
_reflns.pdbx_aniso_B_tensor_eigenvector_2_ortho[1]     ? 
_reflns.pdbx_aniso_B_tensor_eigenvector_2_ortho[2]     ? 
_reflns.pdbx_aniso_B_tensor_eigenvector_2_ortho[3]     ? 
_reflns.pdbx_aniso_B_tensor_eigenvector_3_ortho[1]     ? 
_reflns.pdbx_aniso_B_tensor_eigenvector_3_ortho[2]     ? 
_reflns.pdbx_aniso_B_tensor_eigenvector_3_ortho[3]     ? 
_reflns.pdbx_aniso_B_tensor_eigenvalue_1               ? 
_reflns.pdbx_aniso_B_tensor_eigenvalue_2               ? 
_reflns.pdbx_aniso_B_tensor_eigenvalue_3               ? 
_reflns.pdbx_orthogonalization_convention              ? 
_reflns.pdbx_percent_possible_ellipsoidal              ? 
_reflns.pdbx_percent_possible_spherical                ? 
_reflns.pdbx_percent_possible_ellipsoidal_anomalous    ? 
_reflns.pdbx_percent_possible_spherical_anomalous      ? 
_reflns.pdbx_redundancy_anomalous                      ? 
_reflns.pdbx_CC_half_anomalous                         ? 
_reflns.pdbx_absDiff_over_sigma_anomalous              ? 
_reflns.pdbx_percent_possible_anomalous                ? 
_reflns.pdbx_observed_signal_threshold                 ? 
_reflns.pdbx_signal_type                               ? 
_reflns.pdbx_signal_details                            ? 
_reflns.pdbx_signal_software_id                        ? 
# 
_reflns_shell.d_res_high                                    1.15 
_reflns_shell.d_res_low                                     1.17 
_reflns_shell.meanI_over_sigI_all                           ? 
_reflns_shell.meanI_over_sigI_obs                           ? 
_reflns_shell.number_measured_all                           ? 
_reflns_shell.number_measured_obs                           ? 
_reflns_shell.number_possible                               ? 
_reflns_shell.number_unique_all                             ? 
_reflns_shell.number_unique_obs                             1064 
_reflns_shell.percent_possible_all                          ? 
_reflns_shell.percent_possible_obs                          ? 
_reflns_shell.Rmerge_F_all                                  ? 
_reflns_shell.Rmerge_F_obs                                  ? 
_reflns_shell.Rmerge_I_all                                  ? 
_reflns_shell.Rmerge_I_obs                                  ? 
_reflns_shell.meanI_over_sigI_gt                            ? 
_reflns_shell.meanI_over_uI_all                             ? 
_reflns_shell.meanI_over_uI_gt                              ? 
_reflns_shell.number_measured_gt                            ? 
_reflns_shell.number_unique_gt                              ? 
_reflns_shell.percent_possible_gt                           ? 
_reflns_shell.Rmerge_F_gt                                   ? 
_reflns_shell.Rmerge_I_gt                                   ? 
_reflns_shell.pdbx_redundancy                               ? 
_reflns_shell.pdbx_Rsym_value                               ? 
_reflns_shell.pdbx_chi_squared                              ? 
_reflns_shell.pdbx_netI_over_sigmaI_all                     ? 
_reflns_shell.pdbx_netI_over_sigmaI_obs                     ? 
_reflns_shell.pdbx_Rrim_I_all                               ? 
_reflns_shell.pdbx_Rpim_I_all                               ? 
_reflns_shell.pdbx_rejects                                  ? 
_reflns_shell.pdbx_ordinal                                  1 
_reflns_shell.pdbx_diffrn_id                                1 
_reflns_shell.pdbx_CC_half                                  0.785 
_reflns_shell.pdbx_CC_star                                  ? 
_reflns_shell.pdbx_R_split                                  ? 
_reflns_shell.pdbx_percent_possible_ellipsoidal             ? 
_reflns_shell.pdbx_percent_possible_spherical               ? 
_reflns_shell.pdbx_percent_possible_ellipsoidal_anomalous   ? 
_reflns_shell.pdbx_percent_possible_spherical_anomalous     ? 
_reflns_shell.pdbx_redundancy_anomalous                     ? 
_reflns_shell.pdbx_CC_half_anomalous                        ? 
_reflns_shell.pdbx_absDiff_over_sigma_anomalous             ? 
_reflns_shell.pdbx_percent_possible_anomalous               ? 
# 
_refine.aniso_B[1][1]                            -0.1100 
_refine.aniso_B[1][2]                            0.0000 
_refine.aniso_B[1][3]                            0.0000 
_refine.aniso_B[2][2]                            -0.1100 
_refine.aniso_B[2][3]                            0.0000 
_refine.aniso_B[3][3]                            0.2200 
_refine.B_iso_max                                57.120 
_refine.B_iso_mean                               11.8640 
_refine.B_iso_min                                6.100 
_refine.correlation_coeff_Fo_to_Fc               0.9740 
_refine.correlation_coeff_Fo_to_Fc_free          0.9660 
_refine.details                                  
'HYDROGENS HAVE BEEN ADDED IN THE RIDING POSITIONS U VALUES      : REFINED INDIVIDUALLY' 
_refine.diff_density_max                         ? 
_refine.diff_density_max_esd                     ? 
_refine.diff_density_min                         ? 
_refine.diff_density_min_esd                     ? 
_refine.diff_density_rms                         ? 
_refine.diff_density_rms_esd                     ? 
_refine.entry_id                                 7W2P 
_refine.pdbx_refine_id                           'X-RAY DIFFRACTION' 
_refine.ls_abs_structure_details                 ? 
_refine.ls_abs_structure_Flack                   ? 
_refine.ls_abs_structure_Flack_esd               ? 
_refine.ls_abs_structure_Rogers                  ? 
_refine.ls_abs_structure_Rogers_esd              ? 
_refine.ls_d_res_high                            1.1500 
_refine.ls_d_res_low                             33.4400 
_refine.ls_extinction_coef                       ? 
_refine.ls_extinction_coef_esd                   ? 
_refine.ls_extinction_expression                 ? 
_refine.ls_extinction_method                     ? 
_refine.ls_goodness_of_fit_all                   ? 
_refine.ls_goodness_of_fit_all_esd               ? 
_refine.ls_goodness_of_fit_obs                   ? 
_refine.ls_goodness_of_fit_obs_esd               ? 
_refine.ls_hydrogen_treatment                    ? 
_refine.ls_matrix_type                           ? 
_refine.ls_number_constraints                    ? 
_refine.ls_number_parameters                     ? 
_refine.ls_number_reflns_all                     ? 
_refine.ls_number_reflns_obs                     21099 
_refine.ls_number_reflns_R_free                  1144 
_refine.ls_number_reflns_R_work                  ? 
_refine.ls_number_restraints                     ? 
_refine.ls_percent_reflns_obs                    99.9200 
_refine.ls_percent_reflns_R_free                 5.1000 
_refine.ls_R_factor_all                          ? 
_refine.ls_R_factor_obs                          0.1288 
_refine.ls_R_factor_R_free                       0.1496 
_refine.ls_R_factor_R_free_error                 ? 
_refine.ls_R_factor_R_free_error_details         ? 
_refine.ls_R_factor_R_work                       0.1278 
_refine.ls_R_Fsqd_factor_obs                     ? 
_refine.ls_R_I_factor_obs                        ? 
_refine.ls_redundancy_reflns_all                 ? 
_refine.ls_redundancy_reflns_obs                 ? 
_refine.ls_restrained_S_all                      ? 
_refine.ls_restrained_S_obs                      ? 
_refine.ls_shift_over_esd_max                    ? 
_refine.ls_shift_over_esd_mean                   ? 
_refine.ls_structure_factor_coef                 ? 
_refine.ls_weighting_details                     ? 
_refine.ls_weighting_scheme                      ? 
_refine.ls_wR_factor_all                         ? 
_refine.ls_wR_factor_obs                         ? 
_refine.ls_wR_factor_R_free                      ? 
_refine.ls_wR_factor_R_work                      ? 
_refine.occupancy_max                            ? 
_refine.occupancy_min                            ? 
_refine.solvent_model_details                    MASK 
_refine.solvent_model_param_bsol                 ? 
_refine.solvent_model_param_ksol                 ? 
_refine.pdbx_R_complete                          ? 
_refine.ls_R_factor_gt                           ? 
_refine.ls_goodness_of_fit_gt                    ? 
_refine.ls_goodness_of_fit_ref                   ? 
_refine.ls_shift_over_su_max                     ? 
_refine.ls_shift_over_su_max_lt                  ? 
_refine.ls_shift_over_su_mean                    ? 
_refine.ls_shift_over_su_mean_lt                 ? 
_refine.pdbx_ls_sigma_I                          ? 
_refine.pdbx_ls_sigma_F                          0.000 
_refine.pdbx_ls_sigma_Fsqd                       ? 
_refine.pdbx_data_cutoff_high_absF               ? 
_refine.pdbx_data_cutoff_high_rms_absF           ? 
_refine.pdbx_data_cutoff_low_absF                ? 
_refine.pdbx_isotropic_thermal_model             ? 
_refine.pdbx_ls_cross_valid_method               THROUGHOUT 
_refine.pdbx_method_to_determine_struct          'MOLECULAR REPLACEMENT' 
_refine.pdbx_starting_model                      4QQ6 
_refine.pdbx_stereochemistry_target_values       'MAXIMUM LIKELIHOOD' 
_refine.pdbx_R_Free_selection_details            RANDOM 
_refine.pdbx_stereochem_target_val_spec_case     ? 
_refine.pdbx_overall_ESU_R                       0.0300 
_refine.pdbx_overall_ESU_R_Free                  0.0300 
_refine.pdbx_solvent_vdw_probe_radii             1.2000 
_refine.pdbx_solvent_ion_probe_radii             0.8000 
_refine.pdbx_solvent_shrinkage_radii             0.8000 
_refine.pdbx_real_space_R                        ? 
_refine.pdbx_density_correlation                 ? 
_refine.pdbx_pd_number_of_powder_patterns        ? 
_refine.pdbx_pd_number_of_points                 ? 
_refine.pdbx_pd_meas_number_of_points            ? 
_refine.pdbx_pd_proc_ls_prof_R_factor            ? 
_refine.pdbx_pd_proc_ls_prof_wR_factor           ? 
_refine.pdbx_pd_Marquardt_correlation_coeff      ? 
_refine.pdbx_pd_Fsqrd_R_factor                   ? 
_refine.pdbx_pd_ls_matrix_band_width             ? 
_refine.pdbx_overall_phase_error                 ? 
_refine.pdbx_overall_SU_R_free_Cruickshank_DPI   ? 
_refine.pdbx_overall_SU_R_free_Blow_DPI          ? 
_refine.pdbx_overall_SU_R_Blow_DPI               ? 
_refine.pdbx_TLS_residual_ADP_flag               ? 
_refine.pdbx_diffrn_id                           1 
_refine.overall_SU_B                             0.8180 
_refine.overall_SU_ML                            0.0170 
_refine.overall_SU_R_Cruickshank_DPI             ? 
_refine.overall_SU_R_free                        ? 
_refine.overall_FOM_free_R_set                   ? 
_refine.overall_FOM_work_R_set                   ? 
_refine.pdbx_average_fsc_overall                 ? 
_refine.pdbx_average_fsc_work                    ? 
_refine.pdbx_average_fsc_free                    ? 
# 
_refine_hist.pdbx_refine_id                   'X-RAY DIFFRACTION' 
_refine_hist.cycle_id                         final 
_refine_hist.details                          ? 
_refine_hist.d_res_high                       1.1500 
_refine_hist.d_res_low                        33.4400 
_refine_hist.number_atoms_solvent             38 
_refine_hist.number_atoms_total               558 
_refine_hist.number_reflns_all                ? 
_refine_hist.number_reflns_obs                ? 
_refine_hist.number_reflns_R_free             ? 
_refine_hist.number_reflns_R_work             ? 
_refine_hist.R_factor_all                     ? 
_refine_hist.R_factor_obs                     ? 
_refine_hist.R_factor_R_free                  ? 
_refine_hist.R_factor_R_work                  ? 
_refine_hist.pdbx_number_residues_total       64 
_refine_hist.pdbx_B_iso_mean_ligand           15.73 
_refine_hist.pdbx_B_iso_mean_solvent          21.54 
_refine_hist.pdbx_number_atoms_protein        484 
_refine_hist.pdbx_number_atoms_nucleic_acid   0 
_refine_hist.pdbx_number_atoms_ligand         36 
_refine_hist.pdbx_number_atoms_lipid          ? 
_refine_hist.pdbx_number_atoms_carb           ? 
_refine_hist.pdbx_pseudo_atom_details         ? 
# 
loop_
_refine_ls_restr.pdbx_refine_id 
_refine_ls_restr.criterion 
_refine_ls_restr.dev_ideal 
_refine_ls_restr.dev_ideal_target 
_refine_ls_restr.number 
_refine_ls_restr.rejects 
_refine_ls_restr.type 
_refine_ls_restr.weight 
_refine_ls_restr.pdbx_restraint_function 
'X-RAY DIFFRACTION' ? 0.018  0.013  595  ? r_bond_refined_d       ? ? 
'X-RAY DIFFRACTION' ? 0.005  0.018  523  ? r_bond_other_d         ? ? 
'X-RAY DIFFRACTION' ? 1.909  1.700  832  ? r_angle_refined_deg    ? ? 
'X-RAY DIFFRACTION' ? 1.859  1.623  1239 ? r_angle_other_deg      ? ? 
'X-RAY DIFFRACTION' ? 7.096  5.000  83   ? r_dihedral_angle_1_deg ? ? 
'X-RAY DIFFRACTION' ? 36.130 24.828 29   ? r_dihedral_angle_2_deg ? ? 
'X-RAY DIFFRACTION' ? 12.953 15.000 97   ? r_dihedral_angle_3_deg ? ? 
'X-RAY DIFFRACTION' ? 16.536 15.000 2    ? r_dihedral_angle_4_deg ? ? 
'X-RAY DIFFRACTION' ? 0.120  0.200  82   ? r_chiral_restr         ? ? 
'X-RAY DIFFRACTION' ? 0.011  0.020  698  ? r_gen_planes_refined   ? ? 
'X-RAY DIFFRACTION' ? 0.001  0.020  120  ? r_gen_planes_other     ? ? 
'X-RAY DIFFRACTION' ? 2.777  3.000  1117 ? r_rigid_bond_restr     ? ? 
# 
_refine_ls_shell.pdbx_refine_id                   'X-RAY DIFFRACTION' 
_refine_ls_shell.d_res_high                       1.1500 
_refine_ls_shell.d_res_low                        1.1790 
_refine_ls_shell.number_reflns_all                1603 
_refine_ls_shell.number_reflns_obs                ? 
_refine_ls_shell.number_reflns_R_free             95 
_refine_ls_shell.number_reflns_R_work             1508 
_refine_ls_shell.percent_reflns_obs               99.6900 
_refine_ls_shell.percent_reflns_R_free            ? 
_refine_ls_shell.R_factor_all                     ? 
_refine_ls_shell.R_factor_obs                     ? 
_refine_ls_shell.R_factor_R_free                  0.2020 
_refine_ls_shell.R_factor_R_free_error            0.0000 
_refine_ls_shell.R_factor_R_work                  0.2340 
_refine_ls_shell.redundancy_reflns_all            ? 
_refine_ls_shell.redundancy_reflns_obs            ? 
_refine_ls_shell.wR_factor_all                    ? 
_refine_ls_shell.wR_factor_obs                    ? 
_refine_ls_shell.wR_factor_R_free                 ? 
_refine_ls_shell.wR_factor_R_work                 ? 
_refine_ls_shell.pdbx_R_complete                  ? 
_refine_ls_shell.pdbx_total_number_of_bins_used   20 
_refine_ls_shell.pdbx_phase_error                 ? 
_refine_ls_shell.pdbx_fsc_work                    ? 
_refine_ls_shell.pdbx_fsc_free                    ? 
# 
_struct.entry_id                     7W2P 
_struct.title                        'Tudor domain of SMN in complex with a small molecule' 
_struct.pdbx_model_details           ? 
_struct.pdbx_formula_weight          ? 
_struct.pdbx_formula_weight_method   ? 
_struct.pdbx_model_type_details      ? 
_struct.pdbx_CASP_flag               N 
# 
_struct_keywords.entry_id        7W2P 
_struct_keywords.text            'SMN, Tudor, small molecule, RNA BINDING PROTEIN' 
_struct_keywords.pdbx_keywords   'RNA BINDING PROTEIN' 
# 
loop_
_struct_asym.id 
_struct_asym.pdbx_blank_PDB_chainid_flag 
_struct_asym.pdbx_modified 
_struct_asym.entity_id 
_struct_asym.details 
A N N 1 ? 
B N N 2 ? 
C N N 3 ? 
D N N 3 ? 
E N N 4 ? 
F N N 4 ? 
G N N 4 ? 
H N N 4 ? 
I N N 4 ? 
J N N 4 ? 
K N N 4 ? 
L N N 4 ? 
M N N 4 ? 
N N N 4 ? 
O N N 4 ? 
P N N 4 ? 
Q N N 4 ? 
R N N 5 ? 
# 
_struct_ref.id                         1 
_struct_ref.db_name                    UNP 
_struct_ref.db_code                    SMN_HUMAN 
_struct_ref.pdbx_db_accession          Q16637 
_struct_ref.pdbx_db_isoform            ? 
_struct_ref.entity_id                  1 
_struct_ref.pdbx_seq_one_letter_code   KKNTAASLQQWKVGDKCSAIWSEDGCIYPATIASIDFKRETCVVVYTGYGNREEQNLSDLLSPICE 
_struct_ref.pdbx_align_begin           82 
# 
_struct_ref_seq.align_id                      1 
_struct_ref_seq.ref_id                        1 
_struct_ref_seq.pdbx_PDB_id_code              7W2P 
_struct_ref_seq.pdbx_strand_id                A 
_struct_ref_seq.seq_align_beg                 1 
_struct_ref_seq.pdbx_seq_align_beg_ins_code   ? 
_struct_ref_seq.seq_align_end                 66 
_struct_ref_seq.pdbx_seq_align_end_ins_code   ? 
_struct_ref_seq.pdbx_db_accession             Q16637 
_struct_ref_seq.db_align_beg                  82 
_struct_ref_seq.pdbx_db_align_beg_ins_code    ? 
_struct_ref_seq.db_align_end                  147 
_struct_ref_seq.pdbx_db_align_end_ins_code    ? 
_struct_ref_seq.pdbx_auth_seq_align_beg       82 
_struct_ref_seq.pdbx_auth_seq_align_end       147 
# 
_pdbx_struct_assembly.id                   1 
_pdbx_struct_assembly.details              author_defined_assembly 
_pdbx_struct_assembly.method_details       ? 
_pdbx_struct_assembly.oligomeric_details   monomeric 
_pdbx_struct_assembly.oligomeric_count     1 
# 
loop_
_pdbx_struct_assembly_prop.biol_id 
_pdbx_struct_assembly_prop.type 
_pdbx_struct_assembly_prop.value 
_pdbx_struct_assembly_prop.details 
1 'ABSA (A^2)' 130  ? 
1 MORE         -8   ? 
1 'SSA (A^2)'  4460 ? 
# 
_pdbx_struct_assembly_gen.assembly_id       1 
_pdbx_struct_assembly_gen.oper_expression   1 
_pdbx_struct_assembly_gen.asym_id_list      A,B,C,D,E,F,G,H,I,J,K,L,M,N,O,P,Q,R 
# 
_pdbx_struct_assembly_auth_evidence.id                     1 
_pdbx_struct_assembly_auth_evidence.assembly_id            1 
_pdbx_struct_assembly_auth_evidence.experimental_support   'gel filtration' 
_pdbx_struct_assembly_auth_evidence.details                ? 
# 
_pdbx_struct_oper_list.id                   1 
_pdbx_struct_oper_list.type                 'identity operation' 
_pdbx_struct_oper_list.name                 1_555 
_pdbx_struct_oper_list.symmetry_operation   x,y,z 
_pdbx_struct_oper_list.matrix[1][1]         1.0000000000 
_pdbx_struct_oper_list.matrix[1][2]         0.0000000000 
_pdbx_struct_oper_list.matrix[1][3]         0.0000000000 
_pdbx_struct_oper_list.vector[1]            0.0000000000 
_pdbx_struct_oper_list.matrix[2][1]         0.0000000000 
_pdbx_struct_oper_list.matrix[2][2]         1.0000000000 
_pdbx_struct_oper_list.matrix[2][3]         0.0000000000 
_pdbx_struct_oper_list.vector[2]            0.0000000000 
_pdbx_struct_oper_list.matrix[3][1]         0.0000000000 
_pdbx_struct_oper_list.matrix[3][2]         0.0000000000 
_pdbx_struct_oper_list.matrix[3][3]         1.0000000000 
_pdbx_struct_oper_list.vector[3]            0.0000000000 
# 
loop_
_struct_conf.conf_type_id 
_struct_conf.id 
_struct_conf.pdbx_PDB_helix_id 
_struct_conf.beg_label_comp_id 
_struct_conf.beg_label_asym_id 
_struct_conf.beg_label_seq_id 
_struct_conf.pdbx_beg_PDB_ins_code 
_struct_conf.end_label_comp_id 
_struct_conf.end_label_asym_id 
_struct_conf.end_label_seq_id 
_struct_conf.pdbx_end_PDB_ins_code 
_struct_conf.beg_auth_comp_id 
_struct_conf.beg_auth_asym_id 
_struct_conf.beg_auth_seq_id 
_struct_conf.end_auth_comp_id 
_struct_conf.end_auth_asym_id 
_struct_conf.end_auth_seq_id 
_struct_conf.pdbx_PDB_helix_class 
_struct_conf.details 
_struct_conf.pdbx_PDB_helix_length 
HELX_P HELX_P1 AA1 ASN A 3  ? LEU A 8  ? ASN A 84  LEU A 89  1 ? 6 
HELX_P HELX_P2 AA2 SER A 22 ? GLY A 25 ? SER A 103 GLY A 106 5 ? 4 
HELX_P HELX_P3 AA3 SER A 58 ? LEU A 60 ? SER A 139 LEU A 141 5 ? 3 
# 
_struct_conf_type.id          HELX_P 
_struct_conf_type.criteria    ? 
_struct_conf_type.reference   ? 
# 
loop_
_struct_conn.id 
_struct_conn.conn_type_id 
_struct_conn.pdbx_leaving_atom_flag 
_struct_conn.pdbx_PDB_id 
_struct_conn.ptnr1_label_asym_id 
_struct_conn.ptnr1_label_comp_id 
_struct_conn.ptnr1_label_seq_id 
_struct_conn.ptnr1_label_atom_id 
_struct_conn.pdbx_ptnr1_label_alt_id 
_struct_conn.pdbx_ptnr1_PDB_ins_code 
_struct_conn.pdbx_ptnr1_standard_comp_id 
_struct_conn.ptnr1_symmetry 
_struct_conn.ptnr2_label_asym_id 
_struct_conn.ptnr2_label_comp_id 
_struct_conn.ptnr2_label_seq_id 
_struct_conn.ptnr2_label_atom_id 
_struct_conn.pdbx_ptnr2_label_alt_id 
_struct_conn.pdbx_ptnr2_PDB_ins_code 
_struct_conn.ptnr1_auth_asym_id 
_struct_conn.ptnr1_auth_comp_id 
_struct_conn.ptnr1_auth_seq_id 
_struct_conn.ptnr2_auth_asym_id 
_struct_conn.ptnr2_auth_comp_id 
_struct_conn.ptnr2_auth_seq_id 
_struct_conn.ptnr2_symmetry 
_struct_conn.pdbx_ptnr3_label_atom_id 
_struct_conn.pdbx_ptnr3_label_seq_id 
_struct_conn.pdbx_ptnr3_label_comp_id 
_struct_conn.pdbx_ptnr3_label_asym_id 
_struct_conn.pdbx_ptnr3_label_alt_id 
_struct_conn.pdbx_ptnr3_PDB_ins_code 
_struct_conn.details 
_struct_conn.pdbx_dist_value 
_struct_conn.pdbx_value_order 
_struct_conn.pdbx_role 
disulf1  disulf ? ? A CYS 26 SG ? ? ? 1_555 A CYS 65 SG ? ? A CYS 107 A CYS 146 7_555 ? ? ? ? ? ? ? 2.087 ? ? 
metalc1  metalc ? ? C MG  .  MG ? ? ? 1_555 R HOH .  O  ? ? A MG  202 A HOH 303 1_555 ? ? ? ? ? ? ? 2.053 ? ? 
metalc2  metalc ? ? C MG  .  MG ? ? ? 1_555 R HOH .  O  ? ? A MG  202 A HOH 311 1_555 ? ? ? ? ? ? ? 2.027 ? ? 
metalc3  metalc ? ? C MG  .  MG ? ? ? 1_555 R HOH .  O  ? ? A MG  202 A HOH 330 1_555 ? ? ? ? ? ? ? 2.111 ? ? 
metalc4  metalc ? ? C MG  .  MG ? ? ? 1_555 R HOH .  O  ? ? A MG  202 A HOH 331 1_555 ? ? ? ? ? ? ? 2.017 ? ? 
metalc5  metalc ? ? C MG  .  MG ? ? ? 1_555 R HOH .  O  ? ? A MG  202 A HOH 333 1_555 ? ? ? ? ? ? ? 2.002 ? ? 
metalc6  metalc ? ? C MG  .  MG ? ? ? 1_555 R HOH .  O  ? ? A MG  202 A HOH 337 1_555 ? ? ? ? ? ? ? 2.022 ? ? 
metalc7  metalc ? ? D MG  .  MG ? ? ? 1_555 R HOH .  O  ? ? A MG  203 A HOH 304 1_555 ? ? ? ? ? ? ? 2.042 ? ? 
metalc8  metalc ? ? D MG  .  MG ? ? ? 1_555 R HOH .  O  ? ? A MG  203 A HOH 323 1_555 ? ? ? ? ? ? ? 2.067 ? ? 
metalc9  metalc ? ? D MG  .  MG ? ? ? 1_555 R HOH .  O  ? ? A MG  203 A HOH 334 1_555 ? ? ? ? ? ? ? 2.098 ? ? 
metalc10 metalc ? ? D MG  .  MG ? ? ? 1_555 R HOH .  O  ? ? A MG  203 A HOH 335 1_555 ? ? ? ? ? ? ? 1.971 ? ? 
metalc11 metalc ? ? D MG  .  MG ? ? ? 1_555 R HOH .  O  ? ? A MG  203 A HOH 336 1_555 ? ? ? ? ? ? ? 2.090 ? ? 
metalc12 metalc ? ? D MG  .  MG ? ? ? 1_555 R HOH .  O  ? ? A MG  203 A HOH 338 1_555 ? ? ? ? ? ? ? 1.966 ? ? 
# 
loop_
_struct_conn_type.id 
_struct_conn_type.criteria 
_struct_conn_type.reference 
disulf ? ? 
metalc ? ? 
# 
loop_
_pdbx_struct_conn_angle.id 
_pdbx_struct_conn_angle.ptnr1_label_atom_id 
_pdbx_struct_conn_angle.ptnr1_label_alt_id 
_pdbx_struct_conn_angle.ptnr1_label_asym_id 
_pdbx_struct_conn_angle.ptnr1_label_comp_id 
_pdbx_struct_conn_angle.ptnr1_label_seq_id 
_pdbx_struct_conn_angle.ptnr1_auth_atom_id 
_pdbx_struct_conn_angle.ptnr1_auth_asym_id 
_pdbx_struct_conn_angle.ptnr1_auth_comp_id 
_pdbx_struct_conn_angle.ptnr1_auth_seq_id 
_pdbx_struct_conn_angle.ptnr1_PDB_ins_code 
_pdbx_struct_conn_angle.ptnr1_symmetry 
_pdbx_struct_conn_angle.ptnr2_label_atom_id 
_pdbx_struct_conn_angle.ptnr2_label_alt_id 
_pdbx_struct_conn_angle.ptnr2_label_asym_id 
_pdbx_struct_conn_angle.ptnr2_label_comp_id 
_pdbx_struct_conn_angle.ptnr2_label_seq_id 
_pdbx_struct_conn_angle.ptnr2_auth_atom_id 
_pdbx_struct_conn_angle.ptnr2_auth_asym_id 
_pdbx_struct_conn_angle.ptnr2_auth_comp_id 
_pdbx_struct_conn_angle.ptnr2_auth_seq_id 
_pdbx_struct_conn_angle.ptnr2_PDB_ins_code 
_pdbx_struct_conn_angle.ptnr2_symmetry 
_pdbx_struct_conn_angle.ptnr3_label_atom_id 
_pdbx_struct_conn_angle.ptnr3_label_alt_id 
_pdbx_struct_conn_angle.ptnr3_label_asym_id 
_pdbx_struct_conn_angle.ptnr3_label_comp_id 
_pdbx_struct_conn_angle.ptnr3_label_seq_id 
_pdbx_struct_conn_angle.ptnr3_auth_atom_id 
_pdbx_struct_conn_angle.ptnr3_auth_asym_id 
_pdbx_struct_conn_angle.ptnr3_auth_comp_id 
_pdbx_struct_conn_angle.ptnr3_auth_seq_id 
_pdbx_struct_conn_angle.ptnr3_PDB_ins_code 
_pdbx_struct_conn_angle.ptnr3_symmetry 
_pdbx_struct_conn_angle.value 
_pdbx_struct_conn_angle.value_esd 
1  O ? R HOH . ? A HOH 303 ? 1_555 MG ? C MG . ? A MG 202 ? 1_555 O ? R HOH . ? A HOH 311 ? 1_555 91.3  ? 
2  O ? R HOH . ? A HOH 303 ? 1_555 MG ? C MG . ? A MG 202 ? 1_555 O ? R HOH . ? A HOH 330 ? 1_555 86.5  ? 
3  O ? R HOH . ? A HOH 311 ? 1_555 MG ? C MG . ? A MG 202 ? 1_555 O ? R HOH . ? A HOH 330 ? 1_555 94.2  ? 
4  O ? R HOH . ? A HOH 303 ? 1_555 MG ? C MG . ? A MG 202 ? 1_555 O ? R HOH . ? A HOH 331 ? 1_555 88.8  ? 
5  O ? R HOH . ? A HOH 311 ? 1_555 MG ? C MG . ? A MG 202 ? 1_555 O ? R HOH . ? A HOH 331 ? 1_555 88.7  ? 
6  O ? R HOH . ? A HOH 330 ? 1_555 MG ? C MG . ? A MG 202 ? 1_555 O ? R HOH . ? A HOH 331 ? 1_555 174.5 ? 
7  O ? R HOH . ? A HOH 303 ? 1_555 MG ? C MG . ? A MG 202 ? 1_555 O ? R HOH . ? A HOH 333 ? 1_555 92.5  ? 
8  O ? R HOH . ? A HOH 311 ? 1_555 MG ? C MG . ? A MG 202 ? 1_555 O ? R HOH . ? A HOH 333 ? 1_555 175.6 ? 
9  O ? R HOH . ? A HOH 330 ? 1_555 MG ? C MG . ? A MG 202 ? 1_555 O ? R HOH . ? A HOH 333 ? 1_555 88.1  ? 
10 O ? R HOH . ? A HOH 331 ? 1_555 MG ? C MG . ? A MG 202 ? 1_555 O ? R HOH . ? A HOH 333 ? 1_555 89.3  ? 
11 O ? R HOH . ? A HOH 303 ? 1_555 MG ? C MG . ? A MG 202 ? 1_555 O ? R HOH . ? A HOH 337 ? 1_555 175.5 ? 
12 O ? R HOH . ? A HOH 311 ? 1_555 MG ? C MG . ? A MG 202 ? 1_555 O ? R HOH . ? A HOH 337 ? 1_555 87.1  ? 
13 O ? R HOH . ? A HOH 330 ? 1_555 MG ? C MG . ? A MG 202 ? 1_555 O ? R HOH . ? A HOH 337 ? 1_555 89.4  ? 
14 O ? R HOH . ? A HOH 331 ? 1_555 MG ? C MG . ? A MG 202 ? 1_555 O ? R HOH . ? A HOH 337 ? 1_555 95.4  ? 
15 O ? R HOH . ? A HOH 333 ? 1_555 MG ? C MG . ? A MG 202 ? 1_555 O ? R HOH . ? A HOH 337 ? 1_555 89.2  ? 
16 O ? R HOH . ? A HOH 304 ? 1_555 MG ? D MG . ? A MG 203 ? 1_555 O ? R HOH . ? A HOH 323 ? 1_555 84.4  ? 
17 O ? R HOH . ? A HOH 304 ? 1_555 MG ? D MG . ? A MG 203 ? 1_555 O ? R HOH . ? A HOH 334 ? 1_555 92.1  ? 
18 O ? R HOH . ? A HOH 323 ? 1_555 MG ? D MG . ? A MG 203 ? 1_555 O ? R HOH . ? A HOH 334 ? 1_555 90.4  ? 
19 O ? R HOH . ? A HOH 304 ? 1_555 MG ? D MG . ? A MG 203 ? 1_555 O ? R HOH . ? A HOH 335 ? 1_555 88.2  ? 
20 O ? R HOH . ? A HOH 323 ? 1_555 MG ? D MG . ? A MG 203 ? 1_555 O ? R HOH . ? A HOH 335 ? 1_555 98.7  ? 
21 O ? R HOH . ? A HOH 334 ? 1_555 MG ? D MG . ? A MG 203 ? 1_555 O ? R HOH . ? A HOH 335 ? 1_555 170.9 ? 
22 O ? R HOH . ? A HOH 304 ? 1_555 MG ? D MG . ? A MG 203 ? 1_555 O ? R HOH . ? A HOH 336 ? 1_555 88.8  ? 
23 O ? R HOH . ? A HOH 323 ? 1_555 MG ? D MG . ? A MG 203 ? 1_555 O ? R HOH . ? A HOH 336 ? 1_555 172.3 ? 
24 O ? R HOH . ? A HOH 334 ? 1_555 MG ? D MG . ? A MG 203 ? 1_555 O ? R HOH . ? A HOH 336 ? 1_555 86.1  ? 
25 O ? R HOH . ? A HOH 335 ? 1_555 MG ? D MG . ? A MG 203 ? 1_555 O ? R HOH . ? A HOH 336 ? 1_555 84.8  ? 
26 O ? R HOH . ? A HOH 304 ? 1_555 MG ? D MG . ? A MG 203 ? 1_555 O ? R HOH . ? A HOH 338 ? 1_555 176.2 ? 
27 O ? R HOH . ? A HOH 323 ? 1_555 MG ? D MG . ? A MG 203 ? 1_555 O ? R HOH . ? A HOH 338 ? 1_555 92.1  ? 
28 O ? R HOH . ? A HOH 334 ? 1_555 MG ? D MG . ? A MG 203 ? 1_555 O ? R HOH . ? A HOH 338 ? 1_555 86.2  ? 
29 O ? R HOH . ? A HOH 335 ? 1_555 MG ? D MG . ? A MG 203 ? 1_555 O ? R HOH . ? A HOH 338 ? 1_555 94.0  ? 
30 O ? R HOH . ? A HOH 336 ? 1_555 MG ? D MG . ? A MG 203 ? 1_555 O ? R HOH . ? A HOH 338 ? 1_555 94.5  ? 
# 
_pdbx_modification_feature.ordinal                            1 
_pdbx_modification_feature.label_comp_id                      CYS 
_pdbx_modification_feature.label_asym_id                      A 
_pdbx_modification_feature.label_seq_id                       26 
_pdbx_modification_feature.label_alt_id                       ? 
_pdbx_modification_feature.modified_residue_label_comp_id     CYS 
_pdbx_modification_feature.modified_residue_label_asym_id     A 
_pdbx_modification_feature.modified_residue_label_seq_id      65 
_pdbx_modification_feature.modified_residue_label_alt_id      ? 
_pdbx_modification_feature.auth_comp_id                       CYS 
_pdbx_modification_feature.auth_asym_id                       A 
_pdbx_modification_feature.auth_seq_id                        107 
_pdbx_modification_feature.PDB_ins_code                       ? 
_pdbx_modification_feature.symmetry                           1_555 
_pdbx_modification_feature.modified_residue_auth_comp_id      CYS 
_pdbx_modification_feature.modified_residue_auth_asym_id      A 
_pdbx_modification_feature.modified_residue_auth_seq_id       146 
_pdbx_modification_feature.modified_residue_PDB_ins_code      ? 
_pdbx_modification_feature.modified_residue_symmetry          7_555 
_pdbx_modification_feature.comp_id_linking_atom               SG 
_pdbx_modification_feature.modified_residue_id_linking_atom   SG 
_pdbx_modification_feature.modified_residue_id                . 
_pdbx_modification_feature.ref_pcm_id                         . 
_pdbx_modification_feature.ref_comp_id                        . 
_pdbx_modification_feature.type                               None 
_pdbx_modification_feature.category                           'Disulfide bridge' 
# 
_struct_sheet.id               AA1 
_struct_sheet.type             ? 
_struct_sheet.number_strands   4 
_struct_sheet.details          ? 
# 
loop_
_struct_sheet_order.sheet_id 
_struct_sheet_order.range_id_1 
_struct_sheet_order.range_id_2 
_struct_sheet_order.offset 
_struct_sheet_order.sense 
AA1 1 2 ? anti-parallel 
AA1 2 3 ? anti-parallel 
AA1 3 4 ? anti-parallel 
# 
loop_
_struct_sheet_range.sheet_id 
_struct_sheet_range.id 
_struct_sheet_range.beg_label_comp_id 
_struct_sheet_range.beg_label_asym_id 
_struct_sheet_range.beg_label_seq_id 
_struct_sheet_range.pdbx_beg_PDB_ins_code 
_struct_sheet_range.end_label_comp_id 
_struct_sheet_range.end_label_asym_id 
_struct_sheet_range.end_label_seq_id 
_struct_sheet_range.pdbx_end_PDB_ins_code 
_struct_sheet_range.beg_auth_comp_id 
_struct_sheet_range.beg_auth_asym_id 
_struct_sheet_range.beg_auth_seq_id 
_struct_sheet_range.end_auth_comp_id 
_struct_sheet_range.end_auth_asym_id 
_struct_sheet_range.end_auth_seq_id 
AA1 1 LYS A 16 ? TRP A 21 ? LYS A 97  TRP A 102 
AA1 2 CYS A 26 ? ASP A 36 ? CYS A 107 ASP A 117 
AA1 3 THR A 41 ? TYR A 46 ? THR A 122 TYR A 127 
AA1 4 ARG A 52 ? ASN A 56 ? ARG A 133 ASN A 137 
# 
loop_
_pdbx_struct_sheet_hbond.sheet_id 
_pdbx_struct_sheet_hbond.range_id_1 
_pdbx_struct_sheet_hbond.range_id_2 
_pdbx_struct_sheet_hbond.range_1_label_atom_id 
_pdbx_struct_sheet_hbond.range_1_label_comp_id 
_pdbx_struct_sheet_hbond.range_1_label_asym_id 
_pdbx_struct_sheet_hbond.range_1_label_seq_id 
_pdbx_struct_sheet_hbond.range_1_PDB_ins_code 
_pdbx_struct_sheet_hbond.range_1_auth_atom_id 
_pdbx_struct_sheet_hbond.range_1_auth_comp_id 
_pdbx_struct_sheet_hbond.range_1_auth_asym_id 
_pdbx_struct_sheet_hbond.range_1_auth_seq_id 
_pdbx_struct_sheet_hbond.range_2_label_atom_id 
_pdbx_struct_sheet_hbond.range_2_label_comp_id 
_pdbx_struct_sheet_hbond.range_2_label_asym_id 
_pdbx_struct_sheet_hbond.range_2_label_seq_id 
_pdbx_struct_sheet_hbond.range_2_PDB_ins_code 
_pdbx_struct_sheet_hbond.range_2_auth_atom_id 
_pdbx_struct_sheet_hbond.range_2_auth_comp_id 
_pdbx_struct_sheet_hbond.range_2_auth_asym_id 
_pdbx_struct_sheet_hbond.range_2_auth_seq_id 
AA1 1 2 N TRP A 21 ? N TRP A 102 O CYS A 26 ? O CYS A 107 
AA1 2 3 N ASP A 36 ? N ASP A 117 O THR A 41 ? O THR A 122 
AA1 3 4 N VAL A 44 ? N VAL A 125 O GLU A 53 ? O GLU A 134 
# 
_pdbx_entry_details.entry_id                   7W2P 
_pdbx_entry_details.has_ligand_of_interest     Y 
_pdbx_entry_details.compound_details           ? 
_pdbx_entry_details.source_details             ? 
_pdbx_entry_details.nonpolymer_details         ? 
_pdbx_entry_details.sequence_details           ? 
_pdbx_entry_details.has_protein_modification   Y 
# 
loop_
_pdbx_unobs_or_zero_occ_residues.id 
_pdbx_unobs_or_zero_occ_residues.PDB_model_num 
_pdbx_unobs_or_zero_occ_residues.polymer_flag 
_pdbx_unobs_or_zero_occ_residues.occupancy_flag 
_pdbx_unobs_or_zero_occ_residues.auth_asym_id 
_pdbx_unobs_or_zero_occ_residues.auth_comp_id 
_pdbx_unobs_or_zero_occ_residues.auth_seq_id 
_pdbx_unobs_or_zero_occ_residues.PDB_ins_code 
_pdbx_unobs_or_zero_occ_residues.label_asym_id 
_pdbx_unobs_or_zero_occ_residues.label_comp_id 
_pdbx_unobs_or_zero_occ_residues.label_seq_id 
1 1 Y 1 A LYS 82 ? A LYS 1 
2 1 Y 1 A LYS 83 ? A LYS 2 
# 
loop_
_chem_comp_atom.comp_id 
_chem_comp_atom.atom_id 
_chem_comp_atom.type_symbol 
_chem_comp_atom.pdbx_aromatic_flag 
_chem_comp_atom.pdbx_stereo_config 
_chem_comp_atom.pdbx_ordinal 
8AI CAJ  C  N N 1   
8AI CAK  C  N N 2   
8AI CAL  C  N N 3   
8AI CAH  C  N N 4   
8AI CAI  C  N N 5   
8AI CAM  C  N N 6   
8AI NAN  N  N N 7   
8AI CAO  C  N N 8   
8AI CAS  C  N N 9   
8AI CAR  C  N N 10  
8AI CAQ  C  N N 11  
8AI CAP  C  N N 12  
8AI NAG  N  N N 13  
8AI CAF  C  N N 14  
8AI CAE  C  Y N 15  
8AI CAD  C  Y N 16  
8AI CAC  C  Y N 17  
8AI CAB  C  Y N 18  
8AI FAA  F  N N 19  
8AI CAU  C  Y N 20  
8AI CAT  C  Y N 21  
8AI H1   H  N N 22  
8AI H2   H  N N 23  
8AI H3   H  N N 24  
8AI H4   H  N N 25  
8AI H6   H  N N 26  
8AI H7   H  N N 27  
8AI H8   H  N N 28  
8AI H9   H  N N 29  
8AI H10  H  N N 30  
8AI H11  H  N N 31  
8AI H12  H  N N 32  
8AI H13  H  N N 33  
8AI H14  H  N N 34  
8AI H15  H  N N 35  
8AI H16  H  N N 36  
8AI H17  H  N N 37  
8AI H18  H  N N 38  
8AI H19  H  N N 39  
8AI H20  H  N N 40  
ALA N    N  N N 41  
ALA CA   C  N S 42  
ALA C    C  N N 43  
ALA O    O  N N 44  
ALA CB   C  N N 45  
ALA OXT  O  N N 46  
ALA H    H  N N 47  
ALA H2   H  N N 48  
ALA HA   H  N N 49  
ALA HB1  H  N N 50  
ALA HB2  H  N N 51  
ALA HB3  H  N N 52  
ALA HXT  H  N N 53  
ARG N    N  N N 54  
ARG CA   C  N S 55  
ARG C    C  N N 56  
ARG O    O  N N 57  
ARG CB   C  N N 58  
ARG CG   C  N N 59  
ARG CD   C  N N 60  
ARG NE   N  N N 61  
ARG CZ   C  N N 62  
ARG NH1  N  N N 63  
ARG NH2  N  N N 64  
ARG OXT  O  N N 65  
ARG H    H  N N 66  
ARG H2   H  N N 67  
ARG HA   H  N N 68  
ARG HB2  H  N N 69  
ARG HB3  H  N N 70  
ARG HG2  H  N N 71  
ARG HG3  H  N N 72  
ARG HD2  H  N N 73  
ARG HD3  H  N N 74  
ARG HE   H  N N 75  
ARG HH11 H  N N 76  
ARG HH12 H  N N 77  
ARG HH21 H  N N 78  
ARG HH22 H  N N 79  
ARG HXT  H  N N 80  
ASN N    N  N N 81  
ASN CA   C  N S 82  
ASN C    C  N N 83  
ASN O    O  N N 84  
ASN CB   C  N N 85  
ASN CG   C  N N 86  
ASN OD1  O  N N 87  
ASN ND2  N  N N 88  
ASN OXT  O  N N 89  
ASN H    H  N N 90  
ASN H2   H  N N 91  
ASN HA   H  N N 92  
ASN HB2  H  N N 93  
ASN HB3  H  N N 94  
ASN HD21 H  N N 95  
ASN HD22 H  N N 96  
ASN HXT  H  N N 97  
ASP N    N  N N 98  
ASP CA   C  N S 99  
ASP C    C  N N 100 
ASP O    O  N N 101 
ASP CB   C  N N 102 
ASP CG   C  N N 103 
ASP OD1  O  N N 104 
ASP OD2  O  N N 105 
ASP OXT  O  N N 106 
ASP H    H  N N 107 
ASP H2   H  N N 108 
ASP HA   H  N N 109 
ASP HB2  H  N N 110 
ASP HB3  H  N N 111 
ASP HD2  H  N N 112 
ASP HXT  H  N N 113 
CYS N    N  N N 114 
CYS CA   C  N R 115 
CYS C    C  N N 116 
CYS O    O  N N 117 
CYS CB   C  N N 118 
CYS SG   S  N N 119 
CYS OXT  O  N N 120 
CYS H    H  N N 121 
CYS H2   H  N N 122 
CYS HA   H  N N 123 
CYS HB2  H  N N 124 
CYS HB3  H  N N 125 
CYS HG   H  N N 126 
CYS HXT  H  N N 127 
GLN N    N  N N 128 
GLN CA   C  N S 129 
GLN C    C  N N 130 
GLN O    O  N N 131 
GLN CB   C  N N 132 
GLN CG   C  N N 133 
GLN CD   C  N N 134 
GLN OE1  O  N N 135 
GLN NE2  N  N N 136 
GLN OXT  O  N N 137 
GLN H    H  N N 138 
GLN H2   H  N N 139 
GLN HA   H  N N 140 
GLN HB2  H  N N 141 
GLN HB3  H  N N 142 
GLN HG2  H  N N 143 
GLN HG3  H  N N 144 
GLN HE21 H  N N 145 
GLN HE22 H  N N 146 
GLN HXT  H  N N 147 
GLU N    N  N N 148 
GLU CA   C  N S 149 
GLU C    C  N N 150 
GLU O    O  N N 151 
GLU CB   C  N N 152 
GLU CG   C  N N 153 
GLU CD   C  N N 154 
GLU OE1  O  N N 155 
GLU OE2  O  N N 156 
GLU OXT  O  N N 157 
GLU H    H  N N 158 
GLU H2   H  N N 159 
GLU HA   H  N N 160 
GLU HB2  H  N N 161 
GLU HB3  H  N N 162 
GLU HG2  H  N N 163 
GLU HG3  H  N N 164 
GLU HE2  H  N N 165 
GLU HXT  H  N N 166 
GLY N    N  N N 167 
GLY CA   C  N N 168 
GLY C    C  N N 169 
GLY O    O  N N 170 
GLY OXT  O  N N 171 
GLY H    H  N N 172 
GLY H2   H  N N 173 
GLY HA2  H  N N 174 
GLY HA3  H  N N 175 
GLY HXT  H  N N 176 
HOH O    O  N N 177 
HOH H1   H  N N 178 
HOH H2   H  N N 179 
ILE N    N  N N 180 
ILE CA   C  N S 181 
ILE C    C  N N 182 
ILE O    O  N N 183 
ILE CB   C  N S 184 
ILE CG1  C  N N 185 
ILE CG2  C  N N 186 
ILE CD1  C  N N 187 
ILE OXT  O  N N 188 
ILE H    H  N N 189 
ILE H2   H  N N 190 
ILE HA   H  N N 191 
ILE HB   H  N N 192 
ILE HG12 H  N N 193 
ILE HG13 H  N N 194 
ILE HG21 H  N N 195 
ILE HG22 H  N N 196 
ILE HG23 H  N N 197 
ILE HD11 H  N N 198 
ILE HD12 H  N N 199 
ILE HD13 H  N N 200 
ILE HXT  H  N N 201 
LEU N    N  N N 202 
LEU CA   C  N S 203 
LEU C    C  N N 204 
LEU O    O  N N 205 
LEU CB   C  N N 206 
LEU CG   C  N N 207 
LEU CD1  C  N N 208 
LEU CD2  C  N N 209 
LEU OXT  O  N N 210 
LEU H    H  N N 211 
LEU H2   H  N N 212 
LEU HA   H  N N 213 
LEU HB2  H  N N 214 
LEU HB3  H  N N 215 
LEU HG   H  N N 216 
LEU HD11 H  N N 217 
LEU HD12 H  N N 218 
LEU HD13 H  N N 219 
LEU HD21 H  N N 220 
LEU HD22 H  N N 221 
LEU HD23 H  N N 222 
LEU HXT  H  N N 223 
LYS N    N  N N 224 
LYS CA   C  N S 225 
LYS C    C  N N 226 
LYS O    O  N N 227 
LYS CB   C  N N 228 
LYS CG   C  N N 229 
LYS CD   C  N N 230 
LYS CE   C  N N 231 
LYS NZ   N  N N 232 
LYS OXT  O  N N 233 
LYS H    H  N N 234 
LYS H2   H  N N 235 
LYS HA   H  N N 236 
LYS HB2  H  N N 237 
LYS HB3  H  N N 238 
LYS HG2  H  N N 239 
LYS HG3  H  N N 240 
LYS HD2  H  N N 241 
LYS HD3  H  N N 242 
LYS HE2  H  N N 243 
LYS HE3  H  N N 244 
LYS HZ1  H  N N 245 
LYS HZ2  H  N N 246 
LYS HZ3  H  N N 247 
LYS HXT  H  N N 248 
MG  MG   MG N N 249 
PHE N    N  N N 250 
PHE CA   C  N S 251 
PHE C    C  N N 252 
PHE O    O  N N 253 
PHE CB   C  N N 254 
PHE CG   C  Y N 255 
PHE CD1  C  Y N 256 
PHE CD2  C  Y N 257 
PHE CE1  C  Y N 258 
PHE CE2  C  Y N 259 
PHE CZ   C  Y N 260 
PHE OXT  O  N N 261 
PHE H    H  N N 262 
PHE H2   H  N N 263 
PHE HA   H  N N 264 
PHE HB2  H  N N 265 
PHE HB3  H  N N 266 
PHE HD1  H  N N 267 
PHE HD2  H  N N 268 
PHE HE1  H  N N 269 
PHE HE2  H  N N 270 
PHE HZ   H  N N 271 
PHE HXT  H  N N 272 
PRO N    N  N N 273 
PRO CA   C  N S 274 
PRO C    C  N N 275 
PRO O    O  N N 276 
PRO CB   C  N N 277 
PRO CG   C  N N 278 
PRO CD   C  N N 279 
PRO OXT  O  N N 280 
PRO H    H  N N 281 
PRO HA   H  N N 282 
PRO HB2  H  N N 283 
PRO HB3  H  N N 284 
PRO HG2  H  N N 285 
PRO HG3  H  N N 286 
PRO HD2  H  N N 287 
PRO HD3  H  N N 288 
PRO HXT  H  N N 289 
SER N    N  N N 290 
SER CA   C  N S 291 
SER C    C  N N 292 
SER O    O  N N 293 
SER CB   C  N N 294 
SER OG   O  N N 295 
SER OXT  O  N N 296 
SER H    H  N N 297 
SER H2   H  N N 298 
SER HA   H  N N 299 
SER HB2  H  N N 300 
SER HB3  H  N N 301 
SER HG   H  N N 302 
SER HXT  H  N N 303 
THR N    N  N N 304 
THR CA   C  N S 305 
THR C    C  N N 306 
THR O    O  N N 307 
THR CB   C  N R 308 
THR OG1  O  N N 309 
THR CG2  C  N N 310 
THR OXT  O  N N 311 
THR H    H  N N 312 
THR H2   H  N N 313 
THR HA   H  N N 314 
THR HB   H  N N 315 
THR HG1  H  N N 316 
THR HG21 H  N N 317 
THR HG22 H  N N 318 
THR HG23 H  N N 319 
THR HXT  H  N N 320 
TRP N    N  N N 321 
TRP CA   C  N S 322 
TRP C    C  N N 323 
TRP O    O  N N 324 
TRP CB   C  N N 325 
TRP CG   C  Y N 326 
TRP CD1  C  Y N 327 
TRP CD2  C  Y N 328 
TRP NE1  N  Y N 329 
TRP CE2  C  Y N 330 
TRP CE3  C  Y N 331 
TRP CZ2  C  Y N 332 
TRP CZ3  C  Y N 333 
TRP CH2  C  Y N 334 
TRP OXT  O  N N 335 
TRP H    H  N N 336 
TRP H2   H  N N 337 
TRP HA   H  N N 338 
TRP HB2  H  N N 339 
TRP HB3  H  N N 340 
TRP HD1  H  N N 341 
TRP HE1  H  N N 342 
TRP HE3  H  N N 343 
TRP HZ2  H  N N 344 
TRP HZ3  H  N N 345 
TRP HH2  H  N N 346 
TRP HXT  H  N N 347 
TYR N    N  N N 348 
TYR CA   C  N S 349 
TYR C    C  N N 350 
TYR O    O  N N 351 
TYR CB   C  N N 352 
TYR CG   C  Y N 353 
TYR CD1  C  Y N 354 
TYR CD2  C  Y N 355 
TYR CE1  C  Y N 356 
TYR CE2  C  Y N 357 
TYR CZ   C  Y N 358 
TYR OH   O  N N 359 
TYR OXT  O  N N 360 
TYR H    H  N N 361 
TYR H2   H  N N 362 
TYR HA   H  N N 363 
TYR HB2  H  N N 364 
TYR HB3  H  N N 365 
TYR HD1  H  N N 366 
TYR HD2  H  N N 367 
TYR HE1  H  N N 368 
TYR HE2  H  N N 369 
TYR HH   H  N N 370 
TYR HXT  H  N N 371 
VAL N    N  N N 372 
VAL CA   C  N S 373 
VAL C    C  N N 374 
VAL O    O  N N 375 
VAL CB   C  N N 376 
VAL CG1  C  N N 377 
VAL CG2  C  N N 378 
VAL OXT  O  N N 379 
VAL H    H  N N 380 
VAL H2   H  N N 381 
VAL HA   H  N N 382 
VAL HB   H  N N 383 
VAL HG11 H  N N 384 
VAL HG12 H  N N 385 
VAL HG13 H  N N 386 
VAL HG21 H  N N 387 
VAL HG22 H  N N 388 
VAL HG23 H  N N 389 
VAL HXT  H  N N 390 
# 
loop_
_chem_comp_bond.comp_id 
_chem_comp_bond.atom_id_1 
_chem_comp_bond.atom_id_2 
_chem_comp_bond.value_order 
_chem_comp_bond.pdbx_aromatic_flag 
_chem_comp_bond.pdbx_stereo_config 
_chem_comp_bond.pdbx_ordinal 
8AI CAR CAS  sing N N 1   
8AI CAR CAQ  sing N N 2   
8AI CAS CAO  sing N N 3   
8AI NAN CAM  doub N N 4   
8AI CAQ CAP  sing N N 5   
8AI CAO CAM  sing N N 6   
8AI CAO CAP  doub N N 7   
8AI CAM CAI  sing N N 8   
8AI CAP NAG  sing N N 9   
8AI CAC CAD  doub Y N 10  
8AI CAC CAB  sing Y N 11  
8AI CAD CAE  sing Y N 12  
8AI CAI CAH  doub N N 13  
8AI CAI CAJ  sing N N 14  
8AI NAG CAH  sing N N 15  
8AI NAG CAF  sing N N 16  
8AI CAH CAL  sing N N 17  
8AI FAA CAB  sing N N 18  
8AI CAB CAU  doub Y N 19  
8AI CAF CAE  sing N N 20  
8AI CAJ CAK  sing N N 21  
8AI CAE CAT  doub Y N 22  
8AI CAU CAT  sing Y N 23  
8AI CAL CAK  sing N N 24  
8AI CAJ H1   sing N N 25  
8AI CAK H2   sing N N 26  
8AI CAL H3   sing N N 27  
8AI NAN H4   sing N N 28  
8AI CAS H6   sing N N 29  
8AI CAS H7   sing N N 30  
8AI CAR H8   sing N N 31  
8AI CAR H9   sing N N 32  
8AI CAQ H10  sing N N 33  
8AI CAQ H11  sing N N 34  
8AI CAF H12  sing N N 35  
8AI CAF H13  sing N N 36  
8AI CAD H14  sing N N 37  
8AI CAC H15  sing N N 38  
8AI CAU H16  sing N N 39  
8AI CAT H17  sing N N 40  
8AI CAJ H18  sing N N 41  
8AI CAK H19  sing N N 42  
8AI CAL H20  sing N N 43  
ALA N   CA   sing N N 44  
ALA N   H    sing N N 45  
ALA N   H2   sing N N 46  
ALA CA  C    sing N N 47  
ALA CA  CB   sing N N 48  
ALA CA  HA   sing N N 49  
ALA C   O    doub N N 50  
ALA C   OXT  sing N N 51  
ALA CB  HB1  sing N N 52  
ALA CB  HB2  sing N N 53  
ALA CB  HB3  sing N N 54  
ALA OXT HXT  sing N N 55  
ARG N   CA   sing N N 56  
ARG N   H    sing N N 57  
ARG N   H2   sing N N 58  
ARG CA  C    sing N N 59  
ARG CA  CB   sing N N 60  
ARG CA  HA   sing N N 61  
ARG C   O    doub N N 62  
ARG C   OXT  sing N N 63  
ARG CB  CG   sing N N 64  
ARG CB  HB2  sing N N 65  
ARG CB  HB3  sing N N 66  
ARG CG  CD   sing N N 67  
ARG CG  HG2  sing N N 68  
ARG CG  HG3  sing N N 69  
ARG CD  NE   sing N N 70  
ARG CD  HD2  sing N N 71  
ARG CD  HD3  sing N N 72  
ARG NE  CZ   sing N N 73  
ARG NE  HE   sing N N 74  
ARG CZ  NH1  sing N N 75  
ARG CZ  NH2  doub N N 76  
ARG NH1 HH11 sing N N 77  
ARG NH1 HH12 sing N N 78  
ARG NH2 HH21 sing N N 79  
ARG NH2 HH22 sing N N 80  
ARG OXT HXT  sing N N 81  
ASN N   CA   sing N N 82  
ASN N   H    sing N N 83  
ASN N   H2   sing N N 84  
ASN CA  C    sing N N 85  
ASN CA  CB   sing N N 86  
ASN CA  HA   sing N N 87  
ASN C   O    doub N N 88  
ASN C   OXT  sing N N 89  
ASN CB  CG   sing N N 90  
ASN CB  HB2  sing N N 91  
ASN CB  HB3  sing N N 92  
ASN CG  OD1  doub N N 93  
ASN CG  ND2  sing N N 94  
ASN ND2 HD21 sing N N 95  
ASN ND2 HD22 sing N N 96  
ASN OXT HXT  sing N N 97  
ASP N   CA   sing N N 98  
ASP N   H    sing N N 99  
ASP N   H2   sing N N 100 
ASP CA  C    sing N N 101 
ASP CA  CB   sing N N 102 
ASP CA  HA   sing N N 103 
ASP C   O    doub N N 104 
ASP C   OXT  sing N N 105 
ASP CB  CG   sing N N 106 
ASP CB  HB2  sing N N 107 
ASP CB  HB3  sing N N 108 
ASP CG  OD1  doub N N 109 
ASP CG  OD2  sing N N 110 
ASP OD2 HD2  sing N N 111 
ASP OXT HXT  sing N N 112 
CYS N   CA   sing N N 113 
CYS N   H    sing N N 114 
CYS N   H2   sing N N 115 
CYS CA  C    sing N N 116 
CYS CA  CB   sing N N 117 
CYS CA  HA   sing N N 118 
CYS C   O    doub N N 119 
CYS C   OXT  sing N N 120 
CYS CB  SG   sing N N 121 
CYS CB  HB2  sing N N 122 
CYS CB  HB3  sing N N 123 
CYS SG  HG   sing N N 124 
CYS OXT HXT  sing N N 125 
GLN N   CA   sing N N 126 
GLN N   H    sing N N 127 
GLN N   H2   sing N N 128 
GLN CA  C    sing N N 129 
GLN CA  CB   sing N N 130 
GLN CA  HA   sing N N 131 
GLN C   O    doub N N 132 
GLN C   OXT  sing N N 133 
GLN CB  CG   sing N N 134 
GLN CB  HB2  sing N N 135 
GLN CB  HB3  sing N N 136 
GLN CG  CD   sing N N 137 
GLN CG  HG2  sing N N 138 
GLN CG  HG3  sing N N 139 
GLN CD  OE1  doub N N 140 
GLN CD  NE2  sing N N 141 
GLN NE2 HE21 sing N N 142 
GLN NE2 HE22 sing N N 143 
GLN OXT HXT  sing N N 144 
GLU N   CA   sing N N 145 
GLU N   H    sing N N 146 
GLU N   H2   sing N N 147 
GLU CA  C    sing N N 148 
GLU CA  CB   sing N N 149 
GLU CA  HA   sing N N 150 
GLU C   O    doub N N 151 
GLU C   OXT  sing N N 152 
GLU CB  CG   sing N N 153 
GLU CB  HB2  sing N N 154 
GLU CB  HB3  sing N N 155 
GLU CG  CD   sing N N 156 
GLU CG  HG2  sing N N 157 
GLU CG  HG3  sing N N 158 
GLU CD  OE1  doub N N 159 
GLU CD  OE2  sing N N 160 
GLU OE2 HE2  sing N N 161 
GLU OXT HXT  sing N N 162 
GLY N   CA   sing N N 163 
GLY N   H    sing N N 164 
GLY N   H2   sing N N 165 
GLY CA  C    sing N N 166 
GLY CA  HA2  sing N N 167 
GLY CA  HA3  sing N N 168 
GLY C   O    doub N N 169 
GLY C   OXT  sing N N 170 
GLY OXT HXT  sing N N 171 
HOH O   H1   sing N N 172 
HOH O   H2   sing N N 173 
ILE N   CA   sing N N 174 
ILE N   H    sing N N 175 
ILE N   H2   sing N N 176 
ILE CA  C    sing N N 177 
ILE CA  CB   sing N N 178 
ILE CA  HA   sing N N 179 
ILE C   O    doub N N 180 
ILE C   OXT  sing N N 181 
ILE CB  CG1  sing N N 182 
ILE CB  CG2  sing N N 183 
ILE CB  HB   sing N N 184 
ILE CG1 CD1  sing N N 185 
ILE CG1 HG12 sing N N 186 
ILE CG1 HG13 sing N N 187 
ILE CG2 HG21 sing N N 188 
ILE CG2 HG22 sing N N 189 
ILE CG2 HG23 sing N N 190 
ILE CD1 HD11 sing N N 191 
ILE CD1 HD12 sing N N 192 
ILE CD1 HD13 sing N N 193 
ILE OXT HXT  sing N N 194 
LEU N   CA   sing N N 195 
LEU N   H    sing N N 196 
LEU N   H2   sing N N 197 
LEU CA  C    sing N N 198 
LEU CA  CB   sing N N 199 
LEU CA  HA   sing N N 200 
LEU C   O    doub N N 201 
LEU C   OXT  sing N N 202 
LEU CB  CG   sing N N 203 
LEU CB  HB2  sing N N 204 
LEU CB  HB3  sing N N 205 
LEU CG  CD1  sing N N 206 
LEU CG  CD2  sing N N 207 
LEU CG  HG   sing N N 208 
LEU CD1 HD11 sing N N 209 
LEU CD1 HD12 sing N N 210 
LEU CD1 HD13 sing N N 211 
LEU CD2 HD21 sing N N 212 
LEU CD2 HD22 sing N N 213 
LEU CD2 HD23 sing N N 214 
LEU OXT HXT  sing N N 215 
LYS N   CA   sing N N 216 
LYS N   H    sing N N 217 
LYS N   H2   sing N N 218 
LYS CA  C    sing N N 219 
LYS CA  CB   sing N N 220 
LYS CA  HA   sing N N 221 
LYS C   O    doub N N 222 
LYS C   OXT  sing N N 223 
LYS CB  CG   sing N N 224 
LYS CB  HB2  sing N N 225 
LYS CB  HB3  sing N N 226 
LYS CG  CD   sing N N 227 
LYS CG  HG2  sing N N 228 
LYS CG  HG3  sing N N 229 
LYS CD  CE   sing N N 230 
LYS CD  HD2  sing N N 231 
LYS CD  HD3  sing N N 232 
LYS CE  NZ   sing N N 233 
LYS CE  HE2  sing N N 234 
LYS CE  HE3  sing N N 235 
LYS NZ  HZ1  sing N N 236 
LYS NZ  HZ2  sing N N 237 
LYS NZ  HZ3  sing N N 238 
LYS OXT HXT  sing N N 239 
PHE N   CA   sing N N 240 
PHE N   H    sing N N 241 
PHE N   H2   sing N N 242 
PHE CA  C    sing N N 243 
PHE CA  CB   sing N N 244 
PHE CA  HA   sing N N 245 
PHE C   O    doub N N 246 
PHE C   OXT  sing N N 247 
PHE CB  CG   sing N N 248 
PHE CB  HB2  sing N N 249 
PHE CB  HB3  sing N N 250 
PHE CG  CD1  doub Y N 251 
PHE CG  CD2  sing Y N 252 
PHE CD1 CE1  sing Y N 253 
PHE CD1 HD1  sing N N 254 
PHE CD2 CE2  doub Y N 255 
PHE CD2 HD2  sing N N 256 
PHE CE1 CZ   doub Y N 257 
PHE CE1 HE1  sing N N 258 
PHE CE2 CZ   sing Y N 259 
PHE CE2 HE2  sing N N 260 
PHE CZ  HZ   sing N N 261 
PHE OXT HXT  sing N N 262 
PRO N   CA   sing N N 263 
PRO N   CD   sing N N 264 
PRO N   H    sing N N 265 
PRO CA  C    sing N N 266 
PRO CA  CB   sing N N 267 
PRO CA  HA   sing N N 268 
PRO C   O    doub N N 269 
PRO C   OXT  sing N N 270 
PRO CB  CG   sing N N 271 
PRO CB  HB2  sing N N 272 
PRO CB  HB3  sing N N 273 
PRO CG  CD   sing N N 274 
PRO CG  HG2  sing N N 275 
PRO CG  HG3  sing N N 276 
PRO CD  HD2  sing N N 277 
PRO CD  HD3  sing N N 278 
PRO OXT HXT  sing N N 279 
SER N   CA   sing N N 280 
SER N   H    sing N N 281 
SER N   H2   sing N N 282 
SER CA  C    sing N N 283 
SER CA  CB   sing N N 284 
SER CA  HA   sing N N 285 
SER C   O    doub N N 286 
SER C   OXT  sing N N 287 
SER CB  OG   sing N N 288 
SER CB  HB2  sing N N 289 
SER CB  HB3  sing N N 290 
SER OG  HG   sing N N 291 
SER OXT HXT  sing N N 292 
THR N   CA   sing N N 293 
THR N   H    sing N N 294 
THR N   H2   sing N N 295 
THR CA  C    sing N N 296 
THR CA  CB   sing N N 297 
THR CA  HA   sing N N 298 
THR C   O    doub N N 299 
THR C   OXT  sing N N 300 
THR CB  OG1  sing N N 301 
THR CB  CG2  sing N N 302 
THR CB  HB   sing N N 303 
THR OG1 HG1  sing N N 304 
THR CG2 HG21 sing N N 305 
THR CG2 HG22 sing N N 306 
THR CG2 HG23 sing N N 307 
THR OXT HXT  sing N N 308 
TRP N   CA   sing N N 309 
TRP N   H    sing N N 310 
TRP N   H2   sing N N 311 
TRP CA  C    sing N N 312 
TRP CA  CB   sing N N 313 
TRP CA  HA   sing N N 314 
TRP C   O    doub N N 315 
TRP C   OXT  sing N N 316 
TRP CB  CG   sing N N 317 
TRP CB  HB2  sing N N 318 
TRP CB  HB3  sing N N 319 
TRP CG  CD1  doub Y N 320 
TRP CG  CD2  sing Y N 321 
TRP CD1 NE1  sing Y N 322 
TRP CD1 HD1  sing N N 323 
TRP CD2 CE2  doub Y N 324 
TRP CD2 CE3  sing Y N 325 
TRP NE1 CE2  sing Y N 326 
TRP NE1 HE1  sing N N 327 
TRP CE2 CZ2  sing Y N 328 
TRP CE3 CZ3  doub Y N 329 
TRP CE3 HE3  sing N N 330 
TRP CZ2 CH2  doub Y N 331 
TRP CZ2 HZ2  sing N N 332 
TRP CZ3 CH2  sing Y N 333 
TRP CZ3 HZ3  sing N N 334 
TRP CH2 HH2  sing N N 335 
TRP OXT HXT  sing N N 336 
TYR N   CA   sing N N 337 
TYR N   H    sing N N 338 
TYR N   H2   sing N N 339 
TYR CA  C    sing N N 340 
TYR CA  CB   sing N N 341 
TYR CA  HA   sing N N 342 
TYR C   O    doub N N 343 
TYR C   OXT  sing N N 344 
TYR CB  CG   sing N N 345 
TYR CB  HB2  sing N N 346 
TYR CB  HB3  sing N N 347 
TYR CG  CD1  doub Y N 348 
TYR CG  CD2  sing Y N 349 
TYR CD1 CE1  sing Y N 350 
TYR CD1 HD1  sing N N 351 
TYR CD2 CE2  doub Y N 352 
TYR CD2 HD2  sing N N 353 
TYR CE1 CZ   doub Y N 354 
TYR CE1 HE1  sing N N 355 
TYR CE2 CZ   sing Y N 356 
TYR CE2 HE2  sing N N 357 
TYR CZ  OH   sing N N 358 
TYR OH  HH   sing N N 359 
TYR OXT HXT  sing N N 360 
VAL N   CA   sing N N 361 
VAL N   H    sing N N 362 
VAL N   H2   sing N N 363 
VAL CA  C    sing N N 364 
VAL CA  CB   sing N N 365 
VAL CA  HA   sing N N 366 
VAL C   O    doub N N 367 
VAL C   OXT  sing N N 368 
VAL CB  CG1  sing N N 369 
VAL CB  CG2  sing N N 370 
VAL CB  HB   sing N N 371 
VAL CG1 HG11 sing N N 372 
VAL CG1 HG12 sing N N 373 
VAL CG1 HG13 sing N N 374 
VAL CG2 HG21 sing N N 375 
VAL CG2 HG22 sing N N 376 
VAL CG2 HG23 sing N N 377 
VAL OXT HXT  sing N N 378 
# 
_pdbx_audit_support.funding_organization   'Natural Sciences and Engineering Research Council (NSERC, Canada)' 
_pdbx_audit_support.country                Canada 
_pdbx_audit_support.grant_number           ? 
_pdbx_audit_support.ordinal                1 
# 
_pdbx_initial_refinement_model.id               1 
_pdbx_initial_refinement_model.entity_id_list   ? 
_pdbx_initial_refinement_model.type             'experimental model' 
_pdbx_initial_refinement_model.source_name      PDB 
_pdbx_initial_refinement_model.accession_code   4QQ6 
_pdbx_initial_refinement_model.details          ? 
# 
_atom_sites.entry_id                    7W2P 
_atom_sites.Cartn_transf_matrix[1][1]   ? 
_atom_sites.Cartn_transf_matrix[1][2]   ? 
_atom_sites.Cartn_transf_matrix[1][3]   ? 
_atom_sites.Cartn_transf_matrix[2][1]   ? 
_atom_sites.Cartn_transf_matrix[2][2]   ? 
_atom_sites.Cartn_transf_matrix[2][3]   ? 
_atom_sites.Cartn_transf_matrix[3][1]   ? 
_atom_sites.Cartn_transf_matrix[3][2]   ? 
_atom_sites.Cartn_transf_matrix[3][3]   ? 
_atom_sites.Cartn_transf_vector[1]      ? 
_atom_sites.Cartn_transf_vector[2]      ? 
_atom_sites.Cartn_transf_vector[3]      ? 
_atom_sites.fract_transf_matrix[1][1]   0.00282379 
_atom_sites.fract_transf_matrix[1][2]   0.02765299 
_atom_sites.fract_transf_matrix[1][3]   -0.00189047 
_atom_sites.fract_transf_matrix[2][1]   0.01138150 
_atom_sites.fract_transf_matrix[2][2]   -0.00288948 
_atom_sites.fract_transf_matrix[2][3]   -0.02526555 
_atom_sites.fract_transf_matrix[3][1]   -0.00986028 
_atom_sites.fract_transf_matrix[3][2]   0.00069777 
_atom_sites.fract_transf_matrix[3][3]   -0.00452161 
_atom_sites.fract_transf_vector[1]      -0.033881 
_atom_sites.fract_transf_vector[2]      0.350410 
_atom_sites.fract_transf_vector[3]      -0.065680 
_atom_sites.solution_primary            ? 
_atom_sites.solution_secondary          ? 
_atom_sites.solution_hydrogens          ? 
_atom_sites.special_details             ? 
# 
loop_
_atom_type.symbol 
C  
F  
MG 
N  
O  
S  
X  
# 
loop_
_atom_site.group_PDB 
_atom_site.id 
_atom_site.type_symbol 
_atom_site.label_atom_id 
_atom_site.label_alt_id 
_atom_site.label_comp_id 
_atom_site.label_asym_id 
_atom_site.label_entity_id 
_atom_site.label_seq_id 
_atom_site.pdbx_PDB_ins_code 
_atom_site.Cartn_x 
_atom_site.Cartn_y 
_atom_site.Cartn_z 
_atom_site.occupancy 
_atom_site.B_iso_or_equiv 
_atom_site.pdbx_formal_charge 
_atom_site.auth_seq_id 
_atom_site.auth_comp_id 
_atom_site.auth_asym_id 
_atom_site.auth_atom_id 
_atom_site.pdbx_PDB_model_num 
ATOM   1   C  CA  . ASN A 1 3  ? 18.719  2.429   -4.451  1.00 55.23 ? 84  ASN A CA  1 
ATOM   2   C  C   . ASN A 1 3  ? 18.319  3.863   -4.074  1.00 42.22 ? 84  ASN A C   1 
ATOM   3   O  O   . ASN A 1 3  ? 17.778  4.066   -2.948  1.00 35.78 ? 84  ASN A O   1 
ATOM   4   N  N   . THR A 1 4  ? 18.592  4.847   -4.942  1.00 44.20 ? 85  THR A N   1 
ATOM   5   C  CA  . THR A 1 4  ? 18.293  6.280   -4.664  1.00 40.83 ? 85  THR A CA  1 
ATOM   6   C  C   . THR A 1 4  ? 16.775  6.457   -4.547  1.00 40.71 ? 85  THR A C   1 
ATOM   7   O  O   . THR A 1 4  ? 16.320  7.263   -3.730  1.00 35.81 ? 85  THR A O   1 
ATOM   8   C  CB  . THR A 1 4  ? 18.849  7.244   -5.723  1.00 47.01 ? 85  THR A CB  1 
ATOM   9   O  OG1 . THR A 1 4  ? 20.227  6.949   -5.956  1.00 57.12 ? 85  THR A OG1 1 
ATOM   10  C  CG2 . THR A 1 4  ? 18.709  8.689   -5.292  1.00 51.67 ? 85  THR A CG2 1 
ATOM   11  N  N   . ALA A 1 5  ? 16.000  5.726   -5.345  1.00 33.59 ? 86  ALA A N   1 
ATOM   12  C  CA  . ALA A 1 5  ? 14.521  5.845   -5.322  1.00 30.03 ? 86  ALA A CA  1 
ATOM   13  C  C   . ALA A 1 5  ? 14.046  5.457   -3.927  1.00 26.58 ? 86  ALA A C   1 
ATOM   14  O  O   . ALA A 1 5  ? 13.245  6.220   -3.312  1.00 28.23 ? 86  ALA A O   1 
ATOM   15  C  CB  . ALA A 1 5  ? 13.864  5.014   -6.405  1.00 29.25 ? 86  ALA A CB  1 
ATOM   16  N  N   . ALA A 1 6  ? 14.521  4.326   -3.399  1.00 22.63 ? 87  ALA A N   1 
ATOM   17  C  CA  . ALA A 1 6  ? 14.140  3.898   -2.035  1.00 20.92 ? 87  ALA A CA  1 
ATOM   18  C  C   . ALA A 1 6  ? 14.583  4.940   -1.004  1.00 20.41 ? 87  ALA A C   1 
ATOM   19  O  O   . ALA A 1 6  ? 13.825  5.177   -0.041  1.00 19.39 ? 87  ALA A O   1 
ATOM   20  C  CB  . ALA A 1 6  ? 14.688  2.531   -1.742  1.00 21.99 ? 87  ALA A CB  1 
ATOM   21  N  N   . SER A 1 7  ? 15.759  5.547   -1.129  1.00 20.01 ? 88  SER A N   1 
ATOM   22  C  CA  . SER A 1 7  ? 16.300  6.494   -0.121  1.00 19.26 ? 88  SER A CA  1 
ATOM   23  C  C   . SER A 1 7  ? 15.382  7.707   0.031   1.00 19.13 ? 88  SER A C   1 
ATOM   24  O  O   . SER A 1 7  ? 15.396  8.323   1.100   1.00 19.81 ? 88  SER A O   1 
ATOM   25  C  CB  . SER A 1 7  ? 17.709  6.956   -0.428  1.00 24.86 ? 88  SER A CB  1 
ATOM   26  O  OG  . SER A 1 7  ? 17.719  7.896   -1.489  1.00 32.64 ? 88  SER A OG  1 
ATOM   27  N  N   . LEU A 1 8  ? 14.635  8.058   -1.000  1.00 18.51 ? 89  LEU A N   1 
ATOM   28  C  CA  . LEU A 1 8  ? 13.720  9.226   -1.048  1.00 16.00 ? 89  LEU A CA  1 
ATOM   29  C  C   . LEU A 1 8  ? 12.266  8.774   -0.844  1.00 16.50 ? 89  LEU A C   1 
ATOM   30  O  O   . LEU A 1 8  ? 11.359  9.656   -0.848  1.00 18.95 ? 89  LEU A O   1 
ATOM   31  C  CB  . LEU A 1 8  ? 13.902  9.942   -2.383  1.00 20.20 ? 89  LEU A CB  1 
ATOM   32  C  CG  . LEU A 1 8  ? 15.157  10.783  -2.501  1.00 25.11 ? 89  LEU A CG  1 
ATOM   33  C  CD1 . LEU A 1 8  ? 15.332  11.257  -3.910  1.00 31.68 ? 89  LEU A CD1 1 
ATOM   34  C  CD2 . LEU A 1 8  ? 15.085  11.959  -1.555  1.00 30.14 ? 89  LEU A CD2 1 
ATOM   35  N  N   . GLN A 1 9  ? 12.014  7.484   -0.605  1.00 17.80 ? 90  GLN A N   1 
ATOM   36  C  CA  A GLN A 1 9  ? 10.661  6.904   -0.445  0.50 17.91 ? 90  GLN A CA  1 
ATOM   37  C  CA  B GLN A 1 9  ? 10.622  6.997   -0.445  0.50 19.54 ? 90  GLN A CA  1 
ATOM   38  C  C   . GLN A 1 9  ? 10.309  6.778   1.045   1.00 16.80 ? 90  GLN A C   1 
ATOM   39  O  O   . GLN A 1 9  ? 11.141  6.194   1.816   1.00 20.51 ? 90  GLN A O   1 
ATOM   40  C  CB  A GLN A 1 9  ? 10.663  5.541   -1.147  0.50 16.04 ? 90  GLN A CB  1 
ATOM   41  C  CB  B GLN A 1 9  ? 10.369  5.801   -1.376  0.50 25.09 ? 90  GLN A CB  1 
ATOM   42  C  CG  A GLN A 1 9  ? 9.298   4.869   -1.200  0.50 15.90 ? 90  GLN A CG  1 
ATOM   43  C  CG  B GLN A 1 9  ? 10.145  6.244   -2.819  0.50 29.73 ? 90  GLN A CG  1 
ATOM   44  C  CD  A GLN A 1 9  ? 8.208   5.772   -1.713  0.50 14.70 ? 90  GLN A CD  1 
ATOM   45  C  CD  B GLN A 1 9  ? 9.704   5.148   -3.752  0.50 29.08 ? 90  GLN A CD  1 
ATOM   46  O  OE1 A GLN A 1 9  ? 8.250   6.291   -2.843  0.50 20.05 ? 90  GLN A OE1 1 
ATOM   47  O  OE1 B GLN A 1 9  ? 8.777   4.410   -3.451  0.50 48.33 ? 90  GLN A OE1 1 
ATOM   48  N  NE2 A GLN A 1 9  ? 7.241   5.971   -0.852  0.50 14.57 ? 90  GLN A NE2 1 
ATOM   49  N  NE2 B GLN A 1 9  ? 10.370  5.019   -4.890  0.50 12.50 ? 90  GLN A NE2 1 
ATOM   50  N  N   . GLN A 1 10 ? 9.107   7.215   1.424   1.00 19.02 ? 91  GLN A N   1 
ATOM   51  C  CA  A GLN A 1 10 ? 8.586   7.091   2.808   0.50 21.29 ? 91  GLN A CA  1 
ATOM   52  C  CA  B GLN A 1 10 ? 8.530   7.094   2.789   0.50 19.27 ? 91  GLN A CA  1 
ATOM   53  C  C   . GLN A 1 10 ? 8.158   5.654   3.172   1.00 18.60 ? 91  GLN A C   1 
ATOM   54  O  O   . GLN A 1 10 ? 8.282   5.315   4.344   1.00 23.61 ? 91  GLN A O   1 
ATOM   55  C  CB  A GLN A 1 10 ? 7.432   8.063   3.011   0.50 22.75 ? 91  GLN A CB  1 
ATOM   56  C  CB  B GLN A 1 10 ? 7.292   7.972   2.927   0.50 24.29 ? 91  GLN A CB  1 
ATOM   57  C  CG  A GLN A 1 10 ? 6.812   7.973   4.403   0.50 24.53 ? 91  GLN A CG  1 
ATOM   58  C  CG  B GLN A 1 10 ? 6.233   7.780   1.848   0.50 26.43 ? 91  GLN A CG  1 
ATOM   59  C  CD  A GLN A 1 10 ? 5.311   7.803   4.404   0.50 31.49 ? 91  GLN A CD  1 
ATOM   60  C  CD  B GLN A 1 10 ? 5.148   8.827   1.939   0.50 24.64 ? 91  GLN A CD  1 
ATOM   61  O  OE1 A GLN A 1 10 ? 4.609   8.374   3.574   0.50 39.86 ? 91  GLN A OE1 1 
ATOM   62  O  OE1 B GLN A 1 10 ? 4.629   9.124   3.016   0.50 26.26 ? 91  GLN A OE1 1 
ATOM   63  N  NE2 A GLN A 1 10 ? 4.792   7.022   5.347   0.50 29.36 ? 91  GLN A NE2 1 
ATOM   64  N  NE2 B GLN A 1 10 ? 4.769   9.374   0.797   0.50 25.40 ? 91  GLN A NE2 1 
ATOM   65  N  N   . TRP A 1 11 ? 7.697   4.846   2.255   1.00 12.67 ? 92  TRP A N   1 
ATOM   66  C  CA  . TRP A 1 11 ? 7.107   3.529   2.541   1.00 10.71 ? 92  TRP A CA  1 
ATOM   67  C  C   . TRP A 1 11 ? 8.166   2.458   2.465   1.00 10.57 ? 92  TRP A C   1 
ATOM   68  O  O   . TRP A 1 11 ? 9.065   2.519   1.613   1.00 11.94 ? 92  TRP A O   1 
ATOM   69  C  CB  . TRP A 1 11 ? 5.976   3.249   1.556   1.00 11.04 ? 92  TRP A CB  1 
ATOM   70  C  CG  . TRP A 1 11 ? 4.811   4.167   1.652   1.00 10.18 ? 92  TRP A CG  1 
ATOM   71  C  CD1 . TRP A 1 11 ? 4.391   5.079   0.733   1.00 11.40 ? 92  TRP A CD1 1 
ATOM   72  C  CD2 . TRP A 1 11 ? 3.865   4.218   2.735   1.00 10.35 ? 92  TRP A CD2 1 
ATOM   73  N  NE1 . TRP A 1 11 ? 3.264   5.689   1.174   1.00 11.82 ? 92  TRP A NE1 1 
ATOM   74  C  CE2 . TRP A 1 11 ? 2.900   5.174   2.381   1.00 11.19 ? 92  TRP A CE2 1 
ATOM   75  C  CE3 . TRP A 1 11 ? 3.698   3.538   3.936   1.00 10.59 ? 92  TRP A CE3 1 
ATOM   76  C  CZ2 . TRP A 1 11 ? 1.805   5.475   3.187   1.00 12.27 ? 92  TRP A CZ2 1 
ATOM   77  C  CZ3 . TRP A 1 11 ? 2.613   3.820   4.719   1.00 11.85 ? 92  TRP A CZ3 1 
ATOM   78  C  CH2 . TRP A 1 11 ? 1.672   4.767   4.343   1.00 12.13 ? 92  TRP A CH2 1 
ATOM   79  N  N   . LYS A 1 12 ? 8.000   1.437   3.298   1.00 10.29 ? 93  LYS A N   1 
ATOM   80  C  CA  . LYS A 1 12 ? 8.866   0.268   3.392   1.00 10.88 ? 93  LYS A CA  1 
ATOM   81  C  C   . LYS A 1 12 ? 8.047   -1.005  3.506   1.00 10.01 ? 93  LYS A C   1 
ATOM   82  O  O   . LYS A 1 12 ? 6.905   -0.993  4.015   1.00 10.25 ? 93  LYS A O   1 
ATOM   83  C  CB  . LYS A 1 12 ? 9.802   0.387   4.603   1.00 11.29 ? 93  LYS A CB  1 
ATOM   84  C  CG  . LYS A 1 12 ? 10.731  1.580   4.562   1.00 13.36 ? 93  LYS A CG  1 
ATOM   85  C  CD  . LYS A 1 12 ? 11.621  1.697   5.790   1.00 13.24 ? 93  LYS A CD  1 
ATOM   86  C  CE  A LYS A 1 12 ? 12.682  0.624   5.871   0.60 13.71 ? 93  LYS A CE  1 
ATOM   87  C  CE  B LYS A 1 12 ? 12.659  0.624   5.960   0.40 13.63 ? 93  LYS A CE  1 
ATOM   88  N  NZ  A LYS A 1 12 ? 13.396  0.636   7.167   0.60 13.00 ? 93  LYS A NZ  1 
ATOM   89  N  NZ  B LYS A 1 12 ? 13.678  0.767   4.917   0.40 14.58 ? 93  LYS A NZ  1 
ATOM   90  N  N   . VAL A 1 13 ? 8.596   -2.103  3.033   1.00 10.55 ? 94  VAL A N   1 
ATOM   91  C  CA  . VAL A 1 13 ? 7.984   -3.430  3.219   1.00 10.51 ? 94  VAL A CA  1 
ATOM   92  C  C   . VAL A 1 13 ? 7.707   -3.648  4.705   1.00 10.44 ? 94  VAL A C   1 
ATOM   93  O  O   . VAL A 1 13 ? 8.581   -3.422  5.548   1.00 12.16 ? 94  VAL A O   1 
ATOM   94  C  CB  . VAL A 1 13 ? 8.834   -4.555  2.617   1.00 11.41 ? 94  VAL A CB  1 
ATOM   95  C  CG1 . VAL A 1 13 ? 8.305   -5.920  3.030   1.00 13.17 ? 94  VAL A CG1 1 
ATOM   96  C  CG2 . VAL A 1 13 ? 8.887   -4.401  1.118   1.00 13.49 ? 94  VAL A CG2 1 
ATOM   97  N  N   . GLY A 1 14 ? 6.493   -4.110  5.015   1.00 11.13 ? 95  GLY A N   1 
ATOM   98  C  CA  . GLY A 1 14 ? 6.050   -4.393  6.385   1.00 11.98 ? 95  GLY A CA  1 
ATOM   99  C  C   . GLY A 1 14 ? 5.293   -3.248  6.994   1.00 10.78 ? 95  GLY A C   1 
ATOM   100 O  O   . GLY A 1 14 ? 4.692   -3.433  8.078   1.00 13.65 ? 95  GLY A O   1 
ATOM   101 N  N   . ASP A 1 15 ? 5.265   -2.078  6.372   1.00 10.49 ? 96  ASP A N   1 
ATOM   102 C  CA  . ASP A 1 15 ? 4.572   -0.917  6.963   1.00 10.12 ? 96  ASP A CA  1 
ATOM   103 C  C   . ASP A 1 15 ? 3.053   -1.147  6.935   1.00 8.91  ? 96  ASP A C   1 
ATOM   104 O  O   . ASP A 1 15 ? 2.505   -1.692  5.983   1.00 9.98  ? 96  ASP A O   1 
ATOM   105 C  CB  . ASP A 1 15 ? 4.892   0.356   6.190   1.00 10.73 ? 96  ASP A CB  1 
ATOM   106 C  CG  . ASP A 1 15 ? 6.256   0.945   6.456   1.00 12.48 ? 96  ASP A CG  1 
ATOM   107 O  OD1 . ASP A 1 15 ? 6.944   0.492   7.389   1.00 15.34 ? 96  ASP A OD1 1 
ATOM   108 O  OD2 . ASP A 1 15 ? 6.556   1.942   5.756   1.00 13.33 ? 96  ASP A OD2 1 
ATOM   109 N  N   . LYS A 1 16 ? 2.404   -0.637  7.968   1.00 9.89  ? 97  LYS A N   1 
ATOM   110 C  CA  . LYS A 1 16 ? 0.945   -0.542  8.000   1.00 10.48 ? 97  LYS A CA  1 
ATOM   111 C  C   . LYS A 1 16 ? 0.520   0.734   7.295   1.00 9.39  ? 97  LYS A C   1 
ATOM   112 O  O   . LYS A 1 16 ? 1.106   1.801   7.437   1.00 12.62 ? 97  LYS A O   1 
ATOM   113 C  CB  . LYS A 1 16 ? 0.465   -0.567  9.445   1.00 15.55 ? 97  LYS A CB  1 
ATOM   114 C  CG  . LYS A 1 16 ? -1.000  -0.981  9.602   1.00 24.29 ? 97  LYS A CG  1 
ATOM   115 C  CD  . LYS A 1 16 ? -1.225  -2.032  10.692  1.00 27.60 ? 97  LYS A CD  1 
ATOM   116 C  CE  . LYS A 1 16 ? -2.349  -3.024  10.470  1.00 28.48 ? 97  LYS A CE  1 
ATOM   117 N  NZ  . LYS A 1 16 ? -2.830  -3.542  11.766  1.00 29.74 ? 97  LYS A NZ  1 
ATOM   118 N  N   . CYS A 1 17 ? -0.498  0.632   6.486   1.00 8.11  ? 98  CYS A N   1 
ATOM   119 C  CA  . CYS A 1 17 ? -1.069  1.736   5.723   1.00 7.07  ? 98  CYS A CA  1 
ATOM   120 C  C   . CYS A 1 17 ? -2.576  1.524   5.651   1.00 6.60  ? 98  CYS A C   1 
ATOM   121 O  O   . CYS A 1 17 ? -3.106  0.549   6.243   1.00 6.91  ? 98  CYS A O   1 
ATOM   122 C  CB  . CYS A 1 17 ? -0.439  1.834   4.331   1.00 8.11  ? 98  CYS A CB  1 
ATOM   123 S  SG  . CYS A 1 17 ? -0.847  0.423   3.284   1.00 10.16 ? 98  CYS A SG  1 
ATOM   124 N  N   . SER A 1 18 ? -3.254  2.378   4.929   1.00 6.66  ? 99  SER A N   1 
ATOM   125 C  CA  . SER A 1 18 ? -4.601  2.054   4.478   1.00 7.04  ? 99  SER A CA  1 
ATOM   126 C  C   . SER A 1 18 ? -4.658  2.285   2.983   1.00 6.32  ? 99  SER A C   1 
ATOM   127 O  O   . SER A 1 18 ? -3.802  2.991   2.409   1.00 6.99  ? 99  SER A O   1 
ATOM   128 C  CB  . SER A 1 18 ? -5.683  2.767   5.224   1.00 7.58  ? 99  SER A CB  1 
ATOM   129 O  OG  . SER A 1 18 ? -5.678  4.141   4.996   1.00 8.02  ? 99  SER A OG  1 
ATOM   130 N  N   . ALA A 1 19 ? -5.630  1.678   2.332   1.00 6.43  ? 100 ALA A N   1 
ATOM   131 C  CA  . ALA A 1 19 ? -5.726  1.736   0.890   1.00 7.97  ? 100 ALA A CA  1 
ATOM   132 C  C   . ALA A 1 19 ? -7.186  1.661   0.478   1.00 7.45  ? 100 ALA A C   1 
ATOM   133 O  O   . ALA A 1 19 ? -8.030  1.099   1.194   1.00 7.66  ? 100 ALA A O   1 
ATOM   134 C  CB  . ALA A 1 19 ? -4.925  0.620   0.248   1.00 10.15 ? 100 ALA A CB  1 
ATOM   135 N  N   . ILE A 1 20 ? -7.480  2.230   -0.681  1.00 8.92  ? 101 ILE A N   1 
ATOM   136 C  CA  . ILE A 1 20 ? -8.833  2.168   -1.257  1.00 8.47  ? 101 ILE A CA  1 
ATOM   137 C  C   . ILE A 1 20 ? -9.070  0.803   -1.859  1.00 8.04  ? 101 ILE A C   1 
ATOM   138 O  O   . ILE A 1 20 ? -8.301  0.338   -2.693  1.00 9.81  ? 101 ILE A O   1 
ATOM   139 C  CB  . ILE A 1 20 ? -9.014  3.262   -2.330  1.00 11.98 ? 101 ILE A CB  1 
ATOM   140 C  CG1 . ILE A 1 20 ? -8.885  4.648   -1.705  1.00 17.53 ? 101 ILE A CG1 1 
ATOM   141 C  CG2 . ILE A 1 20 ? -10.376 3.115   -2.981  1.00 13.83 ? 101 ILE A CG2 1 
ATOM   142 C  CD1 . ILE A 1 20 ? -8.803  5.800   -2.682  1.00 25.73 ? 101 ILE A CD1 1 
ATOM   143 N  N   . TRP A 1 21 ? -10.159 0.203   -1.424  1.00 7.14  ? 102 TRP A N   1 
ATOM   144 C  CA  . TRP A 1 21 ? -10.736 -1.011  -2.011  1.00 7.64  ? 102 TRP A CA  1 
ATOM   145 C  C   . TRP A 1 21 ? -11.739 -0.496  -3.042  1.00 7.12  ? 102 TRP A C   1 
ATOM   146 O  O   . TRP A 1 21 ? -12.845 -0.072  -2.704  1.00 8.23  ? 102 TRP A O   1 
ATOM   147 C  CB  . TRP A 1 21 ? -11.407 -1.873  -0.917  1.00 8.85  ? 102 TRP A CB  1 
ATOM   148 C  CG  . TRP A 1 21 ? -12.072 -3.112  -1.420  1.00 10.04 ? 102 TRP A CG  1 
ATOM   149 C  CD1 . TRP A 1 21 ? -13.421 -3.390  -1.499  1.00 9.74  ? 102 TRP A CD1 1 
ATOM   150 C  CD2 . TRP A 1 21 ? -11.413 -4.268  -1.916  1.00 10.80 ? 102 TRP A CD2 1 
ATOM   151 N  NE1 . TRP A 1 21 ? -13.607 -4.650  -1.952  1.00 12.79 ? 102 TRP A NE1 1 
ATOM   152 C  CE2 . TRP A 1 21 ? -12.415 -5.224  -2.248  1.00 11.38 ? 102 TRP A CE2 1 
ATOM   153 C  CE3 . TRP A 1 21 ? -10.074 -4.593  -2.151  1.00 11.87 ? 102 TRP A CE3 1 
ATOM   154 C  CZ2 . TRP A 1 21 ? -12.119 -6.493  -2.733  1.00 15.61 ? 102 TRP A CZ2 1 
ATOM   155 C  CZ3 . TRP A 1 21 ? -9.791  -5.841  -2.662  1.00 17.16 ? 102 TRP A CZ3 1 
ATOM   156 C  CH2 . TRP A 1 21 ? -10.793 -6.778  -2.950  1.00 17.86 ? 102 TRP A CH2 1 
ATOM   157 N  N   . SER A 1 22 ? -11.308 -0.457  -4.299  1.00 7.46  ? 103 SER A N   1 
ATOM   158 C  CA  A SER A 1 22 ? -12.038 0.341   -5.294  0.70 7.88  ? 103 SER A CA  1 
ATOM   159 C  CA  B SER A 1 22 ? -12.020 0.344   -5.322  0.30 7.58  ? 103 SER A CA  1 
ATOM   160 C  C   . SER A 1 22 ? -13.470 -0.153  -5.501  1.00 7.27  ? 103 SER A C   1 
ATOM   161 O  O   . SER A 1 22 ? -14.345 0.659   -5.704  1.00 7.79  ? 103 SER A O   1 
ATOM   162 C  CB  A SER A 1 22 ? -11.314 0.390   -6.594  0.70 9.58  ? 103 SER A CB  1 
ATOM   163 C  CB  B SER A 1 22 ? -11.241 0.394   -6.634  0.30 7.48  ? 103 SER A CB  1 
ATOM   164 O  OG  A SER A 1 22 ? -11.278 -0.893  -7.189  0.70 11.52 ? 103 SER A OG  1 
ATOM   165 O  OG  B SER A 1 22 ? -10.123 1.299   -6.587  0.30 7.71  ? 103 SER A OG  1 
ATOM   166 N  N   . GLU A 1 23 ? -13.701 -1.465  -5.422  1.00 8.65  ? 104 GLU A N   1 
ATOM   167 C  CA  A GLU A 1 23 ? -15.040 -1.993  -5.765  0.80 9.93  ? 104 GLU A CA  1 
ATOM   168 C  CA  B GLU A 1 23 ? -15.017 -2.097  -5.709  0.20 10.10 ? 104 GLU A CA  1 
ATOM   169 C  C   . GLU A 1 23 ? -16.105 -1.447  -4.846  1.00 8.45  ? 104 GLU A C   1 
ATOM   170 O  O   . GLU A 1 23 ? -17.252 -1.303  -5.309  1.00 10.98 ? 104 GLU A O   1 
ATOM   171 C  CB  A GLU A 1 23 ? -15.083 -3.530  -5.712  0.80 13.90 ? 104 GLU A CB  1 
ATOM   172 C  CB  B GLU A 1 23 ? -14.914 -3.610  -5.445  0.20 11.34 ? 104 GLU A CB  1 
ATOM   173 C  CG  A GLU A 1 23 ? -14.367 -4.093  -6.878  0.80 15.52 ? 104 GLU A CG  1 
ATOM   174 C  CG  B GLU A 1 23 ? -16.024 -4.431  -6.074  0.20 13.58 ? 104 GLU A CG  1 
ATOM   175 C  CD  A GLU A 1 23 ? -13.994 -5.530  -6.763  0.80 17.95 ? 104 GLU A CD  1 
ATOM   176 C  CD  B GLU A 1 23 ? -16.022 -5.875  -5.591  0.20 14.40 ? 104 GLU A CD  1 
ATOM   177 O  OE1 A GLU A 1 23 ? -14.698 -6.256  -6.044  0.80 18.87 ? 104 GLU A OE1 1 
ATOM   178 O  OE1 B GLU A 1 23 ? -14.939 -6.392  -5.268  0.20 14.86 ? 104 GLU A OE1 1 
ATOM   179 O  OE2 A GLU A 1 23 ? -13.076 -5.887  -7.514  0.80 18.96 ? 104 GLU A OE2 1 
ATOM   180 O  OE2 B GLU A 1 23 ? -17.104 -6.447  -5.451  0.20 15.76 ? 104 GLU A OE2 1 
ATOM   181 N  N   . ASP A 1 24 ? -15.790 -1.194  -3.581  1.00 7.91  ? 105 ASP A N   1 
ATOM   182 C  CA  . ASP A 1 24 ? -16.760 -0.637  -2.618  1.00 8.90  ? 105 ASP A CA  1 
ATOM   183 C  C   . ASP A 1 24 ? -16.501 0.812   -2.299  1.00 9.46  ? 105 ASP A C   1 
ATOM   184 O  O   . ASP A 1 24 ? -17.209 1.379   -1.465  1.00 12.69 ? 105 ASP A O   1 
ATOM   185 C  CB  . ASP A 1 24 ? -16.844 -1.492  -1.379  1.00 9.85  ? 105 ASP A CB  1 
ATOM   186 C  CG  . ASP A 1 24 ? -17.407 -2.864  -1.664  1.00 11.19 ? 105 ASP A CG  1 
ATOM   187 O  OD1 . ASP A 1 24 ? -18.336 -2.964  -2.481  1.00 15.76 ? 105 ASP A OD1 1 
ATOM   188 O  OD2 . ASP A 1 24 ? -17.000 -3.792  -1.021  1.00 13.81 ? 105 ASP A OD2 1 
ATOM   189 N  N   . GLY A 1 25 ? -15.502 1.424   -2.892  1.00 8.01  ? 106 GLY A N   1 
ATOM   190 C  CA  . GLY A 1 25 ? -15.261 2.850   -2.665  1.00 9.26  ? 106 GLY A CA  1 
ATOM   191 C  C   . GLY A 1 25 ? -14.951 3.186   -1.247  1.00 8.42  ? 106 GLY A C   1 
ATOM   192 O  O   . GLY A 1 25 ? -15.429 4.219   -0.746  1.00 10.47 ? 106 GLY A O   1 
ATOM   193 N  N   . CYS A 1 26 ? -14.177 2.364   -0.571  1.00 7.04  ? 107 CYS A N   1 
ATOM   194 C  CA  . CYS A 1 26 ? -13.947 2.549   0.857   1.00 6.76  ? 107 CYS A CA  1 
ATOM   195 C  C   . CYS A 1 26 ? -12.513 2.155   1.194   1.00 6.36  ? 107 CYS A C   1 
ATOM   196 O  O   . CYS A 1 26 ? -11.881 1.391   0.457   1.00 7.97  ? 107 CYS A O   1 
ATOM   197 C  CB  . CYS A 1 26 ? -15.009 1.816   1.669   1.00 7.16  ? 107 CYS A CB  1 
ATOM   198 S  SG  . CYS A 1 26 ? -15.024 0.018   1.417   1.00 9.33  ? 107 CYS A SG  1 
ATOM   199 N  N   . ILE A 1 27 ? -12.016 2.694   2.285   1.00 6.10  ? 108 ILE A N   1 
ATOM   200 C  CA  A ILE A 1 27 ? -10.634 2.531   2.746   0.70 6.59  ? 108 ILE A CA  1 
ATOM   201 C  CA  B ILE A 1 27 ? -10.608 2.437   2.649   0.30 6.10  ? 108 ILE A CA  1 
ATOM   202 C  C   . ILE A 1 27 ? -10.526 1.410   3.776   1.00 6.24  ? 108 ILE A C   1 
ATOM   203 O  O   . ILE A 1 27 ? -11.412 1.308   4.654   1.00 6.92  ? 108 ILE A O   1 
ATOM   204 C  CB  A ILE A 1 27 ? -10.114 3.877   3.258   0.70 7.85  ? 108 ILE A CB  1 
ATOM   205 C  CB  B ILE A 1 27 ? -9.808  3.723   2.926   0.30 6.71  ? 108 ILE A CB  1 
ATOM   206 C  CG1 A ILE A 1 27 ? -10.105 4.885   2.111   0.70 9.56  ? 108 ILE A CG1 1 
ATOM   207 C  CG1 B ILE A 1 27 ? -10.327 4.485   4.145   0.30 6.70  ? 108 ILE A CG1 1 
ATOM   208 C  CG2 A ILE A 1 27 ? -8.738  3.703   3.899   0.70 9.14  ? 108 ILE A CG2 1 
ATOM   209 C  CG2 B ILE A 1 27 ? -9.754  4.596   1.687   0.30 7.05  ? 108 ILE A CG2 1 
ATOM   210 C  CD1 A ILE A 1 27 ? -9.903  6.325   2.504   0.70 11.59 ? 108 ILE A CD1 1 
ATOM   211 C  CD1 B ILE A 1 27 ? -9.350  5.530   4.682   0.30 7.08  ? 108 ILE A CD1 1 
ATOM   212 N  N   . TYR A 1 28 ? -9.466  0.662   3.734   1.00 6.38  ? 109 TYR A N   1 
ATOM   213 C  CA  A TYR A 1 28 ? -9.310  -0.505  4.629   0.70 6.66  ? 109 TYR A CA  1 
ATOM   214 C  CA  B TYR A 1 28 ? -9.305  -0.430  4.710   0.30 6.45  ? 109 TYR A CA  1 
ATOM   215 C  C   . TYR A 1 28 ? -7.851  -0.637  5.052   1.00 6.37  ? 109 TYR A C   1 
ATOM   216 O  O   . TYR A 1 28 ? -6.968  -0.346  4.259   1.00 6.79  ? 109 TYR A O   1 
ATOM   217 C  CB  A TYR A 1 28 ? -9.905  -1.742  3.921   0.70 8.16  ? 109 TYR A CB  1 
ATOM   218 C  CB  B TYR A 1 28 ? -9.844  -1.740  4.150   0.30 6.82  ? 109 TYR A CB  1 
ATOM   219 C  CG  A TYR A 1 28 ? -10.082 -2.929  4.820   0.70 8.10  ? 109 TYR A CG  1 
ATOM   220 C  CG  B TYR A 1 28 ? -10.447 -2.640  5.184   0.30 7.73  ? 109 TYR A CG  1 
ATOM   221 C  CD1 A TYR A 1 28 ? -11.207 -3.069  5.631   0.70 9.83  ? 109 TYR A CD1 1 
ATOM   222 C  CD1 B TYR A 1 28 ? -11.591 -2.253  5.855   0.30 9.02  ? 109 TYR A CD1 1 
ATOM   223 C  CD2 A TYR A 1 28 ? -9.096  -3.905  4.922   0.70 8.39  ? 109 TYR A CD2 1 
ATOM   224 C  CD2 B TYR A 1 28 ? -9.857  -3.846  5.524   0.30 7.51  ? 109 TYR A CD2 1 
ATOM   225 C  CE1 A TYR A 1 28 ? -11.323 -4.142  6.511   0.70 9.33  ? 109 TYR A CE1 1 
ATOM   226 C  CE1 B TYR A 1 28 ? -12.176 -3.088  6.792   0.30 10.56 ? 109 TYR A CE1 1 
ATOM   227 C  CE2 A TYR A 1 28 ? -9.196  -4.955  5.803   0.70 9.20  ? 109 TYR A CE2 1 
ATOM   228 C  CE2 B TYR A 1 28 ? -10.432 -4.685  6.457   0.30 9.72  ? 109 TYR A CE2 1 
ATOM   229 C  CZ  A TYR A 1 28 ? -10.301 -5.069  6.621   0.70 9.77  ? 109 TYR A CZ  1 
ATOM   230 C  CZ  B TYR A 1 28 ? -11.606 -4.313  7.079   0.30 10.97 ? 109 TYR A CZ  1 
ATOM   231 O  OH  A TYR A 1 28 ? -10.391 -6.105  7.494   0.70 10.72 ? 109 TYR A OH  1 
ATOM   232 O  OH  B TYR A 1 28 ? -12.196 -5.131  7.997   0.30 13.64 ? 109 TYR A OH  1 
ATOM   233 N  N   . PRO A 1 29 ? -7.576  -1.186  6.258   1.00 6.67  ? 110 PRO A N   1 
ATOM   234 C  CA  . PRO A 1 29 ? -6.186  -1.383  6.671   1.00 6.86  ? 110 PRO A CA  1 
ATOM   235 C  C   . PRO A 1 29 ? -5.458  -2.427  5.834   1.00 6.82  ? 110 PRO A C   1 
ATOM   236 O  O   . PRO A 1 29 ? -6.038  -3.457  5.451   1.00 7.51  ? 110 PRO A O   1 
ATOM   237 C  CB  . PRO A 1 29 ? -6.288  -1.833  8.118   1.00 8.50  ? 110 PRO A CB  1 
ATOM   238 C  CG  . PRO A 1 29 ? -7.629  -1.407  8.577   1.00 10.82 ? 110 PRO A CG  1 
ATOM   239 C  CD  . PRO A 1 29 ? -8.519  -1.455  7.372   1.00 7.82  ? 110 PRO A CD  1 
ATOM   240 N  N   . ALA A 1 30 ? -4.156  -2.219  5.687   1.00 6.92  ? 111 ALA A N   1 
ATOM   241 C  CA  . ALA A 1 30 ? -3.335  -3.163  4.928   1.00 7.62  ? 111 ALA A CA  1 
ATOM   242 C  C   . ALA A 1 30 ? -1.899  -3.090  5.428   1.00 8.00  ? 111 ALA A C   1 
ATOM   243 O  O   . ALA A 1 30 ? -1.472  -2.106  6.036   1.00 9.63  ? 111 ALA A O   1 
ATOM   244 C  CB  . ALA A 1 30 ? -3.430  -2.888  3.455   1.00 8.07  ? 111 ALA A CB  1 
ATOM   245 N  N   . THR A 1 31 ? -1.134  -4.120  5.107   1.00 8.21  ? 112 THR A N   1 
ATOM   246 C  CA  A THR A 1 31 ? 0.319   -4.169  5.281   0.70 8.65  ? 112 THR A CA  1 
ATOM   247 C  CA  B THR A 1 31 ? 0.326   -4.020  5.263   0.30 8.68  ? 112 THR A CA  1 
ATOM   248 C  C   . THR A 1 31 ? 0.969   -4.179  3.896   1.00 7.89  ? 112 THR A C   1 
ATOM   249 O  O   . THR A 1 31 ? 0.497   -4.895  3.007   1.00 9.64  ? 112 THR A O   1 
ATOM   250 C  CB  A THR A 1 31 ? 0.723   -5.423  6.081   0.70 9.76  ? 112 THR A CB  1 
ATOM   251 C  CB  B THR A 1 31 ? 0.886   -4.985  6.309   0.30 10.66 ? 112 THR A CB  1 
ATOM   252 O  OG1 A THR A 1 31 ? -0.059  -5.412  7.269   0.70 13.64 ? 112 THR A OG1 1 
ATOM   253 O  OG1 B THR A 1 31 ? 0.586   -6.296  5.838   0.30 14.63 ? 112 THR A OG1 1 
ATOM   254 C  CG2 A THR A 1 31 ? 2.199   -5.403  6.367   0.70 11.94 ? 112 THR A CG2 1 
ATOM   255 C  CG2 B THR A 1 31 ? 0.308   -4.719  7.679   0.30 11.94 ? 112 THR A CG2 1 
ATOM   256 N  N   . ILE A 1 32 ? 2.073   -3.468  3.739   1.00 7.66  ? 113 ILE A N   1 
ATOM   257 C  CA  . ILE A 1 32 ? 2.818   -3.516  2.479   1.00 7.28  ? 113 ILE A CA  1 
ATOM   258 C  C   . ILE A 1 32 ? 3.629   -4.813  2.441   1.00 8.07  ? 113 ILE A C   1 
ATOM   259 O  O   . ILE A 1 32 ? 4.508   -5.031  3.258   1.00 10.33 ? 113 ILE A O   1 
ATOM   260 C  CB  . ILE A 1 32 ? 3.728   -2.290  2.314   1.00 7.55  ? 113 ILE A CB  1 
ATOM   261 C  CG1 . ILE A 1 32 ? 2.942   -0.989  2.325   1.00 8.07  ? 113 ILE A CG1 1 
ATOM   262 C  CG2 . ILE A 1 32 ? 4.482   -2.434  1.009   1.00 9.41  ? 113 ILE A CG2 1 
ATOM   263 C  CD1 . ILE A 1 32 ? 3.778   0.239   2.171   1.00 8.82  ? 113 ILE A CD1 1 
ATOM   264 N  N   . ALA A 1 33 ? 3.324   -5.655  1.477   1.00 7.83  ? 114 ALA A N   1 
ATOM   265 C  CA  . ALA A 1 33 ? 4.044   -6.928  1.304   1.00 9.27  ? 114 ALA A CA  1 
ATOM   266 C  C   . ALA A 1 33 ? 5.241   -6.803  0.383   1.00 8.60  ? 114 ALA A C   1 
ATOM   267 O  O   . ALA A 1 33 ? 6.253   -7.473  0.600   1.00 9.62  ? 114 ALA A O   1 
ATOM   268 C  CB  . ALA A 1 33 ? 3.126   -7.975  0.729   1.00 11.10 ? 114 ALA A CB  1 
ATOM   269 N  N   . SER A 1 34 ? 5.160   -5.969  -0.651  1.00 7.79  ? 115 SER A N   1 
ATOM   270 C  CA  . SER A 1 34 ? 6.231   -5.830  -1.642  1.00 7.30  ? 115 SER A CA  1 
ATOM   271 C  C   . SER A 1 34 ? 6.194   -4.407  -2.170  1.00 7.03  ? 115 SER A C   1 
ATOM   272 O  O   . SER A 1 34 ? 5.129   -3.803  -2.200  1.00 7.72  ? 115 SER A O   1 
ATOM   273 C  CB  . SER A 1 34 ? 6.107   -6.843  -2.756  1.00 8.49  ? 115 SER A CB  1 
ATOM   274 O  OG  . SER A 1 34 ? 4.939   -6.685  -3.504  1.00 10.44 ? 115 SER A OG  1 
ATOM   275 N  N   . ILE A 1 35 ? 7.348   -3.917  -2.610  1.00 7.08  ? 116 ILE A N   1 
ATOM   276 C  CA  . ILE A 1 35 ? 7.463   -2.605  -3.252  1.00 6.79  ? 116 ILE A CA  1 
ATOM   277 C  C   . ILE A 1 35 ? 8.415   -2.703  -4.416  1.00 6.74  ? 116 ILE A C   1 
ATOM   278 O  O   . ILE A 1 35 ? 9.521   -3.247  -4.278  1.00 7.84  ? 116 ILE A O   1 
ATOM   279 C  CB  . ILE A 1 35 ? 7.970   -1.506  -2.303  1.00 7.78  ? 116 ILE A CB  1 
ATOM   280 C  CG1 . ILE A 1 35 ? 7.083   -1.348  -1.074  1.00 8.43  ? 116 ILE A CG1 1 
ATOM   281 C  CG2 . ILE A 1 35 ? 8.096   -0.179  -3.043  1.00 9.07  ? 116 ILE A CG2 1 
ATOM   282 C  CD1 . ILE A 1 35 ? 7.604   -0.363  -0.036  1.00 9.66  ? 116 ILE A CD1 1 
ATOM   283 N  N   . ASP A 1 36 ? 8.010   -2.156  -5.555  1.00 7.25  ? 117 ASP A N   1 
ATOM   284 C  CA  . ASP A 1 36 ? 8.923   -1.914  -6.683  1.00 7.93  ? 117 ASP A CA  1 
ATOM   285 C  C   . ASP A 1 36 ? 9.207   -0.424  -6.698  1.00 7.58  ? 117 ASP A C   1 
ATOM   286 O  O   . ASP A 1 36 ? 8.343   0.386   -7.031  1.00 8.23  ? 117 ASP A O   1 
ATOM   287 C  CB  . ASP A 1 36 ? 8.292   -2.428  -7.970  1.00 9.23  ? 117 ASP A CB  1 
ATOM   288 C  CG  . ASP A 1 36 ? 9.205   -2.346  -9.172  1.00 11.30 ? 117 ASP A CG  1 
ATOM   289 O  OD1 . ASP A 1 36 ? 9.982   -1.333  -9.243  1.00 11.30 ? 117 ASP A OD1 1 
ATOM   290 O  OD2 . ASP A 1 36 ? 9.097   -3.231  -10.044 1.00 13.19 ? 117 ASP A OD2 1 
ATOM   291 N  N   . PHE A 1 37 ? 10.410  -0.059  -6.284  1.00 8.75  ? 118 PHE A N   1 
ATOM   292 C  CA  . PHE A 1 37 ? 10.740  1.369   -6.125  1.00 9.54  ? 118 PHE A CA  1 
ATOM   293 C  C   . PHE A 1 37 ? 10.916  2.103   -7.452  1.00 10.49 ? 118 PHE A C   1 
ATOM   294 O  O   . PHE A 1 37 ? 10.771  3.350   -7.443  1.00 12.30 ? 118 PHE A O   1 
ATOM   295 C  CB  . PHE A 1 37 ? 11.973  1.517   -5.247  1.00 11.38 ? 118 PHE A CB  1 
ATOM   296 C  CG  . PHE A 1 37 ? 11.697  1.198   -3.795  1.00 10.87 ? 118 PHE A CG  1 
ATOM   297 C  CD1 . PHE A 1 37 ? 10.997  2.096   -2.998  1.00 13.21 ? 118 PHE A CD1 1 
ATOM   298 C  CD2 . PHE A 1 37 ? 12.106  0.010   -3.247  1.00 12.51 ? 118 PHE A CD2 1 
ATOM   299 C  CE1 . PHE A 1 37 ? 10.766  1.803   -1.668  1.00 14.81 ? 118 PHE A CE1 1 
ATOM   300 C  CE2 . PHE A 1 37 ? 11.868  -0.282  -1.916  1.00 14.08 ? 118 PHE A CE2 1 
ATOM   301 C  CZ  . PHE A 1 37 ? 11.174  0.603   -1.146  1.00 14.16 ? 118 PHE A CZ  1 
ATOM   302 N  N   . LYS A 1 38 ? 11.184  1.397   -8.532  1.00 10.15 ? 119 LYS A N   1 
ATOM   303 C  CA  A LYS A 1 38 ? 11.260  1.972   -9.897  0.70 11.09 ? 119 LYS A CA  1 
ATOM   304 C  CA  B LYS A 1 38 ? 11.266  2.103   -9.837  0.30 10.12 ? 119 LYS A CA  1 
ATOM   305 C  C   . LYS A 1 38 ? 9.848   2.315   -10.388 1.00 9.35  ? 119 LYS A C   1 
ATOM   306 O  O   . LYS A 1 38 ? 9.579   3.392   -10.910 1.00 10.72 ? 119 LYS A O   1 
ATOM   307 C  CB  A LYS A 1 38 ? 11.918  0.981   -10.877 0.70 13.93 ? 119 LYS A CB  1 
ATOM   308 C  CB  B LYS A 1 38 ? 12.218  1.392   -10.807 0.30 10.46 ? 119 LYS A CB  1 
ATOM   309 C  CG  A LYS A 1 38 ? 12.076  1.520   -12.289 0.70 20.06 ? 119 LYS A CG  1 
ATOM   310 C  CG  B LYS A 1 38 ? 13.606  1.147   -10.245 0.30 10.84 ? 119 LYS A CG  1 
ATOM   311 N  N   . ARG A 1 39 ? 8.957   1.347   -10.241 1.00 8.21  ? 120 ARG A N   1 
ATOM   312 C  CA  A ARG A 1 39 ? 7.577   1.554   -10.679 0.50 7.25  ? 120 ARG A CA  1 
ATOM   313 C  CA  B ARG A 1 39 ? 7.558   1.502   -10.658 0.50 7.52  ? 120 ARG A CA  1 
ATOM   314 C  C   . ARG A 1 39 ? 6.827   2.437   -9.696  1.00 7.32  ? 120 ARG A C   1 
ATOM   315 O  O   . ARG A 1 39 ? 5.765   3.000   -10.050 1.00 7.86  ? 120 ARG A O   1 
ATOM   316 C  CB  A ARG A 1 39 ? 6.841   0.221   -10.724 0.50 8.38  ? 120 ARG A CB  1 
ATOM   317 C  CB  B ARG A 1 39 ? 6.836   0.149   -10.625 0.50 8.91  ? 120 ARG A CB  1 
ATOM   318 C  CG  A ARG A 1 39 ? 7.445   -0.781  -11.683 0.50 9.63  ? 120 ARG A CG  1 
ATOM   319 C  CG  B ARG A 1 39 ? 7.236   -0.845  -11.700 0.50 10.51 ? 120 ARG A CG  1 
ATOM   320 C  CD  A ARG A 1 39 ? 6.504   -1.967  -11.783 0.50 11.61 ? 120 ARG A CD  1 
ATOM   321 C  CD  B ARG A 1 39 ? 6.418   -2.140  -11.596 0.50 14.09 ? 120 ARG A CD  1 
ATOM   322 N  NE  A ARG A 1 39 ? 6.992   -2.895  -12.774 0.50 12.47 ? 120 ARG A NE  1 
ATOM   323 N  NE  B ARG A 1 39 ? 4.993   -1.961  -11.871 0.50 16.22 ? 120 ARG A NE  1 
ATOM   324 C  CZ  A ARG A 1 39 ? 6.469   -4.069  -13.052 0.50 15.68 ? 120 ARG A CZ  1 
ATOM   325 C  CZ  B ARG A 1 39 ? 4.012   -2.771  -11.446 0.50 16.13 ? 120 ARG A CZ  1 
ATOM   326 N  NH1 A ARG A 1 39 ? 5.424   -4.484  -12.366 0.50 21.08 ? 120 ARG A NH1 1 
ATOM   327 N  NH1 B ARG A 1 39 ? 4.282   -3.868  -10.755 0.50 19.86 ? 120 ARG A NH1 1 
ATOM   328 N  NH2 A ARG A 1 39 ? 7.013   -4.810  -14.006 0.50 20.15 ? 120 ARG A NH2 1 
ATOM   329 N  NH2 B ARG A 1 39 ? 2.759   -2.513  -11.747 0.50 19.80 ? 120 ARG A NH2 1 
ATOM   330 N  N   . GLU A 1 40 ? 7.294   2.536   -8.456  1.00 7.16  ? 121 GLU A N   1 
ATOM   331 C  CA  . GLU A 1 40 ? 6.513   3.170   -7.368  1.00 7.45  ? 121 GLU A CA  1 
ATOM   332 C  C   . GLU A 1 40 ? 5.141   2.506   -7.245  1.00 7.47  ? 121 GLU A C   1 
ATOM   333 O  O   . GLU A 1 40 ? 4.112   3.171   -7.087  1.00 8.32  ? 121 GLU A O   1 
ATOM   334 C  CB  . GLU A 1 40 ? 6.455   4.665   -7.482  1.00 8.21  ? 121 GLU A CB  1 
ATOM   335 C  CG  . GLU A 1 40 ? 7.836   5.289   -7.424  1.00 10.15 ? 121 GLU A CG  1 
ATOM   336 C  CD  . GLU A 1 40 ? 7.946   6.792   -7.537  1.00 12.50 ? 121 GLU A CD  1 
ATOM   337 O  OE1 . GLU A 1 40 ? 6.931   7.469   -7.461  1.00 16.31 ? 121 GLU A OE1 1 
ATOM   338 O  OE2 . GLU A 1 40 ? 9.096   7.283   -7.719  1.00 15.30 ? 121 GLU A OE2 1 
ATOM   339 N  N   . THR A 1 41 ? 5.160   1.187   -7.243  1.00 7.43  ? 122 THR A N   1 
ATOM   340 C  CA  . THR A 1 41 ? 3.974   0.348   -6.967  1.00 7.61  ? 122 THR A CA  1 
ATOM   341 C  C   . THR A 1 41 ? 4.323   -0.622  -5.854  1.00 7.34  ? 122 THR A C   1 
ATOM   342 O  O   . THR A 1 41 ? 5.490   -0.799  -5.503  1.00 8.35  ? 122 THR A O   1 
ATOM   343 C  CB  . THR A 1 41 ? 3.480   -0.384  -8.220  1.00 9.66  ? 122 THR A CB  1 
ATOM   344 O  OG1 . THR A 1 41 ? 4.541   -1.242  -8.665  1.00 10.77 ? 122 THR A OG1 1 
ATOM   345 C  CG2 . THR A 1 41 ? 3.086   0.588   -9.303  1.00 10.40 ? 122 THR A CG2 1 
ATOM   346 N  N   . CYS A 1 42 ? 3.276   -1.218  -5.319  1.00 7.82  ? 123 CYS A N   1 
ATOM   347 C  CA  . CYS A 1 42 ? 3.413   -2.158  -4.216  1.00 6.97  ? 123 CYS A CA  1 
ATOM   348 C  C   . CYS A 1 42 ? 2.304   -3.184  -4.303  1.00 7.02  ? 123 CYS A C   1 
ATOM   349 O  O   . CYS A 1 42 ? 1.354   -3.015  -5.052  1.00 8.57  ? 123 CYS A O   1 
ATOM   350 C  CB  . CYS A 1 42 ? 3.383   -1.419  -2.891  1.00 7.89  ? 123 CYS A CB  1 
ATOM   351 S  SG  . CYS A 1 42 ? 1.804   -0.673  -2.465  1.00 8.84  ? 123 CYS A SG  1 
ATOM   352 N  N   . VAL A 1 43 ? 2.473   -4.216  -3.510  1.00 7.49  ? 124 VAL A N   1 
ATOM   353 C  CA  . VAL A 1 43 ? 1.370   -5.150  -3.205  1.00 7.53  ? 124 VAL A CA  1 
ATOM   354 C  C   . VAL A 1 43 ? 1.039   -5.006  -1.739  1.00 7.05  ? 124 VAL A C   1 
ATOM   355 O  O   . VAL A 1 43 ? 1.977   -5.076  -0.916  1.00 8.36  ? 124 VAL A O   1 
ATOM   356 C  CB  . VAL A 1 43 ? 1.698   -6.604  -3.570  1.00 8.87  ? 124 VAL A CB  1 
ATOM   357 C  CG1 . VAL A 1 43 ? 0.590   -7.537  -3.126  1.00 10.74 ? 124 VAL A CG1 1 
ATOM   358 C  CG2 . VAL A 1 43 ? 1.956   -6.711  -5.064  1.00 11.45 ? 124 VAL A CG2 1 
ATOM   359 N  N   . VAL A 1 44 ? -0.224  -4.800  -1.436  1.00 7.63  ? 125 VAL A N   1 
ATOM   360 C  CA  . VAL A 1 44 ? -0.690  -4.750  -0.047  1.00 7.78  ? 125 VAL A CA  1 
ATOM   361 C  C   . VAL A 1 44 ? -1.473  -6.015  0.252   1.00 7.94  ? 125 VAL A C   1 
ATOM   362 O  O   . VAL A 1 44 ? -2.077  -6.626  -0.636  1.00 9.27  ? 125 VAL A O   1 
ATOM   363 C  CB  . VAL A 1 44 ? -1.535  -3.512  0.243   1.00 8.52  ? 125 VAL A CB  1 
ATOM   364 C  CG1 . VAL A 1 44 ? -0.748  -2.238  -0.037  1.00 8.98  ? 125 VAL A CG1 1 
ATOM   365 C  CG2 . VAL A 1 44 ? -2.863  -3.511  -0.500  1.00 10.16 ? 125 VAL A CG2 1 
ATOM   366 N  N   . VAL A 1 45 ? -1.435  -6.373  1.522   1.00 8.48  ? 126 VAL A N   1 
ATOM   367 C  CA  A VAL A 1 45 ? -2.232  -7.484  2.090   0.70 9.05  ? 126 VAL A CA  1 
ATOM   368 C  CA  C VAL A 1 45 ? -2.291  -7.478  2.002   0.30 9.04  ? 126 VAL A CA  1 
ATOM   369 C  C   . VAL A 1 45 ? -3.265  -6.855  2.998   1.00 8.43  ? 126 VAL A C   1 
ATOM   370 O  O   . VAL A 1 45 ? -2.876  -6.207  3.988   1.00 9.02  ? 126 VAL A O   1 
ATOM   371 C  CB  A VAL A 1 45 ? -1.368  -8.471  2.878   0.70 10.04 ? 126 VAL A CB  1 
ATOM   372 C  CB  C VAL A 1 45 ? -1.467  -8.665  2.522   0.30 10.92 ? 126 VAL A CB  1 
ATOM   373 C  CG1 A VAL A 1 45 ? -2.250  -9.508  3.573   0.70 10.57 ? 126 VAL A CG1 1 
ATOM   374 C  CG1 C VAL A 1 45 ? -0.595  -8.276  3.690   0.30 11.26 ? 126 VAL A CG1 1 
ATOM   375 C  CG2 A VAL A 1 45 ? -0.371  -9.142  1.923   0.70 11.77 ? 126 VAL A CG2 1 
ATOM   376 C  CG2 C VAL A 1 45 ? -2.340  -9.875  2.835   0.30 10.97 ? 126 VAL A CG2 1 
ATOM   377 N  N   . TYR A 1 46 ? -4.540  -6.973  2.682   1.00 8.36  ? 127 TYR A N   1 
ATOM   378 C  CA  . TYR A 1 46 ? -5.581  -6.375  3.528   1.00 8.43  ? 127 TYR A CA  1 
ATOM   379 C  C   . TYR A 1 46 ? -5.735  -7.204  4.776   1.00 9.16  ? 127 TYR A C   1 
ATOM   380 O  O   . TYR A 1 46 ? -5.746  -8.450  4.758   1.00 10.50 ? 127 TYR A O   1 
ATOM   381 C  CB  . TYR A 1 46 ? -6.880  -6.303  2.759   1.00 8.75  ? 127 TYR A CB  1 
ATOM   382 C  CG  . TYR A 1 46 ? -6.828  -5.338  1.603   1.00 9.03  ? 127 TYR A CG  1 
ATOM   383 C  CD1 . TYR A 1 46 ? -6.813  -3.965  1.824   1.00 10.83 ? 127 TYR A CD1 1 
ATOM   384 C  CD2 . TYR A 1 46 ? -6.784  -5.781  0.291   1.00 10.96 ? 127 TYR A CD2 1 
ATOM   385 C  CE1 . TYR A 1 46 ? -6.775  -3.091  0.761   1.00 14.06 ? 127 TYR A CE1 1 
ATOM   386 C  CE2 . TYR A 1 46 ? -6.724  -4.908  -0.783  1.00 13.90 ? 127 TYR A CE2 1 
ATOM   387 C  CZ  . TYR A 1 46 ? -6.756  -3.562  -0.545  1.00 14.95 ? 127 TYR A CZ  1 
ATOM   388 O  OH  . TYR A 1 46 ? -6.706  -2.658  -1.588  1.00 20.15 ? 127 TYR A OH  1 
ATOM   389 N  N   . THR A 1 47 ? -5.788  -6.519  5.897   1.00 8.69  ? 128 THR A N   1 
ATOM   390 C  CA  . THR A 1 47 ? -5.823  -7.259  7.156   1.00 10.74 ? 128 THR A CA  1 
ATOM   391 C  C   . THR A 1 47 ? -7.123  -8.034  7.293   1.00 10.16 ? 128 THR A C   1 
ATOM   392 O  O   . THR A 1 47 ? -8.216  -7.604  6.816   1.00 9.82  ? 128 THR A O   1 
ATOM   393 C  CB  . THR A 1 47 ? -5.506  -6.349  8.289   1.00 13.49 ? 128 THR A CB  1 
ATOM   394 O  OG1 . THR A 1 47 ? -6.494  -5.387  8.423   1.00 14.02 ? 128 THR A OG1 1 
ATOM   395 C  CG2 . THR A 1 47 ? -4.235  -5.588  8.113   1.00 18.11 ? 128 THR A CG2 1 
ATOM   396 N  N   . GLY A 1 48 ? -7.043  -9.166  7.991   1.00 12.10 ? 129 GLY A N   1 
ATOM   397 C  CA  . GLY A 1 48 ? -8.220  -9.999  8.272   1.00 12.16 ? 129 GLY A CA  1 
ATOM   398 C  C   . GLY A 1 48 ? -8.571  -10.845 7.089   1.00 11.15 ? 129 GLY A C   1 
ATOM   399 O  O   . GLY A 1 48 ? -8.592  -12.076 7.174   1.00 13.15 ? 129 GLY A O   1 
ATOM   400 N  N   . TYR A 1 49 ? -8.893  -10.208 5.970   1.00 9.51  ? 130 TYR A N   1 
ATOM   401 C  CA  . TYR A 1 49 ? -9.226  -10.918 4.732   1.00 9.44  ? 130 TYR A CA  1 
ATOM   402 C  C   . TYR A 1 49 ? -8.009  -11.668 4.191   1.00 10.16 ? 130 TYR A C   1 
ATOM   403 O  O   . TYR A 1 49 ? -8.138  -12.786 3.748   1.00 12.44 ? 130 TYR A O   1 
ATOM   404 C  CB  . TYR A 1 49 ? -9.754  -9.929  3.708   1.00 8.99  ? 130 TYR A CB  1 
ATOM   405 C  CG  . TYR A 1 49 ? -11.081 -9.349  4.093   1.00 8.22  ? 130 TYR A CG  1 
ATOM   406 C  CD1 . TYR A 1 49 ? -12.261 -10.050 3.915   1.00 8.69  ? 130 TYR A CD1 1 
ATOM   407 C  CD2 . TYR A 1 49 ? -11.174 -8.068  4.585   1.00 8.50  ? 130 TYR A CD2 1 
ATOM   408 C  CE1 . TYR A 1 49 ? -13.492 -9.496  4.219   1.00 8.25  ? 130 TYR A CE1 1 
ATOM   409 C  CE2 . TYR A 1 49 ? -12.387 -7.490  4.922   1.00 8.71  ? 130 TYR A CE2 1 
ATOM   410 C  CZ  . TYR A 1 49 ? -13.543 -8.213  4.718   1.00 8.06  ? 130 TYR A CZ  1 
ATOM   411 O  OH  . TYR A 1 49 ? -14.743 -7.610  5.031   1.00 9.64  ? 130 TYR A OH  1 
ATOM   412 N  N   . GLY A 1 50 ? -6.870  -11.005 4.162   1.00 10.84 ? 131 GLY A N   1 
ATOM   413 C  CA  . GLY A 1 50 ? -5.639  -11.616 3.664   1.00 11.89 ? 131 GLY A CA  1 
ATOM   414 C  C   . GLY A 1 50 ? -5.468  -11.549 2.154   1.00 12.30 ? 131 GLY A C   1 
ATOM   415 O  O   . GLY A 1 50 ? -4.474  -12.111 1.652   1.00 14.89 ? 131 GLY A O   1 
ATOM   416 N  N   . ASN A 1 51 ? -6.369  -10.963 1.406   1.00 12.75 ? 132 ASN A N   1 
ATOM   417 C  CA  . ASN A 1 51 ? -6.200  -10.903 -0.054  1.00 12.37 ? 132 ASN A CA  1 
ATOM   418 C  C   . ASN A 1 51 ? -5.175  -9.810  -0.347  1.00 10.62 ? 132 ASN A C   1 
ATOM   419 O  O   . ASN A 1 51 ? -4.954  -8.869  0.448   1.00 10.97 ? 132 ASN A O   1 
ATOM   420 C  CB  . ASN A 1 51 ? -7.530  -10.742 -0.763  1.00 13.40 ? 132 ASN A CB  1 
ATOM   421 C  CG  . ASN A 1 51 ? -8.206  -9.452  -0.384  1.00 13.00 ? 132 ASN A CG  1 
ATOM   422 O  OD1 . ASN A 1 51 ? -8.507  -9.196  0.796   1.00 12.33 ? 132 ASN A OD1 1 
ATOM   423 N  ND2 . ASN A 1 51 ? -8.492  -8.630  -1.371  1.00 13.69 ? 132 ASN A ND2 1 
ATOM   424 N  N   . ARG A 1 52 ? -4.568  -9.947  -1.491  1.00 12.11 ? 133 ARG A N   1 
ATOM   425 C  CA  . ARG A 1 52 ? -3.478  -9.094  -1.961  1.00 12.64 ? 133 ARG A CA  1 
ATOM   426 C  C   . ARG A 1 52 ? -3.973  -8.291  -3.147  1.00 12.28 ? 133 ARG A C   1 
ATOM   427 O  O   . ARG A 1 52 ? -4.734  -8.787  -4.015  1.00 15.11 ? 133 ARG A O   1 
ATOM   428 C  CB  . ARG A 1 52 ? -2.273  -9.977  -2.371  1.00 17.49 ? 133 ARG A CB  1 
ATOM   429 C  CG  . ARG A 1 52 ? -1.583  -10.736 -1.256  1.00 25.58 ? 133 ARG A CG  1 
ATOM   430 C  CD  . ARG A 1 52 ? -0.564  -11.731 -1.790  1.00 31.01 ? 133 ARG A CD  1 
ATOM   431 N  N   . GLU A 1 53 ? -3.466  -7.077  -3.267  1.00 11.06 ? 134 GLU A N   1 
ATOM   432 C  CA  . GLU A 1 53 ? -3.782  -6.211  -4.401  1.00 12.18 ? 134 GLU A CA  1 
ATOM   433 C  C   . GLU A 1 53 ? -2.578  -5.319  -4.691  1.00 8.91  ? 134 GLU A C   1 
ATOM   434 O  O   . GLU A 1 53 ? -1.982  -4.785  -3.752  1.00 9.86  ? 134 GLU A O   1 
ATOM   435 C  CB  . GLU A 1 53 ? -5.015  -5.329  -4.073  1.00 15.20 ? 134 GLU A CB  1 
ATOM   436 C  CG  . GLU A 1 53 ? -5.560  -4.656  -5.259  1.00 19.92 ? 134 GLU A CG  1 
ATOM   437 C  CD  . GLU A 1 53 ? -6.922  -4.048  -5.065  1.00 26.96 ? 134 GLU A CD  1 
ATOM   438 O  OE1 . GLU A 1 53 ? -7.715  -4.049  -6.019  1.00 42.36 ? 134 GLU A OE1 1 
ATOM   439 O  OE2 . GLU A 1 53 ? -7.154  -3.522  -3.998  1.00 26.56 ? 134 GLU A OE2 1 
ATOM   440 N  N   . GLU A 1 54 ? -2.324  -5.065  -5.956  1.00 10.22 ? 135 GLU A N   1 
ATOM   441 C  CA  A GLU A 1 54 ? -1.366  -4.015  -6.358  0.50 10.03 ? 135 GLU A CA  1 
ATOM   442 C  CA  B GLU A 1 54 ? -1.347  -4.023  -6.326  0.50 9.63  ? 135 GLU A CA  1 
ATOM   443 C  C   . GLU A 1 54 ? -1.971  -2.638  -6.137  1.00 9.23  ? 135 GLU A C   1 
ATOM   444 O  O   . GLU A 1 54 ? -3.161  -2.423  -6.408  1.00 12.76 ? 135 GLU A O   1 
ATOM   445 C  CB  A GLU A 1 54 ? -1.025  -4.139  -7.838  0.50 13.64 ? 135 GLU A CB  1 
ATOM   446 C  CB  B GLU A 1 54 ? -0.873  -4.264  -7.759  0.50 13.17 ? 135 GLU A CB  1 
ATOM   447 C  CG  A GLU A 1 54 ? -0.122  -5.302  -8.133  0.50 17.41 ? 135 GLU A CG  1 
ATOM   448 C  CG  B GLU A 1 54 ? 0.429   -3.558  -8.119  0.50 17.30 ? 135 GLU A CG  1 
ATOM   449 C  CD  A GLU A 1 54 ? 0.396   -5.359  -9.561  0.50 24.52 ? 135 GLU A CD  1 
ATOM   450 C  CD  B GLU A 1 54 ? 1.139   -4.185  -9.310  0.50 21.62 ? 135 GLU A CD  1 
ATOM   451 O  OE1 A GLU A 1 54 ? 1.132   -4.435  -9.968  0.50 24.94 ? 135 GLU A OE1 1 
ATOM   452 O  OE1 B GLU A 1 54 ? 2.276   -4.729  -9.143  0.50 21.21 ? 135 GLU A OE1 1 
ATOM   453 O  OE2 A GLU A 1 54 ? 0.026   -6.312  -10.261 0.50 35.84 ? 135 GLU A OE2 1 
ATOM   454 O  OE2 B GLU A 1 54 ? 0.544   -4.152  -10.403 0.50 28.38 ? 135 GLU A OE2 1 
ATOM   455 N  N   . GLN A 1 55 ? -1.153  -1.727  -5.665  1.00 8.16  ? 136 GLN A N   1 
ATOM   456 C  CA  . GLN A 1 55 ? -1.519  -0.312  -5.487  1.00 8.39  ? 136 GLN A CA  1 
ATOM   457 C  C   . GLN A 1 55 ? -0.348  0.546   -5.975  1.00 7.71  ? 136 GLN A C   1 
ATOM   458 O  O   . GLN A 1 55 ? 0.827   0.175   -5.818  1.00 9.52  ? 136 GLN A O   1 
ATOM   459 C  CB  . GLN A 1 55 ? -1.777  -0.004  -4.001  1.00 8.88  ? 136 GLN A CB  1 
ATOM   460 C  CG  . GLN A 1 55 ? -3.014  -0.624  -3.385  1.00 9.40  ? 136 GLN A CG  1 
ATOM   461 C  CD  . GLN A 1 55 ? -4.301  0.150   -3.621  1.00 8.84  ? 136 GLN A CD  1 
ATOM   462 O  OE1 . GLN A 1 55 ? -4.274  1.313   -4.008  1.00 12.06 ? 136 GLN A OE1 1 
ATOM   463 N  NE2 . GLN A 1 55 ? -5.424  -0.436  -3.217  1.00 9.32  ? 136 GLN A NE2 1 
ATOM   464 N  N   . ASN A 1 56 ? -0.652  1.732   -6.438  1.00 7.53  ? 137 ASN A N   1 
ATOM   465 C  CA  . ASN A 1 56 ? 0.398   2.757   -6.588  1.00 8.09  ? 137 ASN A CA  1 
ATOM   466 C  C   . ASN A 1 56 ? 0.820   3.242   -5.209  1.00 7.14  ? 137 ASN A C   1 
ATOM   467 O  O   . ASN A 1 56 ? -0.031  3.504   -4.368  1.00 7.90  ? 137 ASN A O   1 
ATOM   468 C  CB  . ASN A 1 56 ? -0.173  3.947   -7.353  1.00 9.39  ? 137 ASN A CB  1 
ATOM   469 C  CG  . ASN A 1 56 ? -0.628  3.582   -8.725  1.00 11.69 ? 137 ASN A CG  1 
ATOM   470 O  OD1 . ASN A 1 56 ? 0.053   2.849   -9.426  1.00 16.24 ? 137 ASN A OD1 1 
ATOM   471 N  ND2 . ASN A 1 56 ? -1.758  4.154   -9.114  1.00 13.11 ? 137 ASN A ND2 1 
ATOM   472 N  N   . LEU A 1 57 ? 2.117   3.432   -4.984  1.00 7.38  ? 138 LEU A N   1 
ATOM   473 C  CA  . LEU A 1 57 ? 2.564   4.042   -3.730  1.00 7.90  ? 138 LEU A CA  1 
ATOM   474 C  C   . LEU A 1 57 ? 1.878   5.392   -3.520  1.00 8.42  ? 138 LEU A C   1 
ATOM   475 O  O   . LEU A 1 57 ? 1.563   5.715   -2.384  1.00 9.36  ? 138 LEU A O   1 
ATOM   476 C  CB  . LEU A 1 57 ? 4.080   4.230   -3.678  1.00 8.02  ? 138 LEU A CB  1 
ATOM   477 C  CG  . LEU A 1 57 ? 4.911   2.963   -3.552  1.00 8.07  ? 138 LEU A CG  1 
ATOM   478 C  CD1 . LEU A 1 57 ? 6.384   3.316   -3.581  1.00 8.71  ? 138 LEU A CD1 1 
ATOM   479 C  CD2 . LEU A 1 57 ? 4.597   2.193   -2.276  1.00 8.55  ? 138 LEU A CD2 1 
ATOM   480 N  N   . SER A 1 58 ? 1.672   6.167   -4.585  1.00 8.75  ? 139 SER A N   1 
ATOM   481 C  CA  A SER A 1 58 ? 1.036   7.492   -4.505  0.80 10.26 ? 139 SER A CA  1 
ATOM   482 C  CA  B SER A 1 58 ? 1.091   7.513   -4.398  0.20 10.24 ? 139 SER A CA  1 
ATOM   483 C  C   . SER A 1 58 ? -0.375  7.419   -3.933  1.00 10.18 ? 139 SER A C   1 
ATOM   484 O  O   . SER A 1 58 ? -0.866  8.450   -3.457  1.00 13.56 ? 139 SER A O   1 
ATOM   485 C  CB  A SER A 1 58 ? 0.995   8.155   -5.872  0.80 11.45 ? 139 SER A CB  1 
ATOM   486 C  CB  B SER A 1 58 ? 1.289   8.353   -5.631  0.20 11.12 ? 139 SER A CB  1 
ATOM   487 O  OG  A SER A 1 58 ? 0.163   7.449   -6.791  0.80 14.50 ? 139 SER A OG  1 
ATOM   488 O  OG  B SER A 1 58 ? 2.674   8.656   -5.801  0.20 11.20 ? 139 SER A OG  1 
ATOM   489 N  N   . ASP A 1 59 ? -0.997  6.261   -4.016  1.00 8.85  ? 140 ASP A N   1 
ATOM   490 C  CA  . ASP A 1 59 ? -2.410  6.088   -3.631  1.00 8.90  ? 140 ASP A CA  1 
ATOM   491 C  C   . ASP A 1 59 ? -2.542  5.543   -2.215  1.00 8.04  ? 140 ASP A C   1 
ATOM   492 O  O   . ASP A 1 59 ? -3.678  5.457   -1.722  1.00 9.26  ? 140 ASP A O   1 
ATOM   493 C  CB  . ASP A 1 59 ? -3.169  5.198   -4.610  1.00 10.30 ? 140 ASP A CB  1 
ATOM   494 C  CG  . ASP A 1 59 ? -3.335  5.779   -6.010  1.00 11.84 ? 140 ASP A CG  1 
ATOM   495 O  OD1 . ASP A 1 59 ? -3.194  6.980   -6.162  1.00 18.52 ? 140 ASP A OD1 1 
ATOM   496 O  OD2 . ASP A 1 59 ? -3.580  4.998   -6.951  1.00 13.43 ? 140 ASP A OD2 1 
ATOM   497 N  N   . LEU A 1 60 ? -1.455  5.144   -1.569  1.00 7.56  ? 141 LEU A N   1 
ATOM   498 C  CA  . LEU A 1 60 ? -1.536  4.673   -0.195  1.00 7.45  ? 141 LEU A CA  1 
ATOM   499 C  C   . LEU A 1 60 ? -1.851  5.841   0.728   1.00 7.69  ? 141 LEU A C   1 
ATOM   500 O  O   . LEU A 1 60 ? -1.409  6.962   0.509   1.00 9.66  ? 141 LEU A O   1 
ATOM   501 C  CB  . LEU A 1 60 ? -0.234  4.004   0.244   1.00 7.50  ? 141 LEU A CB  1 
ATOM   502 C  CG  . LEU A 1 60 ? 0.189   2.772   -0.528  1.00 7.52  ? 141 LEU A CG  1 
ATOM   503 C  CD1 . LEU A 1 60 ? 1.433   2.221   0.111   1.00 9.14  ? 141 LEU A CD1 1 
ATOM   504 C  CD2 . LEU A 1 60 ? -0.924  1.734   -0.567  1.00 8.52  ? 141 LEU A CD2 1 
ATOM   505 N  N   . LEU A 1 61 ? -2.562  5.551   1.779   1.00 7.55  ? 142 LEU A N   1 
ATOM   506 C  CA  . LEU A 1 61 ? -2.976  6.536   2.774   1.00 7.64  ? 142 LEU A CA  1 
ATOM   507 C  C   . LEU A 1 61 ? -2.343  6.193   4.118   1.00 6.80  ? 142 LEU A C   1 
ATOM   508 O  O   . LEU A 1 61 ? -1.933  5.064   4.390   1.00 7.19  ? 142 LEU A O   1 
ATOM   509 C  CB  . LEU A 1 61 ? -4.486  6.535   2.882   1.00 9.02  ? 142 LEU A CB  1 
ATOM   510 C  CG  . LEU A 1 61 ? -5.159  6.911   1.568   1.00 12.68 ? 142 LEU A CG  1 
ATOM   511 C  CD1 . LEU A 1 61 ? -6.592  6.580   1.633   1.00 16.97 ? 142 LEU A CD1 1 
ATOM   512 C  CD2 . LEU A 1 61 ? -4.968  8.362   1.179   1.00 16.71 ? 142 LEU A CD2 1 
ATOM   513 N  N   . SER A 1 62 ? -2.364  7.195   4.985   1.00 8.06  ? 143 SER A N   1 
ATOM   514 C  CA  . SER A 1 62 ? -2.019  7.028   6.400   1.00 8.39  ? 143 SER A CA  1 
ATOM   515 C  C   . SER A 1 62 ? -2.808  5.841   6.942   1.00 7.20  ? 143 SER A C   1 
ATOM   516 O  O   . SER A 1 62 ? -3.943  5.600   6.552   1.00 7.32  ? 143 SER A O   1 
ATOM   517 C  CB  . SER A 1 62 ? -2.430  8.299   7.143   1.00 9.50  ? 143 SER A CB  1 
ATOM   518 O  OG  . SER A 1 62 ? -1.739  9.459   6.712   1.00 12.35 ? 143 SER A OG  1 
ATOM   519 N  N   . PRO A 1 63 ? -2.238  5.140   7.939   1.00 7.50  ? 144 PRO A N   1 
ATOM   520 C  CA  . PRO A 1 63 ? -3.007  4.076   8.539   1.00 7.94  ? 144 PRO A CA  1 
ATOM   521 C  C   . PRO A 1 63 ? -4.327  4.555   9.166   1.00 6.87  ? 144 PRO A C   1 
ATOM   522 O  O   . PRO A 1 63 ? -4.425  5.692   9.624   1.00 7.19  ? 144 PRO A O   1 
ATOM   523 C  CB  . PRO A 1 63 ? -2.064  3.530   9.624   1.00 10.39 ? 144 PRO A CB  1 
ATOM   524 C  CG  . PRO A 1 63 ? -1.109  4.572   9.855   1.00 15.30 ? 144 PRO A CG  1 
ATOM   525 C  CD  . PRO A 1 63 ? -0.958  5.382   8.597   1.00 9.74  ? 144 PRO A CD  1 
ATOM   526 N  N   . ILE A 1 64 ? -5.288  3.656   9.195   1.00 7.01  ? 145 ILE A N   1 
ATOM   527 C  CA  . ILE A 1 64 ? -6.490  3.874   10.000  1.00 7.05  ? 145 ILE A CA  1 
ATOM   528 C  C   . ILE A 1 64 ? -6.084  3.807   11.454  1.00 7.15  ? 145 ILE A C   1 
ATOM   529 O  O   . ILE A 1 64 ? -5.272  2.972   11.875  1.00 8.94  ? 145 ILE A O   1 
ATOM   530 C  CB  . ILE A 1 64 ? -7.576  2.874   9.600   1.00 8.77  ? 145 ILE A CB  1 
ATOM   531 C  CG1 . ILE A 1 64 ? -8.121  3.181   8.185   1.00 9.52  ? 145 ILE A CG1 1 
ATOM   532 C  CG2 . ILE A 1 64 ? -8.710  2.826   10.586  1.00 9.09  ? 145 ILE A CG2 1 
ATOM   533 C  CD1 . ILE A 1 64 ? -8.775  2.032   7.484   1.00 11.37 ? 145 ILE A CD1 1 
ATOM   534 N  N   . CYS A 1 65 ? -6.621  4.695   12.262  1.00 6.88  ? 146 CYS A N   1 
ATOM   535 C  CA  . CYS A 1 65 ? -6.283  4.724   13.684  1.00 7.27  ? 146 CYS A CA  1 
ATOM   536 C  C   . CYS A 1 65 ? -6.645  3.393   14.327  1.00 8.73  ? 146 CYS A C   1 
ATOM   537 O  O   . CYS A 1 65 ? -7.769  2.923   14.166  1.00 10.91 ? 146 CYS A O   1 
ATOM   538 C  CB  . CYS A 1 65 ? -7.046  5.832   14.382  1.00 8.17  ? 146 CYS A CB  1 
ATOM   539 S  SG  . CYS A 1 65 ? -6.826  7.518   13.731  1.00 8.22  ? 146 CYS A SG  1 
ATOM   540 N  N   . GLU A 1 66 ? -5.720  2.862   15.107  1.00 9.99  ? 147 GLU A N   1 
ATOM   541 C  CA  . GLU A 1 66 ? -5.965  1.602   15.835  1.00 13.25 ? 147 GLU A CA  1 
ATOM   542 C  C   . GLU A 1 66 ? -5.176  1.589   17.137  1.00 14.73 ? 147 GLU A C   1 
ATOM   543 O  O   . GLU A 1 66 ? -5.484  0.744   17.984  1.00 17.36 ? 147 GLU A O   1 
ATOM   544 C  CB  . GLU A 1 66 ? -5.634  0.403   14.961  1.00 16.02 ? 147 GLU A CB  1 
ATOM   545 C  CG  . GLU A 1 66 ? -4.176  0.190   14.693  1.00 20.62 ? 147 GLU A CG  1 
ATOM   546 C  CD  . GLU A 1 66 ? -3.905  -1.201  14.110  1.00 21.72 ? 147 GLU A CD  1 
ATOM   547 O  OE1 . GLU A 1 66 ? -3.777  -1.310  12.903  1.00 23.47 ? 147 GLU A OE1 1 
ATOM   548 O  OE2 . GLU A 1 66 ? -3.865  -2.212  14.856  1.00 28.22 ? 147 GLU A OE2 1 
ATOM   549 O  OXT . GLU A 1 66 ? -4.251  2.387   17.289  1.00 16.42 ? 147 GLU A OXT 1 
HETATM 550 C  CAJ . 8AI B 2 .  ? -14.519 -8.876  0.388   1.00 10.19 ? 201 8AI A CAJ 1 
HETATM 551 C  CAK . 8AI B 2 .  ? -15.975 -8.288  0.447   1.00 10.38 ? 201 8AI A CAK 1 
HETATM 552 C  CAL . 8AI B 2 .  ? -15.858 -6.813  0.751   1.00 9.52  ? 201 8AI A CAL 1 
HETATM 553 C  CAH . 8AI B 2 .  ? -14.416 -6.607  0.952   1.00 7.71  ? 201 8AI A CAH 1 
HETATM 554 C  CAI . 8AI B 2 .  ? -13.661 -7.756  0.761   1.00 8.03  ? 201 8AI A CAI 1 
HETATM 555 C  CAM . 8AI B 2 .  ? -12.266 -7.683  0.894   1.00 8.31  ? 201 8AI A CAM 1 
HETATM 556 N  NAN . 8AI B 2 .  ? -11.455 -8.788  0.668   1.00 10.83 ? 201 8AI A NAN 1 
HETATM 557 C  CAO . 8AI B 2 .  ? -11.689 -6.472  1.230   1.00 8.06  ? 201 8AI A CAO 1 
HETATM 558 C  CAS . 8AI B 2 .  ? -10.269 -6.112  1.471   1.00 9.97  ? 201 8AI A CAS 1 
HETATM 559 C  CAR . 8AI B 2 .  ? -10.230 -4.619  1.654   1.00 9.72  ? 201 8AI A CAR 1 
HETATM 560 C  CAQ . 8AI B 2 .  ? -11.675 -4.189  1.852   1.00 8.24  ? 201 8AI A CAQ 1 
HETATM 561 C  CAP . 8AI B 2 .  ? -12.485 -5.383  1.453   1.00 7.34  ? 201 8AI A CAP 1 
HETATM 562 N  NAG . 8AI B 2 .  ? -13.827 -5.433  1.307   1.00 6.78  ? 201 8AI A NAG 1 
HETATM 563 C  CAF . 8AI B 2 .  ? -14.673 -4.253  1.527   1.00 7.40  ? 201 8AI A CAF 1 
HETATM 564 C  CAE . 8AI B 2 .  ? -15.322 -4.193  2.854   1.00 8.15  ? 201 8AI A CAE 1 
HETATM 565 C  CAD . 8AI B 2 .  ? -14.599 -4.533  4.006   1.00 9.43  ? 201 8AI A CAD 1 
HETATM 566 C  CAC . 8AI B 2 .  ? -15.110 -4.361  5.294   1.00 11.02 ? 201 8AI A CAC 1 
HETATM 567 C  CAB . 8AI B 2 .  ? -16.344 -3.846  5.407   1.00 10.67 ? 201 8AI A CAB 1 
HETATM 568 F  FAA . 8AI B 2 .  ? -16.848 -3.648  6.644   1.00 13.90 ? 201 8AI A FAA 1 
HETATM 569 C  CAU . 8AI B 2 .  ? -17.129 -3.531  4.304   1.00 10.03 ? 201 8AI A CAU 1 
HETATM 570 C  CAT . 8AI B 2 .  ? -16.588 -3.690  2.999   1.00 9.78  ? 201 8AI A CAT 1 
HETATM 571 MG MG  . MG  C 3 .  ? 12.148  6.685   -10.202 1.00 13.33 ? 202 MG  A MG  1 
HETATM 572 MG MG  . MG  D 3 .  ? 12.493  -3.308  -12.394 0.70 17.95 ? 203 MG  A MG  1 
HETATM 573 X  UNK . UNX E 4 .  ? -0.280  1.951   -11.932 1.00 29.65 ? 204 UNX A UNK 1 
HETATM 574 X  UNK . UNX F 4 .  ? 4.308   -3.797  -7.443  1.00 22.98 ? 205 UNX A UNK 1 
HETATM 575 X  UNK . UNX G 4 .  ? -8.687  -1.308  -4.886  1.00 16.19 ? 206 UNX A UNK 1 
HETATM 576 X  UNK . UNX H 4 .  ? -14.905 -6.761  7.659   1.00 20.80 ? 207 UNX A UNK 1 
HETATM 577 X  UNK . UNX I 4 .  ? 1.039   -5.739  10.238  1.00 41.61 ? 208 UNX A UNK 1 
HETATM 578 X  UNK B UNX J 4 .  ? -2.144  -6.977  6.565   0.40 17.25 ? 209 UNX A UNK 1 
HETATM 579 X  UNK . UNX K 4 .  ? 13.541  1.355   2.124   1.00 35.46 ? 210 UNX A UNK 1 
HETATM 580 X  UNK . UNX L 4 .  ? 11.267  -1.825  1.815   1.00 20.70 ? 211 UNX A UNK 1 
HETATM 581 X  UNK . UNX M 4 .  ? -5.174  -12.573 -2.942  1.00 23.50 ? 212 UNX A UNK 1 
HETATM 582 X  UNK . UNX N 4 .  ? 11.335  -3.010  5.478   1.00 23.73 ? 213 UNX A UNK 1 
HETATM 583 X  UNK . UNX O 4 .  ? -3.857  -6.515  -8.012  1.00 25.74 ? 214 UNX A UNK 1 
HETATM 584 X  UNK . UNX P 4 .  ? 2.704   3.052   9.161   1.00 31.04 ? 215 UNX A UNK 1 
HETATM 585 X  UNK . UNX Q 4 .  ? -2.865  4.263   14.550  1.00 32.59 ? 216 UNX A UNK 1 
HETATM 586 O  O   . HOH R 5 .  ? -2.269  -13.258 2.471   1.00 30.71 ? 301 HOH A O   1 
HETATM 587 O  O   . HOH R 5 .  ? -9.856  -3.131  -7.283  1.00 24.22 ? 302 HOH A O   1 
HETATM 588 O  O   . HOH R 5 .  ? 11.132  5.837   -8.632  1.00 13.85 ? 303 HOH A O   1 
HETATM 589 O  O   . HOH R 5 .  ? 10.460  -3.483  -12.323 1.00 21.01 ? 304 HOH A O   1 
HETATM 590 O  O   . HOH R 5 .  ? -3.729  0.790   11.254  1.00 18.28 ? 305 HOH A O   1 
HETATM 591 O  O   . HOH R 5 .  ? 8.311   3.786   6.604   1.00 33.91 ? 306 HOH A O   1 
HETATM 592 O  O   . HOH R 5 .  ? 4.244   7.864   -7.854  1.00 15.85 ? 307 HOH A O   1 
HETATM 593 O  O   . HOH R 5 .  ? -3.448  2.312   -6.564  1.00 11.45 ? 308 HOH A O   1 
HETATM 594 O  O   . HOH R 5 .  ? 0.449   8.035   -9.433  1.00 27.73 ? 309 HOH A O   1 
HETATM 595 O  O   . HOH R 5 .  ? 6.572   -9.325  2.587   1.00 19.78 ? 310 HOH A O   1 
HETATM 596 O  O   . HOH R 5 .  ? 11.076  5.603   -11.541 1.00 12.37 ? 311 HOH A O   1 
HETATM 597 O  O   . HOH R 5 .  ? 1.288   7.496   -0.294  1.00 15.56 ? 312 HOH A O   1 
HETATM 598 O  O   . HOH R 5 .  ? -4.527  0.976   8.572   1.00 11.05 ? 313 HOH A O   1 
HETATM 599 O  O   . HOH R 5 .  ? -2.349  9.034   -1.198  1.00 29.75 ? 314 HOH A O   1 
HETATM 600 O  O   . HOH R 5 .  ? -5.332  3.300   -2.247  1.00 16.35 ? 315 HOH A O   1 
HETATM 601 O  O   . HOH R 5 .  ? 5.827   -4.952  -5.490  1.00 20.77 ? 316 HOH A O   1 
HETATM 602 O  O   . HOH R 5 .  ? 8.360   -1.866  7.849   1.00 25.94 ? 317 HOH A O   1 
HETATM 603 O  O   . HOH R 5 .  ? 2.836   5.665   -7.208  1.00 10.89 ? 318 HOH A O   1 
HETATM 604 O  O   . HOH R 5 .  ? -11.624 -4.081  -9.094  1.00 17.99 ? 319 HOH A O   1 
HETATM 605 O  O   . HOH R 5 .  ? -7.536  -8.975  -4.050  1.00 21.48 ? 320 HOH A O   1 
HETATM 606 O  O   . HOH R 5 .  ? 4.664   -9.327  -4.494  1.00 30.12 ? 321 HOH A O   1 
HETATM 607 O  O   . HOH R 5 .  ? 11.813  3.244   1.475   1.00 16.19 ? 322 HOH A O   1 
HETATM 608 O  O   . HOH R 5 .  ? 12.289  -2.512  -10.497 1.00 21.86 ? 323 HOH A O   1 
HETATM 609 O  O   A HOH R 5 .  ? 10.993  5.663   -5.019  0.50 37.16 ? 324 HOH A O   1 
HETATM 610 O  O   . HOH R 5 .  ? 3.943   0.418   10.169  1.00 31.61 ? 325 HOH A O   1 
HETATM 611 O  O   . HOH R 5 .  ? -11.689 -3.542  -5.255  1.00 19.96 ? 326 HOH A O   1 
HETATM 612 O  O   . HOH R 5 .  ? -5.402  7.722   -2.366  0.70 20.99 ? 327 HOH A O   1 
HETATM 613 O  O   A HOH R 5 .  ? -15.780 -6.218  -3.217  0.80 24.42 ? 328 HOH A O   1 
HETATM 614 O  O   . HOH R 5 .  ? -2.818  9.941   3.950   1.00 27.66 ? 329 HOH A O   1 
HETATM 615 O  O   . HOH R 5 .  ? 10.736  8.251   -10.101 1.00 19.41 ? 330 HOH A O   1 
HETATM 616 O  O   . HOH R 5 .  ? 13.473  5.167   -10.107 1.00 20.10 ? 331 HOH A O   1 
HETATM 617 O  O   . HOH R 5 .  ? 2.979   9.001   -10.002 1.00 21.90 ? 332 HOH A O   1 
HETATM 618 O  O   . HOH R 5 .  ? 13.322  7.752   -8.982  1.00 21.34 ? 333 HOH A O   1 
HETATM 619 O  O   . HOH R 5 .  ? 12.763  -5.222  -11.578 0.70 27.31 ? 334 HOH A O   1 
HETATM 620 O  O   . HOH R 5 .  ? 12.252  -1.653  -13.437 0.70 20.86 ? 335 HOH A O   1 
HETATM 621 O  O   . HOH R 5 .  ? 12.468  -4.260  -14.254 0.70 24.91 ? 336 HOH A O   1 
HETATM 622 O  O   . HOH R 5 .  ? 13.014  7.596   -11.785 1.00 19.75 ? 337 HOH A O   1 
HETATM 623 O  O   . HOH R 5 .  ? 14.451  -3.147  -12.331 0.70 26.08 ? 338 HOH A O   1 
# 
loop_
_atom_site_anisotrop.id 
_atom_site_anisotrop.type_symbol 
_atom_site_anisotrop.pdbx_label_atom_id 
_atom_site_anisotrop.pdbx_label_alt_id 
_atom_site_anisotrop.pdbx_label_comp_id 
_atom_site_anisotrop.pdbx_label_asym_id 
_atom_site_anisotrop.pdbx_label_seq_id 
_atom_site_anisotrop.pdbx_PDB_ins_code 
_atom_site_anisotrop.U[1][1] 
_atom_site_anisotrop.U[2][2] 
_atom_site_anisotrop.U[3][3] 
_atom_site_anisotrop.U[1][2] 
_atom_site_anisotrop.U[1][3] 
_atom_site_anisotrop.U[2][3] 
_atom_site_anisotrop.pdbx_auth_seq_id 
_atom_site_anisotrop.pdbx_auth_comp_id 
_atom_site_anisotrop.pdbx_auth_asym_id 
_atom_site_anisotrop.pdbx_auth_atom_id 
1   C  CA  . ASN A 3  ? 1.0016 0.6354 0.4612 0.1088  0.0051  -0.1597 84  ASN A CA  
2   C  C   . ASN A 3  ? 0.6889 0.6363 0.2789 -0.0105 0.0197  -0.1849 84  ASN A C   
3   O  O   . ASN A 3  ? 0.4314 0.6375 0.2904 0.0539  -0.0255 -0.1408 84  ASN A O   
4   N  N   . THR A 4  ? 0.6046 0.6804 0.3940 0.0571  0.1085  -0.1219 85  THR A N   
5   C  CA  . THR A 4  ? 0.6284 0.6425 0.2803 -0.0049 0.0811  -0.1897 85  THR A CA  
6   C  C   . THR A 4  ? 0.5809 0.7094 0.2563 -0.0828 0.0724  -0.1512 85  THR A C   
7   O  O   . THR A 4  ? 0.6935 0.4044 0.2625 -0.0297 0.0580  0.0234  85  THR A O   
8   C  CB  . THR A 4  ? 0.7073 0.6745 0.4043 0.0600  0.2175  -0.1602 85  THR A CB  
9   O  OG1 . THR A 4  ? 0.7035 0.9861 0.4805 0.0149  0.2407  -0.1595 85  THR A OG1 
10  C  CG2 . THR A 4  ? 0.7056 0.5839 0.6735 -0.0356 0.1316  -0.0332 85  THR A CG2 
11  N  N   . ALA A 5  ? 0.4732 0.6124 0.1906 0.0518  -0.0305 -0.0272 86  ALA A N   
12  C  CA  . ALA A 5  ? 0.4505 0.4495 0.2407 -0.0094 -0.0914 0.0895  86  ALA A CA  
13  C  C   . ALA A 5  ? 0.4179 0.3403 0.2516 0.0430  -0.0540 0.0741  86  ALA A C   
14  O  O   . ALA A 5  ? 0.4803 0.3348 0.2572 0.0638  -0.0338 0.0151  86  ALA A O   
15  C  CB  . ALA A 5  ? 0.3775 0.5130 0.2206 -0.0779 -0.0696 0.1058  86  ALA A CB  
16  N  N   . ALA A 6  ? 0.3507 0.3101 0.1988 0.0392  -0.0578 0.0002  87  ALA A N   
17  C  CA  . ALA A 6  ? 0.3312 0.2475 0.2161 0.0140  -0.0318 -0.0036 87  ALA A CA  
18  C  C   . ALA A 6  ? 0.2515 0.2575 0.2664 -0.0033 -0.0162 -0.0260 87  ALA A C   
19  O  O   . ALA A 6  ? 0.2555 0.2434 0.2377 0.0391  -0.0182 0.0118  87  ALA A O   
20  C  CB  . ALA A 6  ? 0.3121 0.2335 0.2900 0.0109  -0.0617 -0.0314 87  ALA A CB  
21  N  N   . SER A 7  ? 0.2718 0.2751 0.2132 -0.0050 -0.0062 -0.0122 88  SER A N   
22  C  CA  . SER A 7  ? 0.2135 0.2871 0.2311 0.0092  -0.0325 -0.0212 88  SER A CA  
23  C  C   . SER A 7  ? 0.2244 0.2716 0.2308 -0.0012 -0.0342 -0.0064 88  SER A C   
24  O  O   . SER A 7  ? 0.2147 0.3151 0.2227 -0.0204 -0.0391 -0.0083 88  SER A O   
25  C  CB  . SER A 7  ? 0.2372 0.3568 0.3504 -0.0617 -0.0574 0.0413  88  SER A CB  
26  O  OG  . SER A 7  ? 0.3220 0.4687 0.4493 -0.0165 0.0110  0.1245  88  SER A OG  
27  N  N   . LEU A 8  ? 0.2430 0.2414 0.2188 0.0241  -0.0095 -0.0082 89  LEU A N   
28  C  CA  . LEU A 8  ? 0.2363 0.1962 0.1754 -0.0233 -0.0217 0.0159  89  LEU A CA  
29  C  C   . LEU A 8  ? 0.2190 0.1863 0.2216 -0.0348 -0.0050 0.0142  89  LEU A C   
30  O  O   . LEU A 8  ? 0.2354 0.2328 0.2515 -0.0021 -0.0172 0.0196  89  LEU A O   
31  C  CB  . LEU A 8  ? 0.3072 0.2717 0.1883 -0.0757 -0.0196 0.0330  89  LEU A CB  
32  C  CG  . LEU A 8  ? 0.3441 0.3374 0.2724 -0.1080 0.0001  0.0517  89  LEU A CG  
33  C  CD1 . LEU A 8  ? 0.4137 0.4442 0.3457 -0.0588 0.1219  0.1547  89  LEU A CD1 
34  C  CD2 . LEU A 8  ? 0.4491 0.3762 0.3196 -0.1692 -0.1309 -0.0371 89  LEU A CD2 
35  N  N   . GLN A 9  ? 0.2415 0.2015 0.2331 -0.0443 -0.0394 0.0165  90  GLN A N   
36  C  CA  A GLN A 9  ? 0.2387 0.1871 0.2544 -0.0684 -0.0631 -0.0105 90  GLN A CA  
37  C  CA  B GLN A 9  ? 0.2640 0.1861 0.2919 -0.0812 -0.0302 0.0128  90  GLN A CA  
38  C  C   . GLN A 9  ? 0.1694 0.1926 0.2763 -0.0498 -0.0252 -0.0095 90  GLN A C   
39  O  O   . GLN A 9  ? 0.1747 0.3267 0.2775 -0.0553 -0.0482 -0.0096 90  GLN A O   
40  C  CB  A GLN A 9  ? 0.1883 0.1840 0.2370 -0.0317 -0.0389 0.0032  90  GLN A CB  
41  C  CB  B GLN A 9  ? 0.4063 0.1732 0.3737 -0.0434 0.0037  -0.0123 90  GLN A CB  
42  C  CG  A GLN A 9  ? 0.1785 0.1966 0.2289 -0.0223 -0.0598 -0.0345 90  GLN A CG  
43  C  CG  B GLN A 9  ? 0.4065 0.3850 0.3377 0.0237  0.0119  -0.0537 90  GLN A CG  
44  C  CD  A GLN A 9  ? 0.1727 0.2118 0.1739 -0.0289 -0.0399 -0.0234 90  GLN A CD  
45  C  CD  B GLN A 9  ? 0.4473 0.4218 0.2355 0.0235  0.0592  -0.0483 90  GLN A CD  
46  O  OE1 A GLN A 9  ? 0.2384 0.2727 0.2505 -0.0835 -0.0751 0.0776  90  GLN A OE1 
47  O  OE1 B GLN A 9  ? 0.6375 0.6709 0.5279 -0.0865 0.2102  0.0235  90  GLN A OE1 
48  N  NE2 A GLN A 9  ? 0.1489 0.2520 0.1524 -0.1209 -0.0263 -0.0298 90  GLN A NE2 
49  N  NE2 B GLN A 9  ? 0.1811 0.1312 0.1625 0.0221  -0.0579 0.0164  90  GLN A NE2 
50  N  N   . GLN A 10 ? 0.2065 0.2088 0.3072 -0.0280 -0.0105 -0.0455 91  GLN A N   
51  C  CA  A GLN A 10 ? 0.2869 0.2210 0.3010 -0.0953 0.0068  -0.0190 91  GLN A CA  
52  C  CA  B GLN A 10 ? 0.2595 0.1862 0.2862 -0.0619 -0.0215 -0.0459 91  GLN A CA  
53  C  C   . GLN A 10 ? 0.2927 0.1959 0.2181 -0.0650 -0.0359 -0.0376 91  GLN A C   
54  O  O   . GLN A 10 ? 0.4871 0.1926 0.2173 -0.1172 -0.0431 -0.0365 91  GLN A O   
55  C  CB  A GLN A 10 ? 0.2633 0.2076 0.3932 -0.1213 0.0047  0.0265  91  GLN A CB  
56  C  CB  B GLN A 10 ? 0.3602 0.1277 0.4347 -0.0084 -0.0540 -0.0158 91  GLN A CB  
57  C  CG  A GLN A 10 ? 0.3560 0.2407 0.3352 -0.1383 -0.0074 0.0632  91  GLN A CG  
58  C  CG  B GLN A 10 ? 0.3619 0.2158 0.4265 0.0364  -0.0776 0.0116  91  GLN A CG  
59  C  CD  A GLN A 10 ? 0.3531 0.3842 0.4589 -0.1298 0.0206  0.0769  91  GLN A CD  
60  C  CD  B GLN A 10 ? 0.4492 0.1581 0.3287 0.0326  -0.0112 -0.1101 91  GLN A CD  
61  O  OE1 A GLN A 10 ? 0.5992 0.4510 0.4640 -0.2064 -0.1182 0.0937  91  GLN A OE1 
62  O  OE1 B GLN A 10 ? 0.4106 0.1735 0.4134 -0.0218 0.1303  -0.0351 91  GLN A OE1 
63  N  NE2 A GLN A 10 ? 0.1735 0.5351 0.4068 -0.0761 0.0962  0.0617  91  GLN A NE2 
64  N  NE2 B GLN A 10 ? 0.3297 0.1963 0.4388 0.1202  -0.0078 -0.0317 91  GLN A NE2 
65  N  N   . TRP A 11 ? 0.1242 0.1719 0.1851 -0.0324 -0.0211 -0.0011 92  TRP A N   
66  C  CA  . TRP A 11 ? 0.0912 0.1661 0.1496 -0.0088 -0.0180 -0.0335 92  TRP A CA  
67  C  C   . TRP A 11 ? 0.0915 0.1822 0.1280 -0.0073 -0.0231 -0.0201 92  TRP A C   
68  O  O   . TRP A 11 ? 0.1060 0.1931 0.1542 -0.0201 0.0048  -0.0289 92  TRP A O   
69  C  CB  . TRP A 11 ? 0.1052 0.1736 0.1404 -0.0039 -0.0252 -0.0147 92  TRP A CB  
70  C  CG  . TRP A 11 ? 0.0984 0.1471 0.1413 -0.0146 -0.0283 -0.0239 92  TRP A CG  
71  C  CD1 . TRP A 11 ? 0.1286 0.1627 0.1418 -0.0081 -0.0306 -0.0231 92  TRP A CD1 
72  C  CD2 . TRP A 11 ? 0.0924 0.1539 0.1470 -0.0181 -0.0267 -0.0323 92  TRP A CD2 
73  N  NE1 . TRP A 11 ? 0.1465 0.1449 0.1577 -0.0052 -0.0306 -0.0253 92  TRP A NE1 
74  C  CE2 . TRP A 11 ? 0.1024 0.1599 0.1628 -0.0164 -0.0359 -0.0180 92  TRP A CE2 
75  C  CE3 . TRP A 11 ? 0.0951 0.1429 0.1642 -0.0051 -0.0125 -0.0229 92  TRP A CE3 
76  C  CZ2 . TRP A 11 ? 0.1070 0.1603 0.1989 0.0042  -0.0288 -0.0321 92  TRP A CZ2 
77  C  CZ3 . TRP A 11 ? 0.1066 0.1723 0.1711 -0.0161 0.0064  -0.0147 92  TRP A CZ3 
78  C  CH2 . TRP A 11 ? 0.1027 0.1761 0.1820 -0.0081 0.0045  -0.0459 92  TRP A CH2 
79  N  N   . LYS A 12 ? 0.0828 0.1839 0.1242 -0.0020 -0.0153 -0.0088 93  LYS A N   
80  C  CA  . LYS A 12 ? 0.0944 0.1863 0.1324 0.0042  -0.0156 0.0039  93  LYS A CA  
81  C  C   . LYS A 12 ? 0.0762 0.1733 0.1309 0.0180  -0.0209 -0.0133 93  LYS A C   
82  O  O   . LYS A 12 ? 0.0719 0.1948 0.1224 0.0197  -0.0148 -0.0030 93  LYS A O   
83  C  CB  . LYS A 12 ? 0.0876 0.1867 0.1545 0.0005  -0.0252 -0.0088 93  LYS A CB  
84  C  CG  . LYS A 12 ? 0.1070 0.1808 0.2196 -0.0068 -0.0298 -0.0151 93  LYS A CG  
85  C  CD  . LYS A 12 ? 0.1228 0.1734 0.2067 0.0101  -0.0218 -0.0251 93  LYS A CD  
86  C  CE  A LYS A 12 ? 0.1525 0.1565 0.2121 0.0195  -0.0510 -0.0333 93  LYS A CE  
87  C  CE  B LYS A 12 ? 0.1270 0.1642 0.2265 0.0105  -0.0034 -0.0208 93  LYS A CE  
88  N  NZ  A LYS A 12 ? 0.1171 0.1366 0.2403 0.0190  -0.0659 -0.0330 93  LYS A NZ  
89  N  NZ  B LYS A 12 ? 0.1152 0.1509 0.2877 -0.0108 0.0207  -0.0054 93  LYS A NZ  
90  N  N   . VAL A 13 ? 0.0749 0.1846 0.1413 0.0242  -0.0137 -0.0116 94  VAL A N   
91  C  CA  . VAL A 13 ? 0.0736 0.1881 0.1373 0.0433  -0.0291 -0.0006 94  VAL A CA  
92  C  C   . VAL A 13 ? 0.0598 0.2051 0.1315 0.0462  -0.0230 -0.0057 94  VAL A C   
93  O  O   . VAL A 13 ? 0.0671 0.2533 0.1416 0.0296  -0.0279 0.0088  94  VAL A O   
94  C  CB  . VAL A 13 ? 0.0897 0.2003 0.1435 0.0461  -0.0144 -0.0108 94  VAL A CB  
95  C  CG1 . VAL A 13 ? 0.1057 0.1975 0.1968 0.0532  -0.0090 -0.0216 94  VAL A CG1 
96  C  CG2 . VAL A 13 ? 0.1425 0.2178 0.1520 0.0503  0.0131  -0.0067 94  VAL A CG2 
97  N  N   . GLY A 14 ? 0.0626 0.2208 0.1394 0.0334  -0.0311 0.0204  95  GLY A N   
98  C  CA  . GLY A 14 ? 0.0977 0.2146 0.1426 0.0573  -0.0215 0.0343  95  GLY A CA  
99  C  C   . GLY A 14 ? 0.0903 0.2117 0.1075 0.0435  -0.0301 0.0314  95  GLY A C   
100 O  O   . GLY A 14 ? 0.1456 0.2506 0.1222 0.0419  0.0018  0.0423  95  GLY A O   
101 N  N   . ASP A 15 ? 0.0771 0.2035 0.1177 0.0343  -0.0175 0.0185  96  ASP A N   
102 C  CA  . ASP A 15 ? 0.0668 0.2078 0.1098 0.0249  -0.0262 0.0057  96  ASP A CA  
103 C  C   . ASP A 15 ? 0.0744 0.1834 0.0805 0.0140  -0.0189 0.0216  96  ASP A C   
104 O  O   . ASP A 15 ? 0.0805 0.1941 0.1042 0.0111  -0.0091 -0.0019 96  ASP A O   
105 C  CB  . ASP A 15 ? 0.0891 0.1915 0.1270 0.0124  -0.0225 -0.0119 96  ASP A CB  
106 C  CG  . ASP A 15 ? 0.0988 0.2240 0.1510 -0.0075 -0.0183 -0.0129 96  ASP A CG  
107 O  OD1 . ASP A 15 ? 0.1189 0.2887 0.1753 -0.0194 -0.0503 -0.0067 96  ASP A OD1 
108 O  OD2 . ASP A 15 ? 0.1261 0.2125 0.1679 -0.0091 0.0050  -0.0281 96  ASP A OD2 
109 N  N   . LYS A 16 ? 0.0734 0.2224 0.0800 0.0204  -0.0249 0.0093  97  LYS A N   
110 C  CA  . LYS A 16 ? 0.0741 0.2042 0.1196 0.0304  -0.0167 0.0216  97  LYS A CA  
111 C  C   . LYS A 16 ? 0.0752 0.1718 0.1095 0.0122  -0.0207 -0.0032 97  LYS A C   
112 O  O   . LYS A 16 ? 0.1191 0.1797 0.1806 0.0115  -0.0715 -0.0208 97  LYS A O   
113 C  CB  . LYS A 16 ? 0.1228 0.3202 0.1478 0.0607  0.0094  0.0301  97  LYS A CB  
114 C  CG  . LYS A 16 ? 0.1573 0.5217 0.2436 0.0363  0.0209  0.0964  97  LYS A CG  
115 C  CD  . LYS A 16 ? 0.2956 0.4054 0.3476 -0.0662 0.0408  0.0298  97  LYS A CD  
116 C  CE  . LYS A 16 ? 0.4383 0.3128 0.3307 -0.0952 0.0544  -0.0791 97  LYS A CE  
117 N  NZ  . LYS A 16 ? 0.5545 0.2767 0.2986 0.0303  0.0046  -0.0425 97  LYS A NZ  
118 N  N   . CYS A 17 ? 0.0614 0.1315 0.1150 0.0048  -0.0176 0.0113  98  CYS A N   
119 C  CA  . CYS A 17 ? 0.0576 0.1164 0.0944 0.0068  -0.0121 -0.0041 98  CYS A CA  
120 C  C   . CYS A 17 ? 0.0581 0.1110 0.0813 0.0057  -0.0118 -0.0032 98  CYS A C   
121 O  O   . CYS A 17 ? 0.0645 0.1052 0.0926 0.0109  -0.0067 -0.0011 98  CYS A O   
122 C  CB  . CYS A 17 ? 0.0580 0.1355 0.1144 0.0045  0.0003  0.0137  98  CYS A CB  
123 S  SG  . CYS A 17 ? 0.1287 0.1536 0.1038 0.0177  0.0227  -0.0018 98  CYS A SG  
124 N  N   . SER A 18 ? 0.0595 0.1077 0.0857 0.0003  -0.0161 0.0038  99  SER A N   
125 C  CA  . SER A 18 ? 0.0614 0.1224 0.0838 -0.0014 -0.0162 -0.0015 99  SER A CA  
126 C  C   . SER A 18 ? 0.0541 0.0996 0.0862 0.0043  -0.0085 0.0020  99  SER A C   
127 O  O   . SER A 18 ? 0.0739 0.1112 0.0802 -0.0060 -0.0084 -0.0028 99  SER A O   
128 C  CB  . SER A 18 ? 0.0659 0.1305 0.0913 -0.0058 -0.0120 -0.0098 99  SER A CB  
129 O  OG  . SER A 18 ? 0.0732 0.1183 0.1131 0.0091  -0.0063 -0.0186 99  SER A OG  
130 N  N   . ALA A 19 ? 0.0622 0.1113 0.0705 -0.0090 0.0027  -0.0029 100 ALA A N   
131 C  CA  . ALA A 19 ? 0.0780 0.1503 0.0743 -0.0182 -0.0062 -0.0027 100 ALA A CA  
132 C  C   . ALA A 19 ? 0.0834 0.1284 0.0711 -0.0083 -0.0118 0.0027  100 ALA A C   
133 O  O   . ALA A 19 ? 0.0647 0.1476 0.0784 -0.0015 -0.0165 0.0163  100 ALA A O   
134 C  CB  . ALA A 19 ? 0.0808 0.1953 0.1093 -0.0193 0.0027  -0.0413 100 ALA A CB  
135 N  N   . ILE A 20 ? 0.0925 0.1644 0.0819 -0.0293 -0.0183 0.0254  101 ILE A N   
136 C  CA  . ILE A 20 ? 0.0913 0.1388 0.0916 -0.0072 -0.0209 0.0109  101 ILE A CA  
137 C  C   . ILE A 20 ? 0.0777 0.1354 0.0923 0.0149  -0.0236 0.0071  101 ILE A C   
138 O  O   . ILE A 20 ? 0.0826 0.1732 0.1166 -0.0035 -0.0097 -0.0144 101 ILE A O   
139 C  CB  . ILE A 20 ? 0.1911 0.1541 0.1099 -0.0185 -0.0562 0.0278  101 ILE A CB  
140 C  CG1 . ILE A 20 ? 0.3171 0.1657 0.1832 -0.0175 -0.0778 0.0120  101 ILE A CG1 
141 C  CG2 . ILE A 20 ? 0.1977 0.1866 0.1410 0.0109  -0.0754 0.0610  101 ILE A CG2 
142 C  CD1 . ILE A 20 ? 0.4781 0.2232 0.2762 -0.0762 -0.0836 0.0652  101 ILE A CD1 
143 N  N   . TRP A 21 ? 0.0792 0.1084 0.0837 0.0162  -0.0229 0.0083  102 TRP A N   
144 C  CA  . TRP A 21 ? 0.0820 0.1107 0.0975 0.0209  -0.0276 0.0085  102 TRP A CA  
145 C  C   . TRP A 21 ? 0.0823 0.0975 0.0907 0.0052  -0.0229 0.0085  102 TRP A C   
146 O  O   . TRP A 21 ? 0.0789 0.1302 0.1033 0.0140  -0.0316 0.0159  102 TRP A O   
147 C  CB  . TRP A 21 ? 0.1120 0.1113 0.1127 0.0216  -0.0275 0.0193  102 TRP A CB  
148 C  CG  . TRP A 21 ? 0.1217 0.1439 0.1157 0.0042  -0.0433 0.0306  102 TRP A CG  
149 C  CD1 . TRP A 21 ? 0.1170 0.1591 0.0937 0.0058  -0.0162 0.0370  102 TRP A CD1 
150 C  CD2 . TRP A 21 ? 0.1538 0.1395 0.1169 -0.0090 -0.0296 0.0208  102 TRP A CD2 
151 N  NE1 . TRP A 21 ? 0.1605 0.1921 0.1331 -0.0375 -0.0294 0.0275  102 TRP A NE1 
152 C  CE2 . TRP A 21 ? 0.1549 0.1562 0.1212 -0.0289 -0.0299 0.0104  102 TRP A CE2 
153 C  CE3 . TRP A 21 ? 0.1418 0.1426 0.1664 0.0116  -0.0366 -0.0074 102 TRP A CE3 
154 C  CZ2 . TRP A 21 ? 0.2618 0.1612 0.1699 -0.0407 -0.0276 -0.0093 102 TRP A CZ2 
155 C  CZ3 . TRP A 21 ? 0.2308 0.1750 0.2462 0.0229  -0.0311 -0.0441 102 TRP A CZ3 
156 C  CH2 . TRP A 21 ? 0.2782 0.1657 0.2347 -0.0010 -0.0236 -0.0493 102 TRP A CH2 
157 N  N   . SER A 22 ? 0.0755 0.1184 0.0891 0.0129  -0.0231 0.0096  103 SER A N   
158 C  CA  A SER A 22 ? 0.0829 0.1178 0.0985 0.0078  -0.0357 0.0120  103 SER A CA  
159 C  CA  B SER A 22 ? 0.0847 0.1108 0.0924 0.0080  -0.0301 0.0104  103 SER A CA  
160 C  C   . SER A 22 ? 0.0878 0.1019 0.0865 0.0107  -0.0314 0.0138  103 SER A C   
161 O  O   . SER A 22 ? 0.0885 0.1016 0.1058 0.0141  -0.0401 0.0090  103 SER A O   
162 C  CB  A SER A 22 ? 0.0954 0.1651 0.1033 -0.0214 -0.0330 0.0123  103 SER A CB  
163 C  CB  B SER A 22 ? 0.0849 0.1138 0.0853 -0.0063 -0.0363 0.0151  103 SER A CB  
164 O  OG  A SER A 22 ? 0.1176 0.1873 0.1328 -0.0123 -0.0112 0.0076  103 SER A OG  
165 O  OG  B SER A 22 ? 0.0779 0.1236 0.0913 -0.0080 -0.0130 0.0319  103 SER A OG  
166 N  N   . GLU A 23 ? 0.1024 0.1055 0.1204 0.0091  -0.0394 0.0102  104 GLU A N   
167 C  CA  A GLU A 23 ? 0.1160 0.1172 0.1439 -0.0065 -0.0379 -0.0124 104 GLU A CA  
168 C  CA  B GLU A 23 ? 0.1123 0.1329 0.1385 -0.0075 -0.0314 -0.0087 104 GLU A CA  
169 C  C   . GLU A 23 ? 0.0890 0.0889 0.1429 -0.0215 -0.0414 -0.0007 104 GLU A C   
170 O  O   . GLU A 23 ? 0.0986 0.1423 0.1763 -0.0103 -0.0591 -0.0206 104 GLU A O   
171 C  CB  A GLU A 23 ? 0.1658 0.1282 0.2339 -0.0271 -0.0188 -0.0664 104 GLU A CB  
172 C  CB  B GLU A 23 ? 0.1404 0.1366 0.1535 0.0073  -0.0070 -0.0180 104 GLU A CB  
173 C  CG  A GLU A 23 ? 0.2328 0.1773 0.1794 -0.0079 -0.0289 -0.0193 104 GLU A CG  
174 C  CG  B GLU A 23 ? 0.1683 0.1573 0.1903 -0.0272 0.0055  -0.0256 104 GLU A CG  
175 C  CD  A GLU A 23 ? 0.2473 0.1550 0.2795 -0.0366 0.0183  -0.0481 104 GLU A CD  
176 C  CD  B GLU A 23 ? 0.1969 0.1476 0.2024 -0.0252 0.0405  -0.0380 104 GLU A CD  
177 O  OE1 A GLU A 23 ? 0.3599 0.1365 0.2203 -0.0094 -0.0194 0.0138  104 GLU A OE1 
178 O  OE1 B GLU A 23 ? 0.2215 0.1457 0.1972 -0.0218 0.0375  -0.0115 104 GLU A OE1 
179 O  OE2 A GLU A 23 ? 0.2601 0.2050 0.2550 0.0296  -0.0030 -0.0555 104 GLU A OE2 
180 O  OE2 B GLU A 23 ? 0.2263 0.1442 0.2281 -0.0437 0.0667  -0.0324 104 GLU A OE2 
181 N  N   . ASP A 24 ? 0.0727 0.1089 0.1188 -0.0124 -0.0327 0.0052  105 ASP A N   
182 C  CA  . ASP A 24 ? 0.0758 0.1184 0.1439 -0.0157 -0.0285 0.0032  105 ASP A CA  
183 C  C   . ASP A 24 ? 0.0937 0.1140 0.1518 -0.0033 -0.0285 0.0107  105 ASP A C   
184 O  O   . ASP A 24 ? 0.1059 0.1303 0.2457 -0.0011 0.0132  -0.0248 105 ASP A O   
185 C  CB  . ASP A 24 ? 0.0935 0.1304 0.1502 -0.0090 -0.0203 0.0140  105 ASP A CB  
186 C  CG  . ASP A 24 ? 0.1165 0.1304 0.1782 -0.0343 -0.0362 0.0387  105 ASP A CG  
187 O  OD1 . ASP A 24 ? 0.1895 0.1554 0.2537 -0.0673 -0.0976 0.0488  105 ASP A OD1 
188 O  OD2 . ASP A 24 ? 0.1728 0.1494 0.2021 -0.0509 -0.0729 0.0504  105 ASP A OD2 
189 N  N   . GLY A 25 ? 0.1016 0.1004 0.1022 -0.0057 -0.0363 0.0118  106 GLY A N   
190 C  CA  . GLY A 25 ? 0.1540 0.0961 0.1018 -0.0060 -0.0490 0.0138  106 GLY A CA  
191 C  C   . GLY A 25 ? 0.1303 0.0931 0.0962 -0.0020 -0.0364 0.0131  106 GLY A C   
192 O  O   . GLY A 25 ? 0.1665 0.1078 0.1235 0.0186  -0.0568 -0.0020 106 GLY A O   
193 N  N   . CYS A 26 ? 0.0865 0.0972 0.0838 -0.0037 -0.0227 0.0042  107 CYS A N   
194 C  CA  . CYS A 26 ? 0.0740 0.0960 0.0866 -0.0047 -0.0325 0.0003  107 CYS A CA  
195 C  C   . CYS A 26 ? 0.0745 0.0875 0.0795 0.0000  -0.0161 0.0051  107 CYS A C   
196 O  O   . CYS A 26 ? 0.0836 0.1191 0.0998 0.0104  -0.0127 -0.0102 107 CYS A O   
197 C  CB  . CYS A 26 ? 0.0747 0.1078 0.0895 0.0015  -0.0265 0.0105  107 CYS A CB  
198 S  SG  . CYS A 26 ? 0.1167 0.1134 0.1243 -0.0221 -0.0073 -0.0043 107 CYS A SG  
199 N  N   . ILE A 27 ? 0.0592 0.0830 0.0895 0.0042  -0.0190 -0.0039 108 ILE A N   
200 C  CA  A ILE A 27 ? 0.0624 0.0811 0.1066 0.0149  -0.0219 0.0085  108 ILE A CA  
201 C  CA  B ILE A 27 ? 0.0601 0.0755 0.0962 0.0055  -0.0194 0.0008  108 ILE A CA  
202 C  C   . ILE A 27 ? 0.0633 0.0842 0.0894 0.0105  -0.0157 0.0012  108 ILE A C   
203 O  O   . ILE A 27 ? 0.0729 0.0807 0.1091 0.0114  -0.0042 0.0074  108 ILE A O   
204 C  CB  A ILE A 27 ? 0.0726 0.0945 0.1309 -0.0130 -0.0335 0.0138  108 ILE A CB  
205 C  CB  B ILE A 27 ? 0.0614 0.0808 0.1128 0.0018  -0.0184 -0.0085 108 ILE A CB  
206 C  CG1 A ILE A 27 ? 0.0930 0.0991 0.1709 -0.0099 -0.0161 0.0358  108 ILE A CG1 
207 C  CG1 B ILE A 27 ? 0.0496 0.0854 0.1197 -0.0069 -0.0009 -0.0056 108 ILE A CG1 
208 C  CG2 A ILE A 27 ? 0.0955 0.0974 0.1543 -0.0093 -0.0585 0.0288  108 ILE A CG2 
209 C  CG2 B ILE A 27 ? 0.0724 0.0747 0.1204 -0.0111 -0.0190 -0.0090 108 ILE A CG2 
210 C  CD1 A ILE A 27 ? 0.1151 0.1007 0.2243 -0.0037 -0.0033 0.0292  108 ILE A CD1 
211 C  CD1 B ILE A 27 ? 0.0508 0.0856 0.1324 -0.0043 -0.0049 -0.0117 108 ILE A CD1 
212 N  N   . TYR A 28 ? 0.0568 0.0999 0.0855 0.0166  -0.0126 0.0151  109 TYR A N   
213 C  CA  A TYR A 28 ? 0.0616 0.0974 0.0940 0.0051  -0.0103 0.0169  109 TYR A CA  
214 C  CA  B TYR A 28 ? 0.0602 0.0976 0.0870 0.0088  -0.0112 0.0154  109 TYR A CA  
215 C  C   . TYR A 28 ? 0.0570 0.0937 0.0913 0.0061  -0.0078 0.0147  109 TYR A C   
216 O  O   . TYR A 28 ? 0.0646 0.1037 0.0896 0.0114  -0.0025 0.0204  109 TYR A O   
217 C  CB  A TYR A 28 ? 0.0745 0.1034 0.1319 -0.0034 -0.0211 0.0100  109 TYR A CB  
218 C  CB  B TYR A 28 ? 0.0600 0.0993 0.0995 0.0076  -0.0087 0.0123  109 TYR A CB  
219 C  CG  A TYR A 28 ? 0.0710 0.1057 0.1309 -0.0014 -0.0256 0.0090  109 TYR A CG  
220 C  CG  B TYR A 28 ? 0.0757 0.0980 0.1198 0.0135  0.0029  0.0212  109 TYR A CG  
221 C  CD1 A TYR A 28 ? 0.0791 0.1170 0.1774 0.0091  -0.0134 0.0385  109 TYR A CD1 
222 C  CD1 B TYR A 28 ? 0.0693 0.1354 0.1381 0.0081  0.0142  0.0301  109 TYR A CD1 
223 C  CD2 A TYR A 28 ? 0.0878 0.0917 0.1391 0.0010  -0.0133 0.0049  109 TYR A CD2 
224 C  CD2 B TYR A 28 ? 0.0817 0.0889 0.1147 0.0008  -0.0125 0.0200  109 TYR A CD2 
225 C  CE1 A TYR A 28 ? 0.0886 0.1144 0.1513 -0.0083 0.0161  0.0243  109 TYR A CE1 
226 C  CE1 B TYR A 28 ? 0.1025 0.1375 0.1611 -0.0219 0.0217  0.0272  109 TYR A CE1 
227 C  CE2 A TYR A 28 ? 0.1051 0.1088 0.1354 -0.0144 -0.0210 0.0110  109 TYR A CE2 
228 C  CE2 B TYR A 28 ? 0.1056 0.1311 0.1326 -0.0190 -0.0066 0.0349  109 TYR A CE2 
229 C  CZ  A TYR A 28 ? 0.0954 0.1240 0.1518 -0.0063 -0.0223 0.0383  109 TYR A CZ  
230 C  CZ  B TYR A 28 ? 0.1265 0.1689 0.1213 -0.0061 0.0143  0.0614  109 TYR A CZ  
231 O  OH  A TYR A 28 ? 0.1230 0.1124 0.1715 -0.0199 -0.0069 0.0424  109 TYR A OH  
232 O  OH  B TYR A 28 ? 0.1739 0.1911 0.1532 -0.0448 -0.0051 0.0899  109 TYR A OH  
233 N  N   . PRO A 29 ? 0.0501 0.1105 0.0926 0.0095  -0.0025 0.0203  110 PRO A N   
234 C  CA  . PRO A 29 ? 0.0556 0.1075 0.0973 0.0087  -0.0118 0.0213  110 PRO A CA  
235 C  C   . PRO A 29 ? 0.0553 0.1073 0.0966 0.0085  -0.0142 0.0213  110 PRO A C   
236 O  O   . PRO A 29 ? 0.0660 0.0995 0.1197 -0.0019 -0.0084 0.0261  110 PRO A O   
237 C  CB  . PRO A 29 ? 0.0683 0.1473 0.1074 -0.0017 -0.0114 0.0337  110 PRO A CB  
238 C  CG  . PRO A 29 ? 0.0938 0.2011 0.1162 0.0133  -0.0029 0.0493  110 PRO A CG  
239 C  CD  . PRO A 29 ? 0.0633 0.1228 0.1108 0.0088  0.0072  0.0235  110 PRO A CD  
240 N  N   . ALA A 30 ? 0.0522 0.1024 0.1083 0.0055  -0.0108 0.0205  111 ALA A N   
241 C  CA  . ALA A 30 ? 0.0602 0.1062 0.1231 0.0073  0.0012  0.0182  111 ALA A CA  
242 C  C   . ALA A 30 ? 0.0678 0.1043 0.1316 0.0070  -0.0027 0.0259  111 ALA A C   
243 O  O   . ALA A 30 ? 0.0727 0.1167 0.1764 0.0165  -0.0301 0.0152  111 ALA A O   
244 C  CB  . ALA A 30 ? 0.0646 0.1249 0.1172 0.0019  0.0018  0.0024  111 ALA A CB  
245 N  N   . THR A 31 ? 0.0656 0.1222 0.1237 0.0240  0.0031  0.0286  112 THR A N   
246 C  CA  A THR A 31 ? 0.0662 0.1477 0.1147 0.0290  -0.0026 0.0318  112 THR A CA  
247 C  CA  B THR A 31 ? 0.0651 0.1518 0.1129 0.0282  0.0006  0.0348  112 THR A CA  
248 C  C   . THR A 31 ? 0.0625 0.1228 0.1144 0.0209  0.0018  0.0223  112 THR A C   
249 O  O   . THR A 31 ? 0.0718 0.1526 0.1416 -0.0028 0.0030  0.0141  112 THR A O   
250 C  CB  A THR A 31 ? 0.0986 0.1317 0.1404 0.0283  -0.0099 0.0235  112 THR A CB  
251 C  CB  B THR A 31 ? 0.0987 0.2106 0.0956 0.0288  0.0113  0.0610  112 THR A CB  
252 O  OG1 A THR A 31 ? 0.1720 0.1927 0.1534 0.0225  0.0167  0.0633  112 THR A OG1 
253 O  OG1 B THR A 31 ? 0.1637 0.1949 0.1973 0.0210  0.0209  0.0755  112 THR A OG1 
254 C  CG2 A THR A 31 ? 0.0952 0.1724 0.1858 0.0487  -0.0170 0.0793  112 THR A CG2 
255 C  CG2 B THR A 31 ? 0.1368 0.2134 0.1032 0.0450  0.0174  0.0468  112 THR A CG2 
256 N  N   . ILE A 32 ? 0.0628 0.1245 0.1037 0.0094  -0.0116 0.0224  113 ILE A N   
257 C  CA  . ILE A 32 ? 0.0687 0.1146 0.0930 0.0226  -0.0140 0.0149  113 ILE A CA  
258 C  C   . ILE A 32 ? 0.0554 0.1247 0.1265 0.0258  0.0024  0.0190  113 ILE A C   
259 O  O   . ILE A 32 ? 0.0773 0.1582 0.1568 0.0393  -0.0203 0.0206  113 ILE A O   
260 C  CB  . ILE A 32 ? 0.0638 0.1278 0.0950 0.0080  -0.0072 0.0090  113 ILE A CB  
261 C  CG1 . ILE A 32 ? 0.0758 0.1302 0.1007 0.0096  -0.0138 0.0127  113 ILE A CG1 
262 C  CG2 . ILE A 32 ? 0.1076 0.1400 0.1100 0.0010  0.0142  -0.0019 113 ILE A CG2 
263 C  CD1 . ILE A 32 ? 0.1065 0.1284 0.1001 -0.0045 -0.0294 -0.0007 113 ILE A CD1 
264 N  N   . ALA A 33 ? 0.0751 0.1099 0.1122 0.0210  0.0147  0.0265  114 ALA A N   
265 C  CA  . ALA A 33 ? 0.1069 0.1000 0.1452 0.0293  0.0242  0.0399  114 ALA A CA  
266 C  C   . ALA A 33 ? 0.1003 0.1028 0.1236 0.0400  0.0096  0.0207  114 ALA A C   
267 O  O   . ALA A 33 ? 0.1070 0.1255 0.1328 0.0486  0.0219  0.0459  114 ALA A O   
268 C  CB  . ALA A 33 ? 0.1286 0.0876 0.2052 0.0096  0.0510  0.0206  114 ALA A CB  
269 N  N   . SER A 34 ? 0.0623 0.1089 0.1246 0.0326  0.0096  0.0314  115 SER A N   
270 C  CA  . SER A 34 ? 0.0577 0.1110 0.1086 0.0302  0.0042  0.0227  115 SER A CA  
271 C  C   . SER A 34 ? 0.0537 0.1092 0.1041 0.0151  -0.0007 0.0106  115 SER A C   
272 O  O   . SER A 34 ? 0.0602 0.1163 0.1166 0.0232  0.0012  0.0206  115 SER A O   
273 C  CB  . SER A 34 ? 0.0773 0.1108 0.1343 0.0105  0.0045  0.0247  115 SER A CB  
274 O  OG  . SER A 34 ? 0.0898 0.1423 0.1645 0.0218  -0.0178 0.0132  115 SER A OG  
275 N  N   . ILE A 35 ? 0.0537 0.1054 0.1098 0.0251  0.0018  0.0249  116 ILE A N   
276 C  CA  . ILE A 35 ? 0.0643 0.1034 0.0903 0.0205  -0.0112 0.0221  116 ILE A CA  
277 C  C   . ILE A 35 ? 0.0556 0.1043 0.0958 0.0112  -0.0135 0.0275  116 ILE A C   
278 O  O   . ILE A 35 ? 0.0595 0.1302 0.1081 0.0217  -0.0074 0.0310  116 ILE A O   
279 C  CB  . ILE A 35 ? 0.0815 0.1141 0.0998 0.0112  -0.0031 0.0153  116 ILE A CB  
280 C  CG1 . ILE A 35 ? 0.0981 0.1270 0.0950 0.0033  -0.0041 0.0119  116 ILE A CG1 
281 C  CG2 . ILE A 35 ? 0.1106 0.1200 0.1136 0.0202  -0.0095 0.0178  116 ILE A CG2 
282 C  CD1 . ILE A 35 ? 0.1041 0.1494 0.1135 -0.0028 -0.0037 -0.0072 116 ILE A CD1 
283 N  N   . ASP A 36 ? 0.0605 0.1221 0.0926 0.0265  -0.0127 0.0263  117 ASP A N   
284 C  CA  . ASP A 36 ? 0.0930 0.1245 0.0836 0.0344  -0.0012 0.0226  117 ASP A CA  
285 C  C   . ASP A 36 ? 0.0729 0.1365 0.0782 0.0132  0.0009  0.0314  117 ASP A C   
286 O  O   . ASP A 36 ? 0.0819 0.1323 0.0983 0.0170  -0.0062 0.0295  117 ASP A O   
287 C  CB  . ASP A 36 ? 0.1303 0.1263 0.0939 0.0240  -0.0194 0.0202  117 ASP A CB  
288 C  CG  . ASP A 36 ? 0.1631 0.1631 0.1030 0.0382  -0.0053 0.0105  117 ASP A CG  
289 O  OD1 . ASP A 36 ? 0.1229 0.1898 0.1166 0.0350  0.0066  0.0120  117 ASP A OD1 
290 O  OD2 . ASP A 36 ? 0.2092 0.1749 0.1167 0.0435  0.0121  -0.0029 117 ASP A OD2 
291 N  N   . PHE A 37 ? 0.0779 0.1406 0.1138 0.0113  -0.0161 0.0307  118 PHE A N   
292 C  CA  . PHE A 37 ? 0.0983 0.1510 0.1133 0.0029  -0.0089 0.0228  118 PHE A CA  
293 C  C   . PHE A 37 ? 0.0915 0.1707 0.1361 0.0128  -0.0061 0.0416  118 PHE A C   
294 O  O   . PHE A 37 ? 0.1732 0.1615 0.1324 0.0099  0.0019  0.0420  118 PHE A O   
295 C  CB  . PHE A 37 ? 0.1283 0.1588 0.1452 0.0035  -0.0396 0.0231  118 PHE A CB  
296 C  CG  . PHE A 37 ? 0.1424 0.1409 0.1297 -0.0153 -0.0506 0.0131  118 PHE A CG  
297 C  CD1 . PHE A 37 ? 0.2005 0.1571 0.1443 -0.0116 -0.0425 -0.0028 118 PHE A CD1 
298 C  CD2 . PHE A 37 ? 0.1732 0.1545 0.1474 -0.0108 -0.0583 0.0108  118 PHE A CD2 
299 C  CE1 . PHE A 37 ? 0.2583 0.1614 0.1428 -0.0367 -0.0057 -0.0292 118 PHE A CE1 
300 C  CE2 . PHE A 37 ? 0.2003 0.1840 0.1503 -0.0282 -0.0619 0.0268  118 PHE A CE2 
301 C  CZ  . PHE A 37 ? 0.2316 0.1832 0.1229 -0.0765 -0.0388 0.0075  118 PHE A CZ  
302 N  N   . LYS A 38 ? 0.0781 0.1782 0.1292 0.0122  -0.0060 0.0433  119 LYS A N   
303 C  CA  A LYS A 38 ? 0.0765 0.2143 0.1303 0.0134  0.0090  0.0523  119 LYS A CA  
304 C  CA  B LYS A 38 ? 0.0726 0.1898 0.1219 0.0106  0.0160  0.0397  119 LYS A CA  
305 C  C   . LYS A 38 ? 0.0861 0.1759 0.0933 0.0113  0.0085  0.0439  119 LYS A C   
306 O  O   . LYS A 38 ? 0.1079 0.1745 0.1249 -0.0176 -0.0053 0.0599  119 LYS A O   
307 C  CB  A LYS A 38 ? 0.1007 0.2434 0.1848 0.0452  0.0288  0.0417  119 LYS A CB  
308 C  CB  B LYS A 38 ? 0.0869 0.1966 0.1138 0.0178  0.0218  0.0468  119 LYS A CB  
309 C  CG  A LYS A 38 ? 0.2232 0.3365 0.2024 -0.0003 -0.0052 0.0647  119 LYS A CG  
310 C  CG  B LYS A 38 ? 0.0667 0.2002 0.1448 0.0465  0.0477  0.0147  119 LYS A CG  
311 N  N   . ARG A 39 ? 0.0835 0.1372 0.0910 0.0179  0.0094  0.0282  120 ARG A N   
312 C  CA  A ARG A 39 ? 0.0875 0.1189 0.0689 0.0108  -0.0028 0.0168  120 ARG A CA  
313 C  CA  B ARG A 39 ? 0.0914 0.1241 0.0701 0.0239  -0.0046 0.0216  120 ARG A CA  
314 C  C   . ARG A 39 ? 0.0847 0.1105 0.0829 0.0070  -0.0020 0.0112  120 ARG A C   
315 O  O   . ARG A 39 ? 0.0903 0.1274 0.0805 0.0198  -0.0086 0.0150  120 ARG A O   
316 C  CB  A ARG A 39 ? 0.1096 0.1303 0.0782 0.0024  -0.0104 0.0172  120 ARG A CB  
317 C  CB  B ARG A 39 ? 0.1025 0.1399 0.0958 0.0168  -0.0185 0.0249  120 ARG A CB  
318 C  CG  A ARG A 39 ? 0.1290 0.1385 0.0983 -0.0057 0.0066  0.0058  120 ARG A CG  
319 C  CG  B ARG A 39 ? 0.1407 0.1511 0.1074 0.0152  -0.0060 0.0195  120 ARG A CG  
320 C  CD  A ARG A 39 ? 0.1634 0.1303 0.1474 -0.0105 0.0073  -0.0261 120 ARG A CD  
321 C  CD  B ARG A 39 ? 0.2061 0.1640 0.1652 -0.0190 -0.0145 -0.0061 120 ARG A CD  
322 N  NE  A ARG A 39 ? 0.2186 0.1261 0.1287 -0.0065 0.0227  -0.0138 120 ARG A NE  
323 N  NE  B ARG A 39 ? 0.2152 0.2069 0.1941 -0.0192 0.0048  0.0003  120 ARG A NE  
324 C  CZ  A ARG A 39 ? 0.2411 0.1548 0.1997 -0.0329 0.0461  -0.0493 120 ARG A CZ  
325 C  CZ  B ARG A 39 ? 0.2497 0.1602 0.2028 -0.0555 -0.0323 -0.0154 120 ARG A CZ  
326 N  NH1 A ARG A 39 ? 0.2832 0.2118 0.3058 -0.1018 0.0911  -0.1317 120 ARG A NH1 
327 N  NH1 B ARG A 39 ? 0.3052 0.2079 0.2412 -0.1126 -0.0476 0.0386  120 ARG A NH1 
328 N  NH2 A ARG A 39 ? 0.2806 0.2524 0.2326 -0.0093 0.0645  -0.0853 120 ARG A NH2 
329 N  NH2 B ARG A 39 ? 0.2283 0.2080 0.3158 -0.0498 0.0629  -0.0033 120 ARG A NH2 
330 N  N   . GLU A 40 ? 0.0651 0.1297 0.0773 0.0080  -0.0019 0.0155  121 GLU A N   
331 C  CA  . GLU A 40 ? 0.0801 0.1256 0.0774 0.0043  -0.0089 0.0046  121 GLU A CA  
332 C  C   . GLU A 40 ? 0.0733 0.1256 0.0847 0.0120  -0.0033 0.0136  121 GLU A C   
333 O  O   . GLU A 40 ? 0.0851 0.1271 0.1038 0.0221  0.0090  0.0170  121 GLU A O   
334 C  CB  . GLU A 40 ? 0.1045 0.1225 0.0848 -0.0012 -0.0058 0.0041  121 GLU A CB  
335 C  CG  . GLU A 40 ? 0.1219 0.1597 0.1037 -0.0222 -0.0010 -0.0078 121 GLU A CG  
336 C  CD  . GLU A 40 ? 0.1538 0.1614 0.1597 -0.0331 0.0023  -0.0368 121 GLU A CD  
337 O  OE1 . GLU A 40 ? 0.1798 0.1465 0.2934 -0.0149 0.0375  -0.0212 121 GLU A OE1 
338 O  OE2 . GLU A 40 ? 0.1711 0.1932 0.2169 -0.0585 0.0091  -0.0497 121 GLU A OE2 
339 N  N   . THR A 41 ? 0.0688 0.1271 0.0860 0.0103  0.0119  0.0114  122 THR A N   
340 C  CA  . THR A 41 ? 0.0675 0.1306 0.0908 0.0120  0.0025  0.0209  122 THR A CA  
341 C  C   . THR A 41 ? 0.0639 0.1090 0.1057 0.0213  0.0034  0.0153  122 THR A C   
342 O  O   . THR A 41 ? 0.0611 0.1338 0.1223 0.0154  0.0040  0.0329  122 THR A O   
343 C  CB  . THR A 41 ? 0.0942 0.1709 0.1017 -0.0069 0.0065  0.0084  122 THR A CB  
344 O  OG1 . THR A 41 ? 0.1312 0.1507 0.1272 0.0049  0.0234  -0.0047 122 THR A OG1 
345 C  CG2 . THR A 41 ? 0.1084 0.1872 0.0995 -0.0050 -0.0095 0.0068  122 THR A CG2 
346 N  N   . CYS A 42 ? 0.0579 0.1239 0.1150 0.0149  -0.0014 0.0275  123 CYS A N   
347 C  CA  . CYS A 42 ? 0.0501 0.1061 0.1084 0.0191  -0.0066 0.0191  123 CYS A CA  
348 C  C   . CYS A 42 ? 0.0594 0.1036 0.1033 0.0146  -0.0059 -0.0003 123 CYS A C   
349 O  O   . CYS A 42 ? 0.0718 0.1232 0.1305 0.0019  -0.0164 0.0111  123 CYS A O   
350 C  CB  . CYS A 42 ? 0.0738 0.1004 0.1254 0.0155  -0.0087 0.0121  123 CYS A CB  
351 S  SG  . CYS A 42 ? 0.0770 0.1255 0.1331 0.0124  0.0038  -0.0020 123 CYS A SG  
352 N  N   . VAL A 43 ? 0.0565 0.1081 0.1199 0.0098  0.0019  0.0116  124 VAL A N   
353 C  CA  . VAL A 43 ? 0.0622 0.1027 0.1210 0.0115  -0.0015 0.0134  124 VAL A CA  
354 C  C   . VAL A 43 ? 0.0652 0.0779 0.1248 0.0042  0.0023  0.0149  124 VAL A C   
355 O  O   . VAL A 43 ? 0.0676 0.1253 0.1244 0.0073  0.0012  0.0140  124 VAL A O   
356 C  CB  . VAL A 43 ? 0.0827 0.0994 0.1548 0.0008  0.0088  -0.0057 124 VAL A CB  
357 C  CG1 . VAL A 43 ? 0.0888 0.1114 0.2078 -0.0071 0.0200  -0.0101 124 VAL A CG1 
358 C  CG2 . VAL A 43 ? 0.1272 0.1418 0.1661 -0.0027 0.0187  -0.0140 124 VAL A CG2 
359 N  N   . VAL A 44 ? 0.0625 0.0986 0.1286 0.0096  -0.0005 0.0133  125 VAL A N   
360 C  CA  . VAL A 44 ? 0.0743 0.0916 0.1294 -0.0031 0.0103  0.0077  125 VAL A CA  
361 C  C   . VAL A 44 ? 0.0757 0.0902 0.1357 -0.0020 0.0123  0.0060  125 VAL A C   
362 O  O   . VAL A 44 ? 0.0955 0.1037 0.1530 -0.0193 0.0103  0.0044  125 VAL A O   
363 C  CB  . VAL A 44 ? 0.0970 0.0987 0.1279 0.0070  0.0190  0.0055  125 VAL A CB  
364 C  CG1 . VAL A 44 ? 0.1059 0.1085 0.1266 -0.0010 0.0048  0.0174  125 VAL A CG1 
365 C  CG2 . VAL A 44 ? 0.0915 0.1045 0.1900 0.0123  0.0203  -0.0076 125 VAL A CG2 
366 N  N   . VAL A 45 ? 0.0833 0.0980 0.1409 -0.0112 0.0055  0.0219  126 VAL A N   
367 C  CA  A VAL A 45 ? 0.0716 0.0931 0.1789 -0.0020 0.0108  0.0270  126 VAL A CA  
368 C  CA  C VAL A 45 ? 0.0854 0.0894 0.1685 -0.0073 0.0090  0.0208  126 VAL A CA  
369 C  C   . VAL A 45 ? 0.0728 0.0814 0.1658 -0.0096 0.0087  0.0293  126 VAL A C   
370 O  O   . VAL A 45 ? 0.0731 0.1052 0.1643 0.0001  -0.0011 0.0234  126 VAL A O   
371 C  CB  A VAL A 45 ? 0.0619 0.1319 0.1876 0.0103  0.0174  0.0442  126 VAL A CB  
372 C  CB  C VAL A 45 ? 0.1170 0.1014 0.1961 0.0080  -0.0044 0.0230  126 VAL A CB  
373 C  CG1 A VAL A 45 ? 0.0807 0.1054 0.2154 0.0201  0.0263  0.0413  126 VAL A CG1 
374 C  CG1 C VAL A 45 ? 0.1518 0.1036 0.1725 -0.0156 0.0056  0.0227  126 VAL A CG1 
375 C  CG2 A VAL A 45 ? 0.0715 0.1361 0.2397 0.0267  0.0455  0.0577  126 VAL A CG2 
376 C  CG2 C VAL A 45 ? 0.1208 0.0830 0.2127 0.0195  -0.0024 0.0186  126 VAL A CG2 
377 N  N   . TYR A 46 ? 0.0721 0.0826 0.1627 0.0035  0.0057  0.0117  127 TYR A N   
378 C  CA  . TYR A 46 ? 0.0725 0.0887 0.1587 0.0133  0.0124  0.0243  127 TYR A CA  
379 C  C   . TYR A 46 ? 0.0730 0.1067 0.1684 0.0091  -0.0049 0.0370  127 TYR A C   
380 O  O   . TYR A 46 ? 0.1037 0.0994 0.1956 0.0061  0.0075  0.0407  127 TYR A O   
381 C  CB  . TYR A 46 ? 0.0627 0.1055 0.1640 0.0055  0.0103  0.0245  127 TYR A CB  
382 C  CG  . TYR A 46 ? 0.0595 0.1046 0.1791 0.0003  -0.0122 0.0399  127 TYR A CG  
383 C  CD1 . TYR A 46 ? 0.0920 0.1139 0.2053 -0.0239 -0.0457 0.0387  127 TYR A CD1 
384 C  CD2 . TYR A 46 ? 0.0893 0.1635 0.1634 -0.0016 -0.0035 0.0421  127 TYR A CD2 
385 C  CE1 . TYR A 46 ? 0.1264 0.1254 0.2824 -0.0443 -0.0675 0.0965  127 TYR A CE1 
386 C  CE2 . TYR A 46 ? 0.0932 0.2234 0.2112 -0.0183 -0.0196 0.0953  127 TYR A CE2 
387 C  CZ  . TYR A 46 ? 0.1091 0.2097 0.2492 -0.0511 -0.0724 0.1267  127 TYR A CZ  
388 O  OH  . TYR A 46 ? 0.1771 0.2546 0.3338 -0.1006 -0.1130 0.1967  127 TYR A OH  
389 N  N   . THR A 47 ? 0.0806 0.1075 0.1420 -0.0137 -0.0193 0.0492  128 THR A N   
390 C  CA  . THR A 47 ? 0.1271 0.1526 0.1282 -0.0366 -0.0381 0.0507  128 THR A CA  
391 C  C   . THR A 47 ? 0.1145 0.1400 0.1314 -0.0284 -0.0348 0.0407  128 THR A C   
392 O  O   . THR A 47 ? 0.1006 0.1412 0.1314 -0.0150 -0.0160 0.0254  128 THR A O   
393 C  CB  . THR A 47 ? 0.2197 0.1687 0.1238 -0.0459 -0.0033 0.0305  128 THR A CB  
394 O  OG1 . THR A 47 ? 0.2553 0.1384 0.1389 -0.0126 -0.0207 0.0076  128 THR A OG1 
395 C  CG2 . THR A 47 ? 0.2951 0.2500 0.1427 -0.1611 -0.0351 0.0266  128 THR A CG2 
396 N  N   . GLY A 48 ? 0.1134 0.1734 0.1729 -0.0445 -0.0435 0.0792  129 GLY A N   
397 C  CA  . GLY A 48 ? 0.1255 0.1618 0.1746 -0.0515 -0.0429 0.0744  129 GLY A CA  
398 C  C   . GLY A 48 ? 0.0897 0.1499 0.1839 -0.0414 -0.0240 0.0631  129 GLY A C   
399 O  O   . GLY A 48 ? 0.1163 0.1550 0.2281 -0.0503 -0.0427 0.0857  129 GLY A O   
400 N  N   . TYR A 49 ? 0.0817 0.1239 0.1555 -0.0108 -0.0109 0.0406  130 TYR A N   
401 C  CA  . TYR A 49 ? 0.0788 0.1179 0.1620 -0.0145 -0.0065 0.0230  130 TYR A CA  
402 C  C   . TYR A 49 ? 0.0868 0.1081 0.1908 -0.0193 0.0071  0.0327  130 TYR A C   
403 O  O   . TYR A 49 ? 0.1182 0.1071 0.2471 -0.0168 0.0267  0.0212  130 TYR A O   
404 C  CB  . TYR A 49 ? 0.0726 0.1281 0.1406 -0.0183 0.0017  0.0227  130 TYR A CB  
405 C  CG  . TYR A 49 ? 0.0737 0.1264 0.1122 -0.0188 -0.0040 0.0112  130 TYR A CG  
406 C  CD1 . TYR A 49 ? 0.0766 0.1130 0.1402 -0.0141 -0.0069 0.0028  130 TYR A CD1 
407 C  CD2 . TYR A 49 ? 0.0663 0.1180 0.1385 -0.0217 -0.0084 0.0140  130 TYR A CD2 
408 C  CE1 . TYR A 49 ? 0.0639 0.1046 0.1447 -0.0295 -0.0055 0.0045  130 TYR A CE1 
409 C  CE2 . TYR A 49 ? 0.0772 0.1014 0.1521 -0.0129 -0.0155 0.0012  130 TYR A CE2 
410 C  CZ  . TYR A 49 ? 0.0696 0.0966 0.1401 -0.0084 -0.0131 0.0110  130 TYR A CZ  
411 O  OH  . TYR A 49 ? 0.0824 0.1120 0.1719 0.0017  -0.0133 -0.0144 130 TYR A OH  
412 N  N   . GLY A 50 ? 0.0804 0.1097 0.2218 -0.0074 0.0160  0.0507  131 GLY A N   
413 C  CA  . GLY A 50 ? 0.0763 0.1273 0.2479 0.0129  0.0165  0.0543  131 GLY A CA  
414 C  C   . GLY A 50 ? 0.1083 0.1044 0.2544 -0.0056 0.0244  0.0304  131 GLY A C   
415 O  O   . GLY A 50 ? 0.1220 0.1649 0.2787 0.0249  0.0421  0.0296  131 GLY A O   
416 N  N   . ASN A 51 ? 0.1071 0.1184 0.2585 0.0156  0.0331  0.0263  132 ASN A N   
417 C  CA  . ASN A 51 ? 0.1123 0.1129 0.2447 -0.0018 0.0239  0.0018  132 ASN A CA  
418 C  C   . ASN A 51 ? 0.1212 0.0906 0.1915 0.0128  0.0190  0.0096  132 ASN A C   
419 O  O   . ASN A 51 ? 0.1073 0.1194 0.1901 0.0101  0.0130  -0.0034 132 ASN A O   
420 C  CB  . ASN A 51 ? 0.1084 0.1479 0.2528 -0.0039 0.0266  0.0142  132 ASN A CB  
421 C  CG  . ASN A 51 ? 0.1193 0.1738 0.2008 0.0284  0.0286  0.0326  132 ASN A CG  
422 O  OD1 . ASN A 51 ? 0.1209 0.1531 0.1941 0.0219  0.0214  0.0340  132 ASN A OD1 
423 N  ND2 . ASN A 51 ? 0.1491 0.1806 0.1901 0.0220  0.0113  0.0308  132 ASN A ND2 
424 N  N   . ARG A 52 ? 0.1612 0.0951 0.2036 -0.0296 0.0415  -0.0165 133 ARG A N   
425 C  CA  . ARG A 52 ? 0.1739 0.1113 0.1950 -0.0476 0.0321  0.0001  133 ARG A CA  
426 C  C   . ARG A 52 ? 0.1285 0.1204 0.2175 -0.0330 0.0087  -0.0115 133 ARG A C   
427 O  O   . ARG A 52 ? 0.1623 0.1717 0.2400 -0.0627 -0.0034 -0.0217 133 ARG A O   
428 C  CB  . ARG A 52 ? 0.1419 0.2018 0.3206 -0.0284 0.0514  0.0432  133 ARG A CB  
429 C  CG  . ARG A 52 ? 0.2678 0.3047 0.3993 0.0330  0.0094  0.0403  133 ARG A CG  
430 C  CD  . ARG A 52 ? 0.1757 0.4046 0.5979 0.0683  0.0329  0.0422  133 ARG A CD  
431 N  N   . GLU A 53 ? 0.1057 0.1120 0.2023 -0.0187 0.0357  -0.0048 134 GLU A N   
432 C  CA  . GLU A 53 ? 0.1148 0.1242 0.2237 -0.0247 -0.0011 0.0022  134 GLU A CA  
433 C  C   . GLU A 53 ? 0.0799 0.1050 0.1538 -0.0035 -0.0064 -0.0126 134 GLU A C   
434 O  O   . GLU A 53 ? 0.0867 0.1510 0.1367 -0.0130 -0.0158 0.0032  134 GLU A O   
435 C  CB  . GLU A 53 ? 0.0659 0.2247 0.2867 -0.0236 0.0133  -0.0013 134 GLU A CB  
436 C  CG  . GLU A 53 ? 0.1931 0.2258 0.3380 0.0226  0.0199  0.0113  134 GLU A CG  
437 C  CD  . GLU A 53 ? 0.2382 0.4102 0.3760 0.1377  -0.0130 0.0770  134 GLU A CD  
438 O  OE1 . GLU A 53 ? 0.3924 0.7860 0.4309 0.2438  -0.0627 0.0737  134 GLU A OE1 
439 O  OE2 . GLU A 53 ? 0.3225 0.3936 0.2931 0.1966  0.1517  0.1904  134 GLU A OE2 
440 N  N   . GLU A 54 ? 0.1111 0.1371 0.1402 -0.0111 -0.0084 -0.0268 135 GLU A N   
441 C  CA  A GLU A 54 ? 0.1152 0.1372 0.1287 -0.0037 -0.0161 -0.0014 135 GLU A CA  
442 C  CA  B GLU A 54 ? 0.0955 0.1463 0.1239 -0.0013 -0.0139 -0.0036 135 GLU A CA  
443 C  C   . GLU A 54 ? 0.0856 0.1429 0.1222 0.0013  -0.0314 0.0175  135 GLU A C   
444 O  O   . GLU A 54 ? 0.0994 0.1767 0.2086 -0.0025 -0.0664 0.0233  135 GLU A O   
445 C  CB  A GLU A 54 ? 0.1815 0.2035 0.1329 -0.0075 0.0008  -0.0059 135 GLU A CB  
446 C  CB  B GLU A 54 ? 0.1372 0.2336 0.1297 -0.0046 0.0084  -0.0001 135 GLU A CB  
447 C  CG  A GLU A 54 ? 0.2744 0.2094 0.1777 0.0182  0.0030  -0.0136 135 GLU A CG  
448 C  CG  B GLU A 54 ? 0.1840 0.3014 0.1716 -0.0571 0.0182  0.0037  135 GLU A CG  
449 C  CD  A GLU A 54 ? 0.3546 0.3641 0.2128 0.0167  0.0595  -0.0259 135 GLU A CD  
450 C  CD  B GLU A 54 ? 0.2346 0.3952 0.1914 -0.0167 0.0294  -0.0134 135 GLU A CD  
451 O  OE1 A GLU A 54 ? 0.3732 0.4335 0.1406 -0.0478 -0.0240 -0.0473 135 GLU A OE1 
452 O  OE1 B GLU A 54 ? 0.2297 0.3590 0.2169 -0.0229 0.0343  -0.0634 135 GLU A OE1 
453 O  OE2 A GLU A 54 ? 0.5785 0.4554 0.3278 -0.0771 0.0622  -0.0874 135 GLU A OE2 
454 O  OE2 B GLU A 54 ? 0.4399 0.5096 0.1288 0.1176  0.0340  0.0620  135 GLU A OE2 
455 N  N   . GLN A 55 ? 0.0614 0.1253 0.1232 0.0057  -0.0113 0.0135  136 GLN A N   
456 C  CA  . GLN A 55 ? 0.0730 0.1255 0.1202 0.0142  -0.0121 0.0169  136 GLN A CA  
457 C  C   . GLN A 55 ? 0.0702 0.1232 0.0995 0.0167  -0.0156 0.0210  136 GLN A C   
458 O  O   . GLN A 55 ? 0.0670 0.1367 0.1580 0.0183  -0.0002 0.0441  136 GLN A O   
459 C  CB  . GLN A 55 ? 0.0694 0.1384 0.1293 0.0283  0.0098  0.0178  136 GLN A CB  
460 C  CG  . GLN A 55 ? 0.0906 0.1333 0.1328 0.0163  0.0104  0.0179  136 GLN A CG  
461 C  CD  . GLN A 55 ? 0.0847 0.1327 0.1183 0.0079  0.0069  0.0089  136 GLN A CD  
462 O  OE1 . GLN A 55 ? 0.1056 0.1573 0.1950 0.0387  0.0325  0.0453  136 GLN A OE1 
463 N  NE2 . GLN A 55 ? 0.0782 0.1488 0.1268 -0.0013 0.0061  -0.0129 136 GLN A NE2 
464 N  N   . ASN A 56 ? 0.0755 0.1160 0.0946 0.0149  -0.0080 0.0191  137 ASN A N   
465 C  CA  . ASN A 56 ? 0.0915 0.1227 0.0931 0.0062  -0.0001 0.0179  137 ASN A CA  
466 C  C   . ASN A 56 ? 0.0744 0.1191 0.0776 0.0110  0.0026  0.0241  137 ASN A C   
467 O  O   . ASN A 56 ? 0.0830 0.1323 0.0847 0.0065  0.0064  0.0218  137 ASN A O   
468 C  CB  . ASN A 56 ? 0.1141 0.1465 0.0961 0.0032  -0.0144 0.0334  137 ASN A CB  
469 C  CG  . ASN A 56 ? 0.1371 0.2035 0.1033 -0.0123 -0.0230 0.0328  137 ASN A CG  
470 O  OD1 . ASN A 56 ? 0.1794 0.3297 0.1078 -0.0178 -0.0106 -0.0236 137 ASN A OD1 
471 N  ND2 . ASN A 56 ? 0.1681 0.2044 0.1256 -0.0106 -0.0489 0.0562  137 ASN A ND2 
472 N  N   . LEU A 57 ? 0.0679 0.1247 0.0875 0.0147  0.0021  0.0111  138 LEU A N   
473 C  CA  . LEU A 57 ? 0.0878 0.1251 0.0874 0.0063  -0.0030 0.0143  138 LEU A CA  
474 C  C   . LEU A 57 ? 0.0972 0.1289 0.0939 -0.0054 0.0137  0.0039  138 LEU A C   
475 O  O   . LEU A 57 ? 0.1169 0.1445 0.0940 0.0027  0.0142  -0.0036 138 LEU A O   
476 C  CB  . LEU A 57 ? 0.0913 0.1264 0.0868 0.0021  -0.0143 0.0172  138 LEU A CB  
477 C  CG  . LEU A 57 ? 0.0833 0.1197 0.1033 -0.0073 -0.0199 0.0026  138 LEU A CG  
478 C  CD1 . LEU A 57 ? 0.0810 0.1299 0.1197 0.0148  -0.0113 0.0076  138 LEU A CD1 
479 C  CD2 . LEU A 57 ? 0.0800 0.1299 0.1147 0.0025  -0.0204 0.0093  138 LEU A CD2 
480 N  N   . SER A 58 ? 0.1067 0.1232 0.1023 0.0040  0.0307  0.0192  139 SER A N   
481 C  CA  A SER A 58 ? 0.1270 0.1168 0.1460 0.0011  0.0339  0.0195  139 SER A CA  
482 C  CA  B SER A 58 ? 0.1303 0.1172 0.1414 0.0045  0.0372  0.0210  139 SER A CA  
483 C  C   . SER A 58 ? 0.1279 0.1134 0.1455 0.0238  0.0374  0.0351  139 SER A C   
484 O  O   . SER A 58 ? 0.1752 0.1151 0.2248 0.0338  0.0759  0.0293  139 SER A O   
485 C  CB  A SER A 58 ? 0.1660 0.0977 0.1710 0.0171  0.0617  0.0391  139 SER A CB  
486 C  CB  B SER A 58 ? 0.1702 0.1030 0.1491 -0.0013 0.0470  0.0184  139 SER A CB  
487 O  OG  A SER A 58 ? 0.2145 0.1851 0.1512 0.0263  0.0192  0.0653  139 SER A OG  
488 O  OG  B SER A 58 ? 0.1784 0.0903 0.1569 -0.0020 0.0668  0.0077  139 SER A OG  
489 N  N   . ASP A 59 ? 0.1043 0.1169 0.1151 0.0355  0.0311  0.0301  140 ASP A N   
490 C  CA  . ASP A 59 ? 0.0970 0.1281 0.1128 0.0356  0.0141  0.0333  140 ASP A CA  
491 C  C   . ASP A 59 ? 0.0846 0.1264 0.0943 0.0133  0.0089  0.0141  140 ASP A C   
492 O  O   . ASP A 59 ? 0.0878 0.1656 0.0982 0.0138  0.0193  0.0179  140 ASP A O   
493 C  CB  . ASP A 59 ? 0.0947 0.2016 0.0949 0.0282  -0.0013 0.0134  140 ASP A CB  
494 C  CG  . ASP A 59 ? 0.1032 0.2296 0.1168 0.0422  -0.0153 0.0252  140 ASP A CG  
495 O  OD1 . ASP A 59 ? 0.2938 0.2278 0.1821 0.0528  -0.0132 0.0860  140 ASP A OD1 
496 O  OD2 . ASP A 59 ? 0.1535 0.2538 0.1026 0.0432  -0.0281 0.0259  140 ASP A OD2 
497 N  N   . LEU A 60 ? 0.0885 0.1162 0.0823 0.0034  0.0129  0.0046  141 LEU A N   
498 C  CA  . LEU A 60 ? 0.1072 0.0960 0.0798 -0.0019 0.0030  0.0048  141 LEU A CA  
499 C  C   . LEU A 60 ? 0.1068 0.0995 0.0857 -0.0035 0.0042  0.0057  141 LEU A C   
500 O  O   . LEU A 60 ? 0.1321 0.1074 0.1276 -0.0131 0.0378  -0.0011 141 LEU A O   
501 C  CB  . LEU A 60 ? 0.1038 0.1085 0.0726 0.0007  0.0001  0.0106  141 LEU A CB  
502 C  CG  . LEU A 60 ? 0.1092 0.1055 0.0711 0.0067  0.0017  0.0103  141 LEU A CG  
503 C  CD1 . LEU A 60 ? 0.1104 0.1322 0.1043 0.0169  -0.0057 -0.0087 141 LEU A CD1 
504 C  CD2 . LEU A 60 ? 0.1168 0.1089 0.0979 0.0077  0.0034  0.0036  141 LEU A CD2 
505 N  N   . LEU A 61 ? 0.1112 0.0997 0.0758 0.0057  0.0098  0.0088  142 LEU A N   
506 C  CA  . LEU A 61 ? 0.0942 0.1069 0.0891 0.0084  0.0062  -0.0029 142 LEU A CA  
507 C  C   . LEU A 61 ? 0.0645 0.1106 0.0831 0.0025  0.0117  -0.0048 142 LEU A C   
508 O  O   . LEU A 61 ? 0.0692 0.1158 0.0881 0.0053  0.0016  -0.0051 142 LEU A O   
509 C  CB  . LEU A 61 ? 0.0978 0.1353 0.1096 0.0104  -0.0021 -0.0089 142 LEU A CB  
510 C  CG  . LEU A 61 ? 0.1197 0.2056 0.1564 0.0231  -0.0367 -0.0006 142 LEU A CG  
511 C  CD1 . LEU A 61 ? 0.1363 0.3024 0.2057 -0.0086 -0.0284 0.0262  142 LEU A CD1 
512 C  CD2 . LEU A 61 ? 0.1288 0.2752 0.2309 0.0311  0.0048  0.0940  142 LEU A CD2 
513 N  N   . SER A 62 ? 0.1062 0.1067 0.0933 -0.0148 -0.0039 -0.0063 143 SER A N   
514 C  CA  . SER A 62 ? 0.0825 0.1423 0.0936 -0.0141 -0.0046 -0.0069 143 SER A CA  
515 C  C   . SER A 62 ? 0.0637 0.1290 0.0807 -0.0075 -0.0051 -0.0160 143 SER A C   
516 O  O   . SER A 62 ? 0.0690 0.1256 0.0834 -0.0081 -0.0093 -0.0182 143 SER A O   
517 C  CB  . SER A 62 ? 0.1215 0.1407 0.0988 -0.0320 0.0133  -0.0231 143 SER A CB  
518 O  OG  . SER A 62 ? 0.1842 0.1294 0.1555 -0.0394 0.0074  -0.0089 143 SER A OG  
519 N  N   . PRO A 63 ? 0.0630 0.1352 0.0865 -0.0016 -0.0026 -0.0121 144 PRO A N   
520 C  CA  . PRO A 63 ? 0.0761 0.1298 0.0956 0.0052  0.0048  -0.0032 144 PRO A CA  
521 C  C   . PRO A 63 ? 0.0825 0.1111 0.0672 -0.0024 0.0017  -0.0035 144 PRO A C   
522 O  O   . PRO A 63 ? 0.0738 0.1156 0.0838 -0.0067 -0.0019 -0.0098 144 PRO A O   
523 C  CB  . PRO A 63 ? 0.0875 0.1854 0.1217 0.0386  0.0116  0.0093  144 PRO A CB  
524 C  CG  . PRO A 63 ? 0.1639 0.2617 0.1556 -0.0183 -0.0540 0.0271  144 PRO A CG  
525 C  CD  . PRO A 63 ? 0.0731 0.1789 0.1180 -0.0014 -0.0224 -0.0107 144 PRO A CD  
526 N  N   . ILE A 64 ? 0.0874 0.1065 0.0722 -0.0020 0.0055  -0.0107 145 ILE A N   
527 C  CA  . ILE A 64 ? 0.0778 0.1072 0.0828 0.0004  0.0118  0.0014  145 ILE A CA  
528 C  C   . ILE A 64 ? 0.0785 0.1100 0.0830 0.0159  0.0082  -0.0033 145 ILE A C   
529 O  O   . ILE A 64 ? 0.1148 0.1278 0.0971 0.0344  0.0025  0.0024  145 ILE A O   
530 C  CB  . ILE A 64 ? 0.0947 0.1284 0.1098 -0.0048 -0.0024 -0.0200 145 ILE A CB  
531 C  CG1 . ILE A 64 ? 0.0847 0.1679 0.1089 0.0170  -0.0115 -0.0324 145 ILE A CG1 
532 C  CG2 . ILE A 64 ? 0.0953 0.1353 0.1148 -0.0125 -0.0029 -0.0014 145 ILE A CG2 
533 C  CD1 . ILE A 64 ? 0.1228 0.1530 0.1561 0.0236  -0.0328 -0.0220 145 ILE A CD1 
534 N  N   . CYS A 65 ? 0.0774 0.1037 0.0800 0.0121  -0.0003 0.0032  146 CYS A N   
535 C  CA  . CYS A 65 ? 0.0894 0.1090 0.0777 0.0066  -0.0006 0.0032  146 CYS A CA  
536 C  C   . CYS A 65 ? 0.1219 0.1174 0.0922 0.0164  0.0014  0.0101  146 CYS A C   
537 O  O   . CYS A 65 ? 0.1388 0.1574 0.1181 -0.0181 0.0066  0.0311  146 CYS A O   
538 C  CB  . CYS A 65 ? 0.1076 0.1128 0.0896 0.0149  0.0207  0.0037  146 CYS A CB  
539 S  SG  . CYS A 65 ? 0.1115 0.1127 0.0880 0.0160  -0.0029 0.0012  146 CYS A SG  
540 N  N   . GLU A 66 ? 0.1466 0.1216 0.1113 0.0370  0.0008  0.0153  147 GLU A N   
541 C  CA  . GLU A 66 ? 0.2458 0.1142 0.1434 0.0438  0.0027  0.0187  147 GLU A CA  
542 C  C   . GLU A 66 ? 0.2679 0.1276 0.1640 0.0566  -0.0171 0.0315  147 GLU A C   
543 O  O   . GLU A 66 ? 0.3488 0.1656 0.1448 0.0693  0.0208  0.0375  147 GLU A O   
544 C  CB  . GLU A 66 ? 0.3054 0.1409 0.1623 0.0666  -0.0086 0.0136  147 GLU A CB  
545 C  CG  . GLU A 66 ? 0.3282 0.2518 0.2034 0.0464  0.0570  -0.0234 147 GLU A CG  
546 C  CD  . GLU A 66 ? 0.3947 0.2182 0.2120 0.1000  0.0241  0.0038  147 GLU A CD  
547 O  OE1 . GLU A 66 ? 0.4480 0.2152 0.2285 0.0966  0.0745  0.0129  147 GLU A OE1 
548 O  OE2 . GLU A 66 ? 0.5438 0.2931 0.2353 0.1346  0.0271  0.0483  147 GLU A OE2 
549 O  OXT . GLU A 66 ? 0.2926 0.1767 0.1544 0.0260  -0.0580 0.0348  147 GLU A OXT 
550 C  CAJ . 8AI B .  ? 0.1374 0.1086 0.1410 -0.0247 -0.0204 0.0125  201 8AI A CAJ 
551 C  CAK . 8AI B .  ? 0.1358 0.1099 0.1485 -0.0248 -0.0083 0.0113  201 8AI A CAK 
552 C  CAL . 8AI B .  ? 0.0987 0.1127 0.1499 -0.0316 -0.0099 0.0159  201 8AI A CAL 
553 C  CAH . 8AI B .  ? 0.0927 0.0931 0.1071 -0.0098 -0.0092 0.0175  201 8AI A CAH 
554 C  CAI . 8AI B .  ? 0.0980 0.0995 0.1075 -0.0093 -0.0031 0.0086  201 8AI A CAI 
555 C  CAM . 8AI B .  ? 0.0939 0.1064 0.1153 0.0051  0.0027  0.0149  201 8AI A CAM 
556 N  NAN . 8AI B .  ? 0.1281 0.1291 0.1542 0.0294  0.0187  0.0072  201 8AI A NAN 
557 C  CAO . 8AI B .  ? 0.0759 0.1174 0.1129 0.0027  -0.0009 0.0159  201 8AI A CAO 
558 C  CAS . 8AI B .  ? 0.0710 0.1401 0.1677 -0.0046 0.0024  0.0294  201 8AI A CAS 
559 C  CAR . 8AI B .  ? 0.0814 0.1470 0.1407 -0.0006 -0.0163 -0.0038 201 8AI A CAR 
560 C  CAQ . 8AI B .  ? 0.0700 0.1280 0.1149 -0.0163 -0.0126 0.0127  201 8AI A CAQ 
561 C  CAP . 8AI B .  ? 0.0688 0.1070 0.1028 -0.0039 0.0018  0.0257  201 8AI A CAP 
562 N  NAG . 8AI B .  ? 0.0698 0.0926 0.0949 -0.0012 -0.0044 0.0144  201 8AI A NAG 
563 C  CAF . 8AI B .  ? 0.0868 0.0795 0.1149 -0.0038 -0.0001 0.0092  201 8AI A CAF 
564 C  CAE . 8AI B .  ? 0.0960 0.0793 0.1342 -0.0020 0.0158  -0.0008 201 8AI A CAE 
565 C  CAD . 8AI B .  ? 0.1324 0.1009 0.1250 0.0014  0.0301  0.0222  201 8AI A CAD 
566 C  CAC . 8AI B .  ? 0.1729 0.1106 0.1353 0.0006  0.0288  0.0106  201 8AI A CAC 
567 C  CAB . 8AI B .  ? 0.1355 0.1127 0.1569 -0.0262 0.0480  0.0111  201 8AI A CAB 
568 F  FAA . 8AI B .  ? 0.2104 0.1368 0.1806 -0.0368 0.0878  -0.0179 201 8AI A FAA 
569 C  CAU . 8AI B .  ? 0.0963 0.0990 0.1859 -0.0130 0.0380  -0.0245 201 8AI A CAU 
570 C  CAT . 8AI B .  ? 0.0897 0.1093 0.1723 -0.0114 0.0148  -0.0156 201 8AI A CAT 
571 MG MG  . MG  C .  ? 0.1516 0.2221 0.1327 -0.0429 -0.0180 0.0311  202 MG  A MG  
572 MG MG  . MG  D .  ? 0.2104 0.3112 0.1603 0.1031  0.0366  0.0358  203 MG  A MG  
573 X  UNK . UNX E .  ? 0.6543 0.2365 0.2355 0.0950  -0.2583 -0.0421 204 UNX A UNK 
574 X  UNK . UNX F .  ? 0.3300 0.2020 0.3411 0.0009  0.0311  0.0679  205 UNX A UNK 
575 X  UNK . UNX G .  ? 0.0925 0.3431 0.1796 0.0838  -0.0253 -0.0329 206 UNX A UNK 
576 X  UNK . UNX H .  ? 0.3006 0.2246 0.2648 -0.0138 -0.0200 0.0053  207 UNX A UNK 
577 X  UNK . UNX I .  ? 0.4046 0.6140 0.5622 -0.0363 -0.0238 -0.3344 208 UNX A UNK 
578 X  UNK B UNX J .  ? 0.2302 0.2324 0.1928 -0.0566 0.0257  0.1318  209 UNX A UNK 
579 X  UNK . UNX K .  ? 0.4477 0.6560 0.2436 0.3976  0.0330  0.0555  210 UNX A UNK 
580 X  UNK . UNX L .  ? 0.1507 0.3000 0.3357 0.0411  0.0994  0.0855  211 UNX A UNK 
581 X  UNK . UNX M .  ? 0.2820 0.2929 0.3179 -0.1100 0.0833  -0.1196 212 UNX A UNK 
582 X  UNK . UNX N .  ? 0.1335 0.3649 0.4030 0.0091  -0.0359 -0.0337 213 UNX A UNK 
583 X  UNK . UNX O .  ? 0.3035 0.4264 0.2479 -0.1049 -0.0502 -0.1272 214 UNX A UNK 
584 X  UNK . UNX P .  ? 0.3639 0.3558 0.4596 -0.0442 -0.2250 -0.0950 215 UNX A UNK 
585 X  UNK . UNX Q .  ? 0.2241 0.3516 0.6625 -0.0376 -0.1580 0.2122  216 UNX A UNK 
586 O  O   . HOH R .  ? 0.4289 0.3258 0.4120 0.2006  -0.1103 -0.0636 301 HOH A O   
587 O  O   . HOH R .  ? 0.2774 0.3253 0.3172 0.0238  -0.1387 -0.0350 302 HOH A O   
588 O  O   . HOH R .  ? 0.1651 0.1983 0.1628 -0.0273 0.0048  0.0315  303 HOH A O   
589 O  O   . HOH R .  ? 0.3083 0.3132 0.1767 0.1268  0.0378  0.0641  304 HOH A O   
590 O  O   . HOH R .  ? 0.3362 0.1952 0.1631 0.0934  0.0586  0.0019  305 HOH A O   
591 O  O   . HOH R .  ? 0.5305 0.4644 0.2934 -0.2898 0.0136  -0.0292 306 HOH A O   
592 O  O   . HOH R .  ? 0.2143 0.1887 0.1991 0.0186  0.0612  0.0053  307 HOH A O   
593 O  O   . HOH R .  ? 0.0884 0.1739 0.1727 0.0184  -0.0264 0.0336  308 HOH A O   
594 O  O   . HOH R .  ? 0.3156 0.5744 0.1636 -0.0301 0.0137  -0.0047 309 HOH A O   
595 O  O   . HOH R .  ? 0.1680 0.2698 0.3138 0.0508  0.0057  0.1522  310 HOH A O   
596 O  O   . HOH R .  ? 0.1413 0.2105 0.1179 -0.0267 -0.0114 0.0387  311 HOH A O   
597 O  O   . HOH R .  ? 0.1808 0.1983 0.2118 -0.0005 0.0150  0.0084  312 HOH A O   
598 O  O   . HOH R .  ? 0.1636 0.1243 0.1318 0.0034  0.0292  -0.0174 313 HOH A O   
599 O  O   . HOH R .  ? 0.5739 0.2710 0.2853 0.1408  0.1570  0.0774  314 HOH A O   
600 O  O   . HOH R .  ? 0.2086 0.2062 0.2062 -0.0662 0.1011  -0.0182 315 HOH A O   
601 O  O   . HOH R .  ? 0.2727 0.2976 0.2185 -0.0757 0.0308  0.0277  316 HOH A O   
602 O  O   . HOH R .  ? 0.2347 0.4990 0.2519 0.1168  -0.0621 -0.0187 317 HOH A O   
603 O  O   . HOH R .  ? 0.1371 0.1559 0.1207 0.0363  0.0236  0.0296  318 HOH A O   
604 O  O   . HOH R .  ? 0.1640 0.3340 0.1854 -0.0093 -0.0705 0.0192  319 HOH A O   
605 O  O   . HOH R .  ? 0.2162 0.3871 0.2127 0.0035  0.0087  -0.0179 320 HOH A O   
606 O  O   . HOH R .  ? 0.3181 0.2845 0.5417 0.0327  -0.1589 -0.0818 321 HOH A O   
607 O  O   . HOH R .  ? 0.1896 0.2161 0.2093 -0.0328 -0.0215 0.0057  322 HOH A O   
608 O  O   . HOH R .  ? 0.2500 0.3435 0.2370 0.1242  0.0596  0.0317  323 HOH A O   
609 O  O   A HOH R .  ? 0.5858 0.3242 0.5018 -0.1537 -0.0293 0.1235  324 HOH A O   
610 O  O   . HOH R .  ? 0.2179 0.7391 0.2437 0.0885  -0.0722 -0.1859 325 HOH A O   
611 O  O   . HOH R .  ? 0.2437 0.1656 0.3489 0.0574  -0.0795 -0.0239 326 HOH A O   
612 O  O   . HOH R .  ? 0.2710 0.2982 0.2283 0.1104  0.0459  0.0487  327 HOH A O   
613 O  O   A HOH R .  ? 0.2068 0.2901 0.4309 -0.1331 -0.1105 0.0170  328 HOH A O   
614 O  O   . HOH R .  ? 0.4549 0.1903 0.4054 -0.0450 -0.1371 0.1076  329 HOH A O   
615 O  O   . HOH R .  ? 0.2810 0.2205 0.2358 -0.0106 -0.0137 0.0263  330 HOH A O   
616 O  O   . HOH R .  ? 0.1664 0.3714 0.2257 0.0066  -0.0203 0.0291  331 HOH A O   
617 O  O   . HOH R .  ? 0.3335 0.3348 0.1637 0.1125  0.0444  -0.0225 332 HOH A O   
618 O  O   . HOH R .  ? 0.3096 0.3285 0.1724 -0.1270 -0.0401 0.0171  333 HOH A O   
619 O  O   . HOH R .  ? 0.4157 0.4373 0.1844 0.2779  0.0667  0.0776  334 HOH A O   
620 O  O   . HOH R .  ? 0.2505 0.3859 0.1561 0.0226  -0.0054 0.0793  335 HOH A O   
621 O  O   . HOH R .  ? 0.3605 0.3878 0.1978 0.1206  0.0794  -0.0005 336 HOH A O   
622 O  O   . HOH R .  ? 0.2740 0.3288 0.1472 -0.1653 -0.0102 0.0056  337 HOH A O   
623 O  O   . HOH R .  ? 0.2190 0.4921 0.2798 0.1356  0.0569  0.0333  338 HOH A O   
# 
